data_1YN4
# 
_entry.id   1YN4 
# 
_audit_conform.dict_name       mmcif_pdbx.dic 
_audit_conform.dict_version    5.387 
_audit_conform.dict_location   http://mmcif.pdb.org/dictionaries/ascii/mmcif_pdbx.dic 
# 
loop_
_database_2.database_id 
_database_2.database_code 
_database_2.pdbx_database_accession 
_database_2.pdbx_DOI 
PDB   1YN4         pdb_00001yn4 10.2210/pdb1yn4/pdb 
RCSB  RCSB031705   ?            ?                   
WWPDB D_1000031705 ?            ?                   
# 
loop_
_pdbx_audit_revision_history.ordinal 
_pdbx_audit_revision_history.data_content_type 
_pdbx_audit_revision_history.major_revision 
_pdbx_audit_revision_history.minor_revision 
_pdbx_audit_revision_history.revision_date 
1 'Structure model' 1 0 2005-03-01 
2 'Structure model' 1 1 2008-04-30 
3 'Structure model' 1 2 2011-07-13 
4 'Structure model' 1 3 2024-02-14 
# 
_pdbx_audit_revision_details.ordinal             1 
_pdbx_audit_revision_details.revision_ordinal    1 
_pdbx_audit_revision_details.data_content_type   'Structure model' 
_pdbx_audit_revision_details.provider            repository 
_pdbx_audit_revision_details.type                'Initial release' 
_pdbx_audit_revision_details.description         ? 
_pdbx_audit_revision_details.details             ? 
# 
loop_
_pdbx_audit_revision_group.ordinal 
_pdbx_audit_revision_group.revision_ordinal 
_pdbx_audit_revision_group.data_content_type 
_pdbx_audit_revision_group.group 
1 2 'Structure model' 'Version format compliance' 
2 3 'Structure model' 'Version format compliance' 
3 4 'Structure model' 'Data collection'           
4 4 'Structure model' 'Database references'       
5 4 'Structure model' 'Derived calculations'      
# 
loop_
_pdbx_audit_revision_category.ordinal 
_pdbx_audit_revision_category.revision_ordinal 
_pdbx_audit_revision_category.data_content_type 
_pdbx_audit_revision_category.category 
1 4 'Structure model' chem_comp_atom         
2 4 'Structure model' chem_comp_bond         
3 4 'Structure model' database_2             
4 4 'Structure model' pdbx_struct_conn_angle 
5 4 'Structure model' struct_conn            
6 4 'Structure model' struct_sheet           
7 4 'Structure model' struct_site            
# 
loop_
_pdbx_audit_revision_item.ordinal 
_pdbx_audit_revision_item.revision_ordinal 
_pdbx_audit_revision_item.data_content_type 
_pdbx_audit_revision_item.item 
1  4 'Structure model' '_database_2.pdbx_DOI'                        
2  4 'Structure model' '_database_2.pdbx_database_accession'         
3  4 'Structure model' '_pdbx_struct_conn_angle.ptnr1_auth_comp_id'  
4  4 'Structure model' '_pdbx_struct_conn_angle.ptnr1_auth_seq_id'   
5  4 'Structure model' '_pdbx_struct_conn_angle.ptnr1_label_asym_id' 
6  4 'Structure model' '_pdbx_struct_conn_angle.ptnr1_label_atom_id' 
7  4 'Structure model' '_pdbx_struct_conn_angle.ptnr1_label_comp_id' 
8  4 'Structure model' '_pdbx_struct_conn_angle.ptnr1_label_seq_id'  
9  4 'Structure model' '_pdbx_struct_conn_angle.ptnr1_symmetry'      
10 4 'Structure model' '_pdbx_struct_conn_angle.ptnr3_auth_comp_id'  
11 4 'Structure model' '_pdbx_struct_conn_angle.ptnr3_auth_seq_id'   
12 4 'Structure model' '_pdbx_struct_conn_angle.ptnr3_label_asym_id' 
13 4 'Structure model' '_pdbx_struct_conn_angle.ptnr3_label_atom_id' 
14 4 'Structure model' '_pdbx_struct_conn_angle.ptnr3_label_comp_id' 
15 4 'Structure model' '_pdbx_struct_conn_angle.ptnr3_label_seq_id'  
16 4 'Structure model' '_pdbx_struct_conn_angle.ptnr3_symmetry'      
17 4 'Structure model' '_pdbx_struct_conn_angle.value'               
18 4 'Structure model' '_struct_conn.pdbx_dist_value'                
19 4 'Structure model' '_struct_conn.ptnr1_auth_comp_id'             
20 4 'Structure model' '_struct_conn.ptnr1_auth_seq_id'              
21 4 'Structure model' '_struct_conn.ptnr1_label_asym_id'            
22 4 'Structure model' '_struct_conn.ptnr1_label_atom_id'            
23 4 'Structure model' '_struct_conn.ptnr1_label_comp_id'            
24 4 'Structure model' '_struct_conn.ptnr1_label_seq_id'             
25 4 'Structure model' '_struct_conn.ptnr1_symmetry'                 
26 4 'Structure model' '_struct_conn.ptnr2_auth_comp_id'             
27 4 'Structure model' '_struct_conn.ptnr2_auth_seq_id'              
28 4 'Structure model' '_struct_conn.ptnr2_label_asym_id'            
29 4 'Structure model' '_struct_conn.ptnr2_label_atom_id'            
30 4 'Structure model' '_struct_conn.ptnr2_label_comp_id'            
31 4 'Structure model' '_struct_conn.ptnr2_label_seq_id'             
32 4 'Structure model' '_struct_conn.ptnr2_symmetry'                 
33 4 'Structure model' '_struct_sheet.number_strands'                
34 4 'Structure model' '_struct_site.pdbx_auth_asym_id'              
35 4 'Structure model' '_struct_site.pdbx_auth_comp_id'              
36 4 'Structure model' '_struct_site.pdbx_auth_seq_id'               
# 
_pdbx_database_status.status_code                     REL 
_pdbx_database_status.entry_id                        1YN4 
_pdbx_database_status.recvd_initial_deposition_date   2005-01-23 
_pdbx_database_status.deposit_site                    RCSB 
_pdbx_database_status.process_site                    RCSB 
_pdbx_database_status.status_code_sf                  REL 
_pdbx_database_status.status_code_mr                  ? 
_pdbx_database_status.SG_entry                        ? 
_pdbx_database_status.pdb_format_compatible           Y 
_pdbx_database_status.status_code_cs                  ? 
_pdbx_database_status.status_code_nmr_data            ? 
_pdbx_database_status.methods_development_category    ? 
# 
loop_
_audit_author.name 
_audit_author.pdbx_ordinal 
'Geisbrecht, B.V.' 1 
'Hamaoka, B.Y.'    2 
'Perman, B.'       3 
'Zemla, A.'        4 
'Leahy, D.J.'      5 
# 
_citation.id                        primary 
_citation.title                     
'The Crystal Structures of EAP Domains from Staphylococcus aureus Reveal an Unexpected Homology to Bacterial Superantigens.' 
_citation.journal_abbrev            J.Biol.Chem. 
_citation.journal_volume            280 
_citation.page_first                17243 
_citation.page_last                 17250 
_citation.year                      2005 
_citation.journal_id_ASTM           JBCHA3 
_citation.country                   US 
_citation.journal_id_ISSN           0021-9258 
_citation.journal_id_CSD            0071 
_citation.book_publisher            ? 
_citation.pdbx_database_id_PubMed   15691839 
_citation.pdbx_database_id_DOI      10.1074/jbc.M412311200 
# 
loop_
_citation_author.citation_id 
_citation_author.name 
_citation_author.ordinal 
_citation_author.identifier_ORCID 
primary 'Geisbrecht, B.V.' 1 ? 
primary 'Hamaoka, B.Y.'    2 ? 
primary 'Perman, B.'       3 ? 
primary 'Zemla, A.'        4 ? 
primary 'Leahy, D.J.'      5 ? 
# 
loop_
_entity.id 
_entity.type 
_entity.src_method 
_entity.pdbx_description 
_entity.formula_weight 
_entity.pdbx_number_of_molecules 
_entity.pdbx_ec 
_entity.pdbx_mutation 
_entity.pdbx_fragment 
_entity.details 
1 polymer     man EapH1      11107.616 1  ? 'K70A, K71A, Q75A, Q100A, K120A, K125A, K141A' 'residues 43-141' ? 
2 non-polymer syn 'ZINC ION' 65.409    2  ? ?                                              ?                 ? 
3 water       nat water      18.015    95 ? ?                                              ?                 ? 
# 
_entity_poly.entity_id                      1 
_entity_poly.type                           'polypeptide(L)' 
_entity_poly.nstd_linkage                   no 
_entity_poly.nstd_monomer                   no 
_entity_poly.pdbx_seq_one_letter_code       
;GKHTVPYTISVDGITALHRTYFVFPENKKVLYQEIDSKVKNELASQRGVTTEKINNAQTATYTLTLNDGNKKVVNLKKND
DAKNSIDPSTIKQIQIVVK
;
_entity_poly.pdbx_seq_one_letter_code_can   
;GKHTVPYTISVDGITALHRTYFVFPENKKVLYQEIDSKVKNELASQRGVTTEKINNAQTATYTLTLNDGNKKVVNLKKND
DAKNSIDPSTIKQIQIVVK
;
_entity_poly.pdbx_strand_id                 A 
_entity_poly.pdbx_target_identifier         ? 
# 
loop_
_pdbx_entity_nonpoly.entity_id 
_pdbx_entity_nonpoly.name 
_pdbx_entity_nonpoly.comp_id 
2 'ZINC ION' ZN  
3 water      HOH 
# 
loop_
_entity_poly_seq.entity_id 
_entity_poly_seq.num 
_entity_poly_seq.mon_id 
_entity_poly_seq.hetero 
1 1  GLY n 
1 2  LYS n 
1 3  HIS n 
1 4  THR n 
1 5  VAL n 
1 6  PRO n 
1 7  TYR n 
1 8  THR n 
1 9  ILE n 
1 10 SER n 
1 11 VAL n 
1 12 ASP n 
1 13 GLY n 
1 14 ILE n 
1 15 THR n 
1 16 ALA n 
1 17 LEU n 
1 18 HIS n 
1 19 ARG n 
1 20 THR n 
1 21 TYR n 
1 22 PHE n 
1 23 VAL n 
1 24 PHE n 
1 25 PRO n 
1 26 GLU n 
1 27 ASN n 
1 28 LYS n 
1 29 LYS n 
1 30 VAL n 
1 31 LEU n 
1 32 TYR n 
1 33 GLN n 
1 34 GLU n 
1 35 ILE n 
1 36 ASP n 
1 37 SER n 
1 38 LYS n 
1 39 VAL n 
1 40 LYS n 
1 41 ASN n 
1 42 GLU n 
1 43 LEU n 
1 44 ALA n 
1 45 SER n 
1 46 GLN n 
1 47 ARG n 
1 48 GLY n 
1 49 VAL n 
1 50 THR n 
1 51 THR n 
1 52 GLU n 
1 53 LYS n 
1 54 ILE n 
1 55 ASN n 
1 56 ASN n 
1 57 ALA n 
1 58 GLN n 
1 59 THR n 
1 60 ALA n 
1 61 THR n 
1 62 TYR n 
1 63 THR n 
1 64 LEU n 
1 65 THR n 
1 66 LEU n 
1 67 ASN n 
1 68 ASP n 
1 69 GLY n 
1 70 ASN n 
1 71 LYS n 
1 72 LYS n 
1 73 VAL n 
1 74 VAL n 
1 75 ASN n 
1 76 LEU n 
1 77 LYS n 
1 78 LYS n 
1 79 ASN n 
1 80 ASP n 
1 81 ASP n 
1 82 ALA n 
1 83 LYS n 
1 84 ASN n 
1 85 SER n 
1 86 ILE n 
1 87 ASP n 
1 88 PRO n 
1 89 SER n 
1 90 THR n 
1 91 ILE n 
1 92 LYS n 
1 93 GLN n 
1 94 ILE n 
1 95 GLN n 
1 96 ILE n 
1 97 VAL n 
1 98 VAL n 
1 99 LYS n 
# 
_entity_src_gen.entity_id                          1 
_entity_src_gen.pdbx_src_id                        1 
_entity_src_gen.pdbx_alt_source_flag               sample 
_entity_src_gen.pdbx_seq_type                      ? 
_entity_src_gen.pdbx_beg_seq_num                   ? 
_entity_src_gen.pdbx_end_seq_num                   ? 
_entity_src_gen.gene_src_common_name               ? 
_entity_src_gen.gene_src_genus                     Staphylococcus 
_entity_src_gen.pdbx_gene_src_gene                 ? 
_entity_src_gen.gene_src_species                   ? 
_entity_src_gen.gene_src_strain                    Mu50 
_entity_src_gen.gene_src_tissue                    ? 
_entity_src_gen.gene_src_tissue_fraction           ? 
_entity_src_gen.gene_src_details                   ? 
_entity_src_gen.pdbx_gene_src_fragment             ? 
_entity_src_gen.pdbx_gene_src_scientific_name      'Staphylococcus aureus' 
_entity_src_gen.pdbx_gene_src_ncbi_taxonomy_id     1280 
_entity_src_gen.pdbx_gene_src_variant              ? 
_entity_src_gen.pdbx_gene_src_cell_line            ? 
_entity_src_gen.pdbx_gene_src_atcc                 ? 
_entity_src_gen.pdbx_gene_src_organ                ? 
_entity_src_gen.pdbx_gene_src_organelle            ? 
_entity_src_gen.pdbx_gene_src_cell                 ? 
_entity_src_gen.pdbx_gene_src_cellular_location    ? 
_entity_src_gen.host_org_common_name               ? 
_entity_src_gen.pdbx_host_org_scientific_name      'Escherichia coli' 
_entity_src_gen.pdbx_host_org_ncbi_taxonomy_id     562 
_entity_src_gen.host_org_genus                     Escherichia 
_entity_src_gen.pdbx_host_org_gene                 ? 
_entity_src_gen.pdbx_host_org_organ                ? 
_entity_src_gen.host_org_species                   ? 
_entity_src_gen.pdbx_host_org_tissue               ? 
_entity_src_gen.pdbx_host_org_tissue_fraction      ? 
_entity_src_gen.pdbx_host_org_strain               'B834(DE3)' 
_entity_src_gen.pdbx_host_org_variant              ? 
_entity_src_gen.pdbx_host_org_cell_line            ? 
_entity_src_gen.pdbx_host_org_atcc                 ? 
_entity_src_gen.pdbx_host_org_culture_collection   ? 
_entity_src_gen.pdbx_host_org_cell                 ? 
_entity_src_gen.pdbx_host_org_organelle            ? 
_entity_src_gen.pdbx_host_org_cellular_location    ? 
_entity_src_gen.pdbx_host_org_vector_type          Plasmid 
_entity_src_gen.pdbx_host_org_vector               ? 
_entity_src_gen.host_org_details                   ? 
_entity_src_gen.expression_system_id               ? 
_entity_src_gen.plasmid_name                       'pET28 Derivative' 
_entity_src_gen.plasmid_details                    ? 
_entity_src_gen.pdbx_description                   ? 
# 
loop_
_chem_comp.id 
_chem_comp.type 
_chem_comp.mon_nstd_flag 
_chem_comp.name 
_chem_comp.pdbx_synonyms 
_chem_comp.formula 
_chem_comp.formula_weight 
ALA 'L-peptide linking' y ALANINE         ? 'C3 H7 N O2'     89.093  
ARG 'L-peptide linking' y ARGININE        ? 'C6 H15 N4 O2 1' 175.209 
ASN 'L-peptide linking' y ASPARAGINE      ? 'C4 H8 N2 O3'    132.118 
ASP 'L-peptide linking' y 'ASPARTIC ACID' ? 'C4 H7 N O4'     133.103 
GLN 'L-peptide linking' y GLUTAMINE       ? 'C5 H10 N2 O3'   146.144 
GLU 'L-peptide linking' y 'GLUTAMIC ACID' ? 'C5 H9 N O4'     147.129 
GLY 'peptide linking'   y GLYCINE         ? 'C2 H5 N O2'     75.067  
HIS 'L-peptide linking' y HISTIDINE       ? 'C6 H10 N3 O2 1' 156.162 
HOH non-polymer         . WATER           ? 'H2 O'           18.015  
ILE 'L-peptide linking' y ISOLEUCINE      ? 'C6 H13 N O2'    131.173 
LEU 'L-peptide linking' y LEUCINE         ? 'C6 H13 N O2'    131.173 
LYS 'L-peptide linking' y LYSINE          ? 'C6 H15 N2 O2 1' 147.195 
PHE 'L-peptide linking' y PHENYLALANINE   ? 'C9 H11 N O2'    165.189 
PRO 'L-peptide linking' y PROLINE         ? 'C5 H9 N O2'     115.130 
SER 'L-peptide linking' y SERINE          ? 'C3 H7 N O3'     105.093 
THR 'L-peptide linking' y THREONINE       ? 'C4 H9 N O3'     119.119 
TYR 'L-peptide linking' y TYROSINE        ? 'C9 H11 N O3'    181.189 
VAL 'L-peptide linking' y VALINE          ? 'C5 H11 N O2'    117.146 
ZN  non-polymer         . 'ZINC ION'      ? 'Zn 2'           65.409  
# 
loop_
_pdbx_poly_seq_scheme.asym_id 
_pdbx_poly_seq_scheme.entity_id 
_pdbx_poly_seq_scheme.seq_id 
_pdbx_poly_seq_scheme.mon_id 
_pdbx_poly_seq_scheme.ndb_seq_num 
_pdbx_poly_seq_scheme.pdb_seq_num 
_pdbx_poly_seq_scheme.auth_seq_num 
_pdbx_poly_seq_scheme.pdb_mon_id 
_pdbx_poly_seq_scheme.auth_mon_id 
_pdbx_poly_seq_scheme.pdb_strand_id 
_pdbx_poly_seq_scheme.pdb_ins_code 
_pdbx_poly_seq_scheme.hetero 
A 1 1  GLY 1  43  43  GLY GLY A . n 
A 1 2  LYS 2  44  44  LYS LYS A . n 
A 1 3  HIS 3  45  45  HIS HIS A . n 
A 1 4  THR 4  46  46  THR THR A . n 
A 1 5  VAL 5  47  47  VAL VAL A . n 
A 1 6  PRO 6  48  48  PRO PRO A . n 
A 1 7  TYR 7  49  49  TYR TYR A . n 
A 1 8  THR 8  50  50  THR THR A . n 
A 1 9  ILE 9  51  51  ILE ILE A . n 
A 1 10 SER 10 52  52  SER SER A . n 
A 1 11 VAL 11 53  53  VAL VAL A . n 
A 1 12 ASP 12 54  54  ASP ASP A . n 
A 1 13 GLY 13 55  55  GLY GLY A . n 
A 1 14 ILE 14 56  56  ILE ILE A . n 
A 1 15 THR 15 57  57  THR THR A . n 
A 1 16 ALA 16 58  58  ALA ALA A . n 
A 1 17 LEU 17 59  59  LEU LEU A . n 
A 1 18 HIS 18 60  60  HIS HIS A . n 
A 1 19 ARG 19 61  61  ARG ARG A . n 
A 1 20 THR 20 62  62  THR THR A . n 
A 1 21 TYR 21 63  63  TYR TYR A . n 
A 1 22 PHE 22 64  64  PHE PHE A . n 
A 1 23 VAL 23 65  65  VAL VAL A . n 
A 1 24 PHE 24 66  66  PHE PHE A . n 
A 1 25 PRO 25 67  67  PRO PRO A . n 
A 1 26 GLU 26 68  68  GLU GLU A . n 
A 1 27 ASN 27 69  69  ASN ASN A . n 
A 1 28 LYS 28 70  70  LYS LYS A . n 
A 1 29 LYS 29 71  71  LYS LYS A . n 
A 1 30 VAL 30 72  72  VAL VAL A . n 
A 1 31 LEU 31 73  73  LEU LEU A . n 
A 1 32 TYR 32 74  74  TYR TYR A . n 
A 1 33 GLN 33 75  75  GLN GLN A . n 
A 1 34 GLU 34 76  76  GLU GLU A . n 
A 1 35 ILE 35 77  77  ILE ILE A . n 
A 1 36 ASP 36 78  78  ASP ASP A . n 
A 1 37 SER 37 79  79  SER SER A . n 
A 1 38 LYS 38 80  80  LYS LYS A . n 
A 1 39 VAL 39 81  81  VAL VAL A . n 
A 1 40 LYS 40 82  82  LYS LYS A . n 
A 1 41 ASN 41 83  83  ASN ASN A . n 
A 1 42 GLU 42 84  84  GLU GLU A . n 
A 1 43 LEU 43 85  85  LEU LEU A . n 
A 1 44 ALA 44 86  86  ALA ALA A . n 
A 1 45 SER 45 87  87  SER SER A . n 
A 1 46 GLN 46 88  88  GLN GLN A . n 
A 1 47 ARG 47 89  89  ARG ARG A . n 
A 1 48 GLY 48 90  90  GLY GLY A . n 
A 1 49 VAL 49 91  91  VAL VAL A . n 
A 1 50 THR 50 92  92  THR THR A . n 
A 1 51 THR 51 93  93  THR THR A . n 
A 1 52 GLU 52 94  94  GLU GLU A . n 
A 1 53 LYS 53 95  95  LYS LYS A . n 
A 1 54 ILE 54 96  96  ILE ILE A . n 
A 1 55 ASN 55 97  97  ASN ASN A . n 
A 1 56 ASN 56 98  98  ASN ASN A . n 
A 1 57 ALA 57 99  99  ALA ALA A . n 
A 1 58 GLN 58 100 100 GLN GLN A . n 
A 1 59 THR 59 101 101 THR THR A . n 
A 1 60 ALA 60 102 102 ALA ALA A . n 
A 1 61 THR 61 103 103 THR THR A . n 
A 1 62 TYR 62 104 104 TYR TYR A . n 
A 1 63 THR 63 105 105 THR THR A . n 
A 1 64 LEU 64 106 106 LEU LEU A . n 
A 1 65 THR 65 107 107 THR THR A . n 
A 1 66 LEU 66 108 108 LEU LEU A . n 
A 1 67 ASN 67 109 109 ASN ASN A . n 
A 1 68 ASP 68 110 110 ASP ASP A . n 
A 1 69 GLY 69 111 111 GLY GLY A . n 
A 1 70 ASN 70 112 112 ASN ASN A . n 
A 1 71 LYS 71 113 113 LYS LYS A . n 
A 1 72 LYS 72 114 114 LYS LYS A . n 
A 1 73 VAL 73 115 115 VAL VAL A . n 
A 1 74 VAL 74 116 116 VAL VAL A . n 
A 1 75 ASN 75 117 117 ASN ASN A . n 
A 1 76 LEU 76 118 118 LEU LEU A . n 
A 1 77 LYS 77 119 119 LYS LYS A . n 
A 1 78 LYS 78 120 120 LYS LYS A . n 
A 1 79 ASN 79 121 121 ASN ASN A . n 
A 1 80 ASP 80 122 122 ASP ASP A . n 
A 1 81 ASP 81 123 123 ASP ASP A . n 
A 1 82 ALA 82 124 124 ALA ALA A . n 
A 1 83 LYS 83 125 125 LYS LYS A . n 
A 1 84 ASN 84 126 126 ASN ASN A . n 
A 1 85 SER 85 127 127 SER SER A . n 
A 1 86 ILE 86 128 128 ILE ILE A . n 
A 1 87 ASP 87 129 129 ASP ASP A . n 
A 1 88 PRO 88 130 130 PRO PRO A . n 
A 1 89 SER 89 131 131 SER SER A . n 
A 1 90 THR 90 132 132 THR THR A . n 
A 1 91 ILE 91 133 133 ILE ILE A . n 
A 1 92 LYS 92 134 134 LYS LYS A . n 
A 1 93 GLN 93 135 135 GLN GLN A . n 
A 1 94 ILE 94 136 136 ILE ILE A . n 
A 1 95 GLN 95 137 137 GLN GLN A . n 
A 1 96 ILE 96 138 138 ILE ILE A . n 
A 1 97 VAL 97 139 139 VAL VAL A . n 
A 1 98 VAL 98 140 140 VAL VAL A . n 
A 1 99 LYS 99 141 141 LYS LYS A . n 
# 
loop_
_pdbx_nonpoly_scheme.asym_id 
_pdbx_nonpoly_scheme.entity_id 
_pdbx_nonpoly_scheme.mon_id 
_pdbx_nonpoly_scheme.ndb_seq_num 
_pdbx_nonpoly_scheme.pdb_seq_num 
_pdbx_nonpoly_scheme.auth_seq_num 
_pdbx_nonpoly_scheme.pdb_mon_id 
_pdbx_nonpoly_scheme.auth_mon_id 
_pdbx_nonpoly_scheme.pdb_strand_id 
_pdbx_nonpoly_scheme.pdb_ins_code 
B 2 ZN  1  237 237 ZN  ZN  A . 
C 2 ZN  1  238 238 ZN  ZN  A . 
D 3 HOH 1  142 142 HOH HOH A . 
D 3 HOH 2  143 143 HOH HOH A . 
D 3 HOH 3  144 144 HOH HOH A . 
D 3 HOH 4  145 145 HOH HOH A . 
D 3 HOH 5  146 146 HOH HOH A . 
D 3 HOH 6  147 147 HOH HOH A . 
D 3 HOH 7  148 148 HOH HOH A . 
D 3 HOH 8  149 149 HOH HOH A . 
D 3 HOH 9  150 150 HOH HOH A . 
D 3 HOH 10 151 151 HOH HOH A . 
D 3 HOH 11 152 152 HOH HOH A . 
D 3 HOH 12 153 153 HOH HOH A . 
D 3 HOH 13 154 154 HOH HOH A . 
D 3 HOH 14 155 155 HOH HOH A . 
D 3 HOH 15 156 156 HOH HOH A . 
D 3 HOH 16 157 157 HOH HOH A . 
D 3 HOH 17 158 158 HOH HOH A . 
D 3 HOH 18 159 159 HOH HOH A . 
D 3 HOH 19 160 160 HOH HOH A . 
D 3 HOH 20 161 161 HOH HOH A . 
D 3 HOH 21 162 162 HOH HOH A . 
D 3 HOH 22 163 163 HOH HOH A . 
D 3 HOH 23 164 164 HOH HOH A . 
D 3 HOH 24 165 165 HOH HOH A . 
D 3 HOH 25 166 166 HOH HOH A . 
D 3 HOH 26 167 167 HOH HOH A . 
D 3 HOH 27 168 168 HOH HOH A . 
D 3 HOH 28 169 169 HOH HOH A . 
D 3 HOH 29 170 170 HOH HOH A . 
D 3 HOH 30 171 171 HOH HOH A . 
D 3 HOH 31 172 172 HOH HOH A . 
D 3 HOH 32 173 173 HOH HOH A . 
D 3 HOH 33 174 174 HOH HOH A . 
D 3 HOH 34 175 175 HOH HOH A . 
D 3 HOH 35 176 176 HOH HOH A . 
D 3 HOH 36 177 177 HOH HOH A . 
D 3 HOH 37 178 178 HOH HOH A . 
D 3 HOH 38 179 179 HOH HOH A . 
D 3 HOH 39 180 180 HOH HOH A . 
D 3 HOH 40 181 181 HOH HOH A . 
D 3 HOH 41 182 182 HOH HOH A . 
D 3 HOH 42 183 183 HOH HOH A . 
D 3 HOH 43 184 184 HOH HOH A . 
D 3 HOH 44 185 185 HOH HOH A . 
D 3 HOH 45 186 186 HOH HOH A . 
D 3 HOH 46 187 187 HOH HOH A . 
D 3 HOH 47 188 188 HOH HOH A . 
D 3 HOH 48 189 189 HOH HOH A . 
D 3 HOH 49 190 190 HOH HOH A . 
D 3 HOH 50 191 191 HOH HOH A . 
D 3 HOH 51 192 192 HOH HOH A . 
D 3 HOH 52 193 193 HOH HOH A . 
D 3 HOH 53 194 194 HOH HOH A . 
D 3 HOH 54 195 195 HOH HOH A . 
D 3 HOH 55 196 196 HOH HOH A . 
D 3 HOH 56 197 197 HOH HOH A . 
D 3 HOH 57 198 198 HOH HOH A . 
D 3 HOH 58 199 199 HOH HOH A . 
D 3 HOH 59 200 200 HOH HOH A . 
D 3 HOH 60 201 201 HOH HOH A . 
D 3 HOH 61 202 202 HOH HOH A . 
D 3 HOH 62 203 203 HOH HOH A . 
D 3 HOH 63 204 204 HOH HOH A . 
D 3 HOH 64 205 205 HOH HOH A . 
D 3 HOH 65 206 206 HOH HOH A . 
D 3 HOH 66 207 207 HOH HOH A . 
D 3 HOH 67 208 208 HOH HOH A . 
D 3 HOH 68 209 209 HOH HOH A . 
D 3 HOH 69 210 210 HOH HOH A . 
D 3 HOH 70 211 211 HOH HOH A . 
D 3 HOH 71 212 212 HOH HOH A . 
D 3 HOH 72 213 213 HOH HOH A . 
D 3 HOH 73 214 214 HOH HOH A . 
D 3 HOH 74 215 215 HOH HOH A . 
D 3 HOH 75 216 216 HOH HOH A . 
D 3 HOH 76 217 217 HOH HOH A . 
D 3 HOH 77 218 218 HOH HOH A . 
D 3 HOH 78 219 219 HOH HOH A . 
D 3 HOH 79 220 220 HOH HOH A . 
D 3 HOH 80 221 221 HOH HOH A . 
D 3 HOH 81 222 222 HOH HOH A . 
D 3 HOH 82 223 223 HOH HOH A . 
D 3 HOH 83 224 224 HOH HOH A . 
D 3 HOH 84 225 225 HOH HOH A . 
D 3 HOH 85 226 226 HOH HOH A . 
D 3 HOH 86 227 227 HOH HOH A . 
D 3 HOH 87 228 228 HOH HOH A . 
D 3 HOH 88 229 229 HOH HOH A . 
D 3 HOH 89 230 230 HOH HOH A . 
D 3 HOH 90 231 231 HOH HOH A . 
D 3 HOH 91 232 232 HOH HOH A . 
D 3 HOH 92 233 233 HOH HOH A . 
D 3 HOH 93 234 234 HOH HOH A . 
D 3 HOH 94 235 235 HOH HOH A . 
D 3 HOH 95 236 236 HOH HOH A . 
# 
loop_
_pdbx_unobs_or_zero_occ_atoms.id 
_pdbx_unobs_or_zero_occ_atoms.PDB_model_num 
_pdbx_unobs_or_zero_occ_atoms.polymer_flag 
_pdbx_unobs_or_zero_occ_atoms.occupancy_flag 
_pdbx_unobs_or_zero_occ_atoms.auth_asym_id 
_pdbx_unobs_or_zero_occ_atoms.auth_comp_id 
_pdbx_unobs_or_zero_occ_atoms.auth_seq_id 
_pdbx_unobs_or_zero_occ_atoms.PDB_ins_code 
_pdbx_unobs_or_zero_occ_atoms.auth_atom_id 
_pdbx_unobs_or_zero_occ_atoms.label_alt_id 
_pdbx_unobs_or_zero_occ_atoms.label_asym_id 
_pdbx_unobs_or_zero_occ_atoms.label_comp_id 
_pdbx_unobs_or_zero_occ_atoms.label_seq_id 
_pdbx_unobs_or_zero_occ_atoms.label_atom_id 
1  1 Y 1 A LYS 70  ? CG  ? A LYS 28 CG  
2  1 Y 1 A LYS 70  ? CD  ? A LYS 28 CD  
3  1 Y 1 A LYS 70  ? CE  ? A LYS 28 CE  
4  1 Y 1 A LYS 70  ? NZ  ? A LYS 28 NZ  
5  1 Y 1 A LYS 71  ? CG  ? A LYS 29 CG  
6  1 Y 1 A LYS 71  ? CD  ? A LYS 29 CD  
7  1 Y 1 A LYS 71  ? CE  ? A LYS 29 CE  
8  1 Y 1 A LYS 71  ? NZ  ? A LYS 29 NZ  
9  1 Y 1 A GLN 75  ? CG  ? A GLN 33 CG  
10 1 Y 1 A GLN 75  ? CD  ? A GLN 33 CD  
11 1 Y 1 A GLN 75  ? OE1 ? A GLN 33 OE1 
12 1 Y 1 A GLN 75  ? NE2 ? A GLN 33 NE2 
13 1 Y 1 A GLN 100 ? CG  ? A GLN 58 CG  
14 1 Y 1 A GLN 100 ? CD  ? A GLN 58 CD  
15 1 Y 1 A GLN 100 ? OE1 ? A GLN 58 OE1 
16 1 Y 1 A GLN 100 ? NE2 ? A GLN 58 NE2 
17 1 Y 1 A LYS 120 ? CG  ? A LYS 78 CG  
18 1 Y 1 A LYS 120 ? CD  ? A LYS 78 CD  
19 1 Y 1 A LYS 120 ? CE  ? A LYS 78 CE  
20 1 Y 1 A LYS 120 ? NZ  ? A LYS 78 NZ  
21 1 Y 1 A LYS 125 ? CG  ? A LYS 83 CG  
22 1 Y 1 A LYS 125 ? CD  ? A LYS 83 CD  
23 1 Y 1 A LYS 125 ? CE  ? A LYS 83 CE  
24 1 Y 1 A LYS 125 ? NZ  ? A LYS 83 NZ  
25 1 Y 1 A LYS 141 ? CG  ? A LYS 99 CG  
26 1 Y 1 A LYS 141 ? CD  ? A LYS 99 CD  
27 1 Y 1 A LYS 141 ? CE  ? A LYS 99 CE  
28 1 Y 1 A LYS 141 ? NZ  ? A LYS 99 NZ  
# 
loop_
_software.name 
_software.classification 
_software.version 
_software.citation_id 
_software.pdbx_ordinal 
DENZO     'data reduction' .   ? 1 
SCALEPACK 'data scaling'   .   ? 2 
SOLVE     phasing          .   ? 3 
CNS       refinement       1.0 ? 4 
# 
_cell.entry_id           1YN4 
_cell.length_a           38.550 
_cell.length_b           38.550 
_cell.length_c           69.230 
_cell.angle_alpha        90.00 
_cell.angle_beta         90.00 
_cell.angle_gamma        120.00 
_cell.Z_PDB              3 
_cell.pdbx_unique_axis   ? 
# 
_symmetry.entry_id                         1YN4 
_symmetry.space_group_name_H-M             'P 32' 
_symmetry.pdbx_full_space_group_name_H-M   ? 
_symmetry.cell_setting                     ? 
_symmetry.Int_Tables_number                145 
_symmetry.space_group_name_Hall            ? 
# 
_exptl.entry_id          1YN4 
_exptl.method            'X-RAY DIFFRACTION' 
_exptl.crystals_number   2 
# 
_exptl_crystal.id                    1 
_exptl_crystal.density_meas          ? 
_exptl_crystal.density_Matthews      2.67 
_exptl_crystal.density_percent_sol   54.00 
_exptl_crystal.description           ? 
_exptl_crystal.F_000                 ? 
_exptl_crystal.preparation           ? 
# 
_exptl_crystal_grow.crystal_id      1 
_exptl_crystal_grow.method          'VAPOR DIFFUSION, HANGING DROP' 
_exptl_crystal_grow.temp            293 
_exptl_crystal_grow.temp_details    ? 
_exptl_crystal_grow.pH              6.7 
_exptl_crystal_grow.pdbx_details    'PEG 8000, zinc acetate, cacodylate, pH 6.7, VAPOR DIFFUSION, HANGING DROP, temperature 293K' 
_exptl_crystal_grow.pdbx_pH_range   . 
# 
loop_
_diffrn.id 
_diffrn.ambient_temp 
_diffrn.ambient_temp_details 
_diffrn.crystal_id 
1 93 ? 1 
2 ?  ? 1 
3 ?  ? 1 
4 ?  ? 1 
# 
_diffrn_detector.diffrn_id              1 
_diffrn_detector.detector               CCD 
_diffrn_detector.type                   'ADSC QUANTUM 4' 
_diffrn_detector.pdbx_collection_date   ? 
_diffrn_detector.details                ? 
# 
loop_
_diffrn_radiation.diffrn_id 
_diffrn_radiation.wavelength_id 
_diffrn_radiation.pdbx_monochromatic_or_laue_m_l 
_diffrn_radiation.monochromator 
_diffrn_radiation.pdbx_diffrn_protocol 
_diffrn_radiation.pdbx_scattering_type 
1 1 M ? 'SINGLE WAVELENGTH' x-ray 
2 1 M ? MAD                 x-ray 
# 
loop_
_diffrn_radiation_wavelength.id 
_diffrn_radiation_wavelength.wavelength 
_diffrn_radiation_wavelength.wt 
1 0.9199 1.0 
2 0.9792 1.0 
3 0.9793 1.0 
4 0.9687 1.0 
# 
loop_
_diffrn_source.diffrn_id 
_diffrn_source.source 
_diffrn_source.type 
_diffrn_source.pdbx_synchrotron_site 
_diffrn_source.pdbx_synchrotron_beamline 
_diffrn_source.pdbx_wavelength 
_diffrn_source.pdbx_wavelength_list 
1 SYNCHROTRON 'APS BEAMLINE 14-BM-C' APS  14-BM-C ? 0.9199                   
2 SYNCHROTRON 'NSLS BEAMLINE X4A'    NSLS X4A     ? '0.9792, 0.9793, 0.9687' 
# 
_reflns.entry_id                     1YN4 
_reflns.observed_criterion_sigma_I   ? 
_reflns.observed_criterion_sigma_F   ? 
_reflns.d_resolution_low             30 
_reflns.d_resolution_high            1.8 
_reflns.number_obs                   10167 
_reflns.number_all                   ? 
_reflns.percent_possible_obs         99.1 
_reflns.pdbx_Rmerge_I_obs            ? 
_reflns.pdbx_Rsym_value              ? 
_reflns.pdbx_netI_over_sigmaI        ? 
_reflns.B_iso_Wilson_estimate        19.4 
_reflns.pdbx_redundancy              ? 
_reflns.R_free_details               ? 
_reflns.limit_h_max                  ? 
_reflns.limit_h_min                  ? 
_reflns.limit_k_max                  ? 
_reflns.limit_k_min                  ? 
_reflns.limit_l_max                  ? 
_reflns.limit_l_min                  ? 
_reflns.observed_criterion_F_max     ? 
_reflns.observed_criterion_F_min     ? 
_reflns.pdbx_chi_squared             ? 
_reflns.pdbx_scaling_rejects         ? 
_reflns.pdbx_diffrn_id               1,2 
_reflns.pdbx_ordinal                 1 
# 
_reflns_shell.d_res_high             1.80 
_reflns_shell.d_res_low              1.87 
_reflns_shell.percent_possible_all   98.4 
_reflns_shell.Rmerge_I_obs           ? 
_reflns_shell.pdbx_Rsym_value        ? 
_reflns_shell.meanI_over_sigI_obs    ? 
_reflns_shell.pdbx_redundancy        ? 
_reflns_shell.percent_possible_obs   ? 
_reflns_shell.number_unique_all      ? 
_reflns_shell.number_measured_all    ? 
_reflns_shell.number_measured_obs    ? 
_reflns_shell.number_unique_obs      ? 
_reflns_shell.pdbx_chi_squared       ? 
_reflns_shell.pdbx_diffrn_id         ? 
_reflns_shell.pdbx_ordinal           1 
# 
_refine.entry_id                                 1YN4 
_refine.ls_number_reflns_obs                     10167 
_refine.ls_number_reflns_all                     ? 
_refine.pdbx_ls_sigma_I                          ? 
_refine.pdbx_ls_sigma_F                          0.0 
_refine.pdbx_data_cutoff_high_absF               976781.27 
_refine.pdbx_data_cutoff_low_absF                0.000000 
_refine.pdbx_data_cutoff_high_rms_absF           ? 
_refine.ls_d_res_low                             24.03 
_refine.ls_d_res_high                            1.80 
_refine.ls_percent_reflns_obs                    95.3 
_refine.ls_R_factor_obs                          0.233 
_refine.ls_R_factor_all                          ? 
_refine.ls_R_factor_R_work                       0.233 
_refine.ls_R_factor_R_free                       0.238 
_refine.ls_R_factor_R_free_error                 0.011 
_refine.ls_R_factor_R_free_error_details         ? 
_refine.ls_percent_reflns_R_free                 5.0 
_refine.ls_number_reflns_R_free                  507 
_refine.ls_number_parameters                     ? 
_refine.ls_number_restraints                     ? 
_refine.occupancy_min                            ? 
_refine.occupancy_max                            ? 
_refine.correlation_coeff_Fo_to_Fc               ? 
_refine.correlation_coeff_Fo_to_Fc_free          ? 
_refine.B_iso_mean                               32.2 
_refine.aniso_B[1][1]                            3.08 
_refine.aniso_B[2][2]                            3.08 
_refine.aniso_B[3][3]                            -6.16 
_refine.aniso_B[1][2]                            3.82 
_refine.aniso_B[1][3]                            0.00 
_refine.aniso_B[2][3]                            0.00 
_refine.solvent_model_details                    'FLAT MODEL' 
_refine.solvent_model_param_ksol                 0.389641 
_refine.solvent_model_param_bsol                 57.9475 
_refine.pdbx_solvent_vdw_probe_radii             ? 
_refine.pdbx_solvent_ion_probe_radii             ? 
_refine.pdbx_solvent_shrinkage_radii             ? 
_refine.pdbx_ls_cross_valid_method               THROUGHOUT 
_refine.details                                  ? 
_refine.pdbx_starting_model                      ? 
_refine.pdbx_method_to_determine_struct          MAD 
_refine.pdbx_isotropic_thermal_model             RESTRAINED 
_refine.pdbx_stereochemistry_target_values       'Engh & Huber' 
_refine.pdbx_stereochem_target_val_spec_case     ? 
_refine.pdbx_R_Free_selection_details            RANDOM 
_refine.pdbx_overall_ESU_R                       ? 
_refine.pdbx_overall_ESU_R_Free                  ? 
_refine.overall_SU_ML                            ? 
_refine.overall_SU_B                             ? 
_refine.ls_redundancy_reflns_obs                 ? 
_refine.B_iso_min                                ? 
_refine.B_iso_max                                ? 
_refine.overall_SU_R_Cruickshank_DPI             ? 
_refine.overall_SU_R_free                        ? 
_refine.ls_wR_factor_R_free                      ? 
_refine.ls_wR_factor_R_work                      ? 
_refine.overall_FOM_free_R_set                   ? 
_refine.overall_FOM_work_R_set                   ? 
_refine.pdbx_refine_id                           'X-RAY DIFFRACTION' 
_refine.pdbx_diffrn_id                           1 
_refine.pdbx_TLS_residual_ADP_flag               ? 
_refine.pdbx_overall_phase_error                 ? 
_refine.pdbx_overall_SU_R_free_Cruickshank_DPI   ? 
_refine.pdbx_overall_SU_R_Blow_DPI               ? 
_refine.pdbx_overall_SU_R_free_Blow_DPI          ? 
# 
_refine_analyze.entry_id                        1YN4 
_refine_analyze.Luzzati_coordinate_error_obs    0.25 
_refine_analyze.Luzzati_sigma_a_obs             0.17 
_refine_analyze.Luzzati_d_res_low_obs           5.00 
_refine_analyze.Luzzati_coordinate_error_free   0.26 
_refine_analyze.Luzzati_sigma_a_free            0.17 
_refine_analyze.Luzzati_d_res_low_free          ? 
_refine_analyze.number_disordered_residues      ? 
_refine_analyze.occupancy_sum_hydrogen          ? 
_refine_analyze.occupancy_sum_non_hydrogen      ? 
_refine_analyze.pdbx_Luzzati_d_res_high_obs     ? 
_refine_analyze.pdbx_refine_id                  'X-RAY DIFFRACTION' 
# 
_refine_hist.pdbx_refine_id                   'X-RAY DIFFRACTION' 
_refine_hist.cycle_id                         LAST 
_refine_hist.pdbx_number_atoms_protein        754 
_refine_hist.pdbx_number_atoms_nucleic_acid   0 
_refine_hist.pdbx_number_atoms_ligand         2 
_refine_hist.number_atoms_solvent             95 
_refine_hist.number_atoms_total               851 
_refine_hist.d_res_high                       1.80 
_refine_hist.d_res_low                        24.03 
# 
loop_
_refine_ls_restr.type 
_refine_ls_restr.dev_ideal 
_refine_ls_restr.dev_ideal_target 
_refine_ls_restr.weight 
_refine_ls_restr.number 
_refine_ls_restr.pdbx_refine_id 
_refine_ls_restr.pdbx_restraint_function 
c_bond_d                0.006 ? ? ? 'X-RAY DIFFRACTION' ? 
c_bond_d_na             ?     ? ? ? 'X-RAY DIFFRACTION' ? 
c_bond_d_prot           ?     ? ? ? 'X-RAY DIFFRACTION' ? 
c_angle_d               ?     ? ? ? 'X-RAY DIFFRACTION' ? 
c_angle_d_na            ?     ? ? ? 'X-RAY DIFFRACTION' ? 
c_angle_d_prot          ?     ? ? ? 'X-RAY DIFFRACTION' ? 
c_angle_deg             1.3   ? ? ? 'X-RAY DIFFRACTION' ? 
c_angle_deg_na          ?     ? ? ? 'X-RAY DIFFRACTION' ? 
c_angle_deg_prot        ?     ? ? ? 'X-RAY DIFFRACTION' ? 
c_dihedral_angle_d      24.6  ? ? ? 'X-RAY DIFFRACTION' ? 
c_dihedral_angle_d_na   ?     ? ? ? 'X-RAY DIFFRACTION' ? 
c_dihedral_angle_d_prot ?     ? ? ? 'X-RAY DIFFRACTION' ? 
c_improper_angle_d      0.72  ? ? ? 'X-RAY DIFFRACTION' ? 
c_improper_angle_d_na   ?     ? ? ? 'X-RAY DIFFRACTION' ? 
c_improper_angle_d_prot ?     ? ? ? 'X-RAY DIFFRACTION' ? 
c_mcbond_it             ?     ? ? ? 'X-RAY DIFFRACTION' ? 
c_mcangle_it            ?     ? ? ? 'X-RAY DIFFRACTION' ? 
c_scbond_it             ?     ? ? ? 'X-RAY DIFFRACTION' ? 
c_scangle_it            ?     ? ? ? 'X-RAY DIFFRACTION' ? 
# 
_refine_ls_shell.pdbx_total_number_of_bins_used   6 
_refine_ls_shell.d_res_high                       1.80 
_refine_ls_shell.d_res_low                        1.91 
_refine_ls_shell.number_reflns_R_work             1474 
_refine_ls_shell.R_factor_R_work                  0.284 
_refine_ls_shell.percent_reflns_obs               87.1 
_refine_ls_shell.R_factor_R_free                  0.305 
_refine_ls_shell.R_factor_R_free_error            0.036 
_refine_ls_shell.percent_reflns_R_free            4.7 
_refine_ls_shell.number_reflns_R_free             72 
_refine_ls_shell.redundancy_reflns_obs            ? 
_refine_ls_shell.number_reflns_all                ? 
_refine_ls_shell.number_reflns_obs                ? 
_refine_ls_shell.pdbx_refine_id                   'X-RAY DIFFRACTION' 
_refine_ls_shell.R_factor_all                     ? 
# 
loop_
_pdbx_xplor_file.serial_no 
_pdbx_xplor_file.param_file 
_pdbx_xplor_file.topol_file 
_pdbx_xplor_file.pdbx_refine_id 
1 protein_rep.param protein.top 'X-RAY DIFFRACTION' 
2 water_rep.param   water.top   'X-RAY DIFFRACTION' 
3 zn.param          zn_toph.ion 'X-RAY DIFFRACTION' 
# 
_struct.entry_id                  1YN4 
_struct.title                     
'Crystal Structures of EAP Domains from Staphylococcus aureus Reveal an Unexpected Homology to Bacterial Superantigens' 
_struct.pdbx_model_details        ? 
_struct.pdbx_CASP_flag            ? 
_struct.pdbx_model_type_details   ? 
# 
_struct_keywords.entry_id        1YN4 
_struct_keywords.pdbx_keywords   'UNKNOWN FUNCTION' 
_struct_keywords.text            
'Virulence factor, Toxin, Extracellular adherence protein, Staphylococcus aureus, UNKNOWN FUNCTION' 
# 
loop_
_struct_asym.id 
_struct_asym.pdbx_blank_PDB_chainid_flag 
_struct_asym.pdbx_modified 
_struct_asym.entity_id 
_struct_asym.details 
A N N 1 ? 
B N N 2 ? 
C N N 2 ? 
D N N 3 ? 
# 
_struct_ref.id                         1 
_struct_ref.db_name                    UNP 
_struct_ref.db_code                    Q99S64_STAAM 
_struct_ref.pdbx_db_accession          Q99S64 
_struct_ref.entity_id                  1 
_struct_ref.pdbx_seq_one_letter_code   
;GKHTVPYTISVDGITALHRTYFVFPENKKVLYQEIDSKVKNELASQRGVTTEKINNAQTATYTLTLNDGNKKVVNLKKND
DAKNSIDPSTIKQIQIVVK
;
_struct_ref.pdbx_align_begin           43 
_struct_ref.pdbx_db_isoform            ? 
# 
_struct_ref_seq.align_id                      1 
_struct_ref_seq.ref_id                        1 
_struct_ref_seq.pdbx_PDB_id_code              1YN4 
_struct_ref_seq.pdbx_strand_id                A 
_struct_ref_seq.seq_align_beg                 1 
_struct_ref_seq.pdbx_seq_align_beg_ins_code   ? 
_struct_ref_seq.seq_align_end                 99 
_struct_ref_seq.pdbx_seq_align_end_ins_code   ? 
_struct_ref_seq.pdbx_db_accession             Q99S64 
_struct_ref_seq.db_align_beg                  43 
_struct_ref_seq.pdbx_db_align_beg_ins_code    ? 
_struct_ref_seq.db_align_end                  141 
_struct_ref_seq.pdbx_db_align_end_ins_code    ? 
_struct_ref_seq.pdbx_auth_seq_align_beg       43 
_struct_ref_seq.pdbx_auth_seq_align_end       141 
# 
_pdbx_struct_assembly.id                   1 
_pdbx_struct_assembly.details              author_defined_assembly 
_pdbx_struct_assembly.method_details       ? 
_pdbx_struct_assembly.oligomeric_details   monomeric 
_pdbx_struct_assembly.oligomeric_count     1 
# 
_pdbx_struct_assembly_gen.assembly_id       1 
_pdbx_struct_assembly_gen.oper_expression   1 
_pdbx_struct_assembly_gen.asym_id_list      A,B,C,D 
# 
_pdbx_struct_oper_list.id                   1 
_pdbx_struct_oper_list.type                 'identity operation' 
_pdbx_struct_oper_list.name                 1_555 
_pdbx_struct_oper_list.symmetry_operation   x,y,z 
_pdbx_struct_oper_list.matrix[1][1]         1.0000000000 
_pdbx_struct_oper_list.matrix[1][2]         0.0000000000 
_pdbx_struct_oper_list.matrix[1][3]         0.0000000000 
_pdbx_struct_oper_list.vector[1]            0.0000000000 
_pdbx_struct_oper_list.matrix[2][1]         0.0000000000 
_pdbx_struct_oper_list.matrix[2][2]         1.0000000000 
_pdbx_struct_oper_list.matrix[2][3]         0.0000000000 
_pdbx_struct_oper_list.vector[2]            0.0000000000 
_pdbx_struct_oper_list.matrix[3][1]         0.0000000000 
_pdbx_struct_oper_list.matrix[3][2]         0.0000000000 
_pdbx_struct_oper_list.matrix[3][3]         1.0000000000 
_pdbx_struct_oper_list.vector[3]            0.0000000000 
# 
_struct_biol.id                    1 
_struct_biol.pdbx_parent_biol_id   ? 
_struct_biol.details               ? 
# 
loop_
_struct_conf.conf_type_id 
_struct_conf.id 
_struct_conf.pdbx_PDB_helix_id 
_struct_conf.beg_label_comp_id 
_struct_conf.beg_label_asym_id 
_struct_conf.beg_label_seq_id 
_struct_conf.pdbx_beg_PDB_ins_code 
_struct_conf.end_label_comp_id 
_struct_conf.end_label_asym_id 
_struct_conf.end_label_seq_id 
_struct_conf.pdbx_end_PDB_ins_code 
_struct_conf.beg_auth_comp_id 
_struct_conf.beg_auth_asym_id 
_struct_conf.beg_auth_seq_id 
_struct_conf.end_auth_comp_id 
_struct_conf.end_auth_asym_id 
_struct_conf.end_auth_seq_id 
_struct_conf.pdbx_PDB_helix_class 
_struct_conf.details 
_struct_conf.pdbx_PDB_helix_length 
HELX_P HELX_P1 1 TYR A 32 ? GLY A 48 ? TYR A 74  GLY A 90  1 ? 17 
HELX_P HELX_P2 2 THR A 50 ? ASN A 56 ? THR A 92  ASN A 98  1 ? 7  
HELX_P HELX_P3 4 ASP A 87 ? SER A 89 ? ASP A 129 SER A 131 5 ? 3  
# 
_struct_conf_type.id          HELX_P 
_struct_conf_type.criteria    ? 
_struct_conf_type.reference   ? 
# 
loop_
_struct_conn.id 
_struct_conn.conn_type_id 
_struct_conn.pdbx_leaving_atom_flag 
_struct_conn.pdbx_PDB_id 
_struct_conn.ptnr1_label_asym_id 
_struct_conn.ptnr1_label_comp_id 
_struct_conn.ptnr1_label_seq_id 
_struct_conn.ptnr1_label_atom_id 
_struct_conn.pdbx_ptnr1_label_alt_id 
_struct_conn.pdbx_ptnr1_PDB_ins_code 
_struct_conn.pdbx_ptnr1_standard_comp_id 
_struct_conn.ptnr1_symmetry 
_struct_conn.ptnr2_label_asym_id 
_struct_conn.ptnr2_label_comp_id 
_struct_conn.ptnr2_label_seq_id 
_struct_conn.ptnr2_label_atom_id 
_struct_conn.pdbx_ptnr2_label_alt_id 
_struct_conn.pdbx_ptnr2_PDB_ins_code 
_struct_conn.ptnr1_auth_asym_id 
_struct_conn.ptnr1_auth_comp_id 
_struct_conn.ptnr1_auth_seq_id 
_struct_conn.ptnr2_auth_asym_id 
_struct_conn.ptnr2_auth_comp_id 
_struct_conn.ptnr2_auth_seq_id 
_struct_conn.ptnr2_symmetry 
_struct_conn.pdbx_ptnr3_label_atom_id 
_struct_conn.pdbx_ptnr3_label_seq_id 
_struct_conn.pdbx_ptnr3_label_comp_id 
_struct_conn.pdbx_ptnr3_label_asym_id 
_struct_conn.pdbx_ptnr3_label_alt_id 
_struct_conn.pdbx_ptnr3_PDB_ins_code 
_struct_conn.details 
_struct_conn.pdbx_dist_value 
_struct_conn.pdbx_value_order 
_struct_conn.pdbx_role 
metalc1 metalc ? ? A HIS 3  ND1 ? ? ? 1_555 B ZN . ZN ? ? A HIS 45  A ZN 237 1_555 ? ? ? ? ? ? ? 2.347 ? ? 
metalc2 metalc ? ? A GLU 26 OE2 ? ? ? 1_555 B ZN . ZN ? ? A GLU 68  A ZN 237 1_555 ? ? ? ? ? ? ? 2.452 ? ? 
metalc3 metalc ? ? A GLU 42 OE2 ? ? ? 3_665 C ZN . ZN ? ? A GLU 84  A ZN 238 1_555 ? ? ? ? ? ? ? 2.530 ? ? 
metalc4 metalc ? ? A ASP 68 OD2 ? ? ? 1_555 C ZN . ZN ? ? A ASP 110 A ZN 238 1_555 ? ? ? ? ? ? ? 2.304 ? ? 
metalc5 metalc ? ? D HOH .  O   ? ? ? 1_555 C ZN . ZN ? ? A HOH 145 A ZN 238 1_555 ? ? ? ? ? ? ? 2.763 ? ? 
metalc6 metalc ? ? D HOH .  O   ? ? ? 1_555 C ZN . ZN ? ? A HOH 185 A ZN 238 1_555 ? ? ? ? ? ? ? 2.722 ? ? 
metalc7 metalc ? ? D HOH .  O   ? ? ? 1_655 B ZN . ZN ? ? A HOH 187 A ZN 237 1_555 ? ? ? ? ? ? ? 2.638 ? ? 
metalc8 metalc ? ? D HOH .  O   ? ? ? 1_655 B ZN . ZN ? ? A HOH 188 A ZN 237 1_555 ? ? ? ? ? ? ? 2.614 ? ? 
metalc9 metalc ? ? D HOH .  O   ? ? ? 1_555 C ZN . ZN ? ? A HOH 204 A ZN 238 1_555 ? ? ? ? ? ? ? 2.719 ? ? 
# 
_struct_conn_type.id          metalc 
_struct_conn_type.criteria    ? 
_struct_conn_type.reference   ? 
# 
loop_
_pdbx_struct_conn_angle.id 
_pdbx_struct_conn_angle.ptnr1_label_atom_id 
_pdbx_struct_conn_angle.ptnr1_label_alt_id 
_pdbx_struct_conn_angle.ptnr1_label_asym_id 
_pdbx_struct_conn_angle.ptnr1_label_comp_id 
_pdbx_struct_conn_angle.ptnr1_label_seq_id 
_pdbx_struct_conn_angle.ptnr1_auth_atom_id 
_pdbx_struct_conn_angle.ptnr1_auth_asym_id 
_pdbx_struct_conn_angle.ptnr1_auth_comp_id 
_pdbx_struct_conn_angle.ptnr1_auth_seq_id 
_pdbx_struct_conn_angle.ptnr1_PDB_ins_code 
_pdbx_struct_conn_angle.ptnr1_symmetry 
_pdbx_struct_conn_angle.ptnr2_label_atom_id 
_pdbx_struct_conn_angle.ptnr2_label_alt_id 
_pdbx_struct_conn_angle.ptnr2_label_asym_id 
_pdbx_struct_conn_angle.ptnr2_label_comp_id 
_pdbx_struct_conn_angle.ptnr2_label_seq_id 
_pdbx_struct_conn_angle.ptnr2_auth_atom_id 
_pdbx_struct_conn_angle.ptnr2_auth_asym_id 
_pdbx_struct_conn_angle.ptnr2_auth_comp_id 
_pdbx_struct_conn_angle.ptnr2_auth_seq_id 
_pdbx_struct_conn_angle.ptnr2_PDB_ins_code 
_pdbx_struct_conn_angle.ptnr2_symmetry 
_pdbx_struct_conn_angle.ptnr3_label_atom_id 
_pdbx_struct_conn_angle.ptnr3_label_alt_id 
_pdbx_struct_conn_angle.ptnr3_label_asym_id 
_pdbx_struct_conn_angle.ptnr3_label_comp_id 
_pdbx_struct_conn_angle.ptnr3_label_seq_id 
_pdbx_struct_conn_angle.ptnr3_auth_atom_id 
_pdbx_struct_conn_angle.ptnr3_auth_asym_id 
_pdbx_struct_conn_angle.ptnr3_auth_comp_id 
_pdbx_struct_conn_angle.ptnr3_auth_seq_id 
_pdbx_struct_conn_angle.ptnr3_PDB_ins_code 
_pdbx_struct_conn_angle.ptnr3_symmetry 
_pdbx_struct_conn_angle.value 
_pdbx_struct_conn_angle.value_esd 
1  ND1 ? A HIS 3  ? A HIS 45  ? 1_555 ZN ? B ZN . ? A ZN 237 ? 1_555 OE2 ? A GLU 26 ? A GLU 68  ? 1_555 108.6 ? 
2  ND1 ? A HIS 3  ? A HIS 45  ? 1_555 ZN ? B ZN . ? A ZN 237 ? 1_555 O   ? D HOH .  ? A HOH 187 ? 1_655 71.1  ? 
3  OE2 ? A GLU 26 ? A GLU 68  ? 1_555 ZN ? B ZN . ? A ZN 237 ? 1_555 O   ? D HOH .  ? A HOH 187 ? 1_655 154.8 ? 
4  ND1 ? A HIS 3  ? A HIS 45  ? 1_555 ZN ? B ZN . ? A ZN 237 ? 1_555 O   ? D HOH .  ? A HOH 188 ? 1_655 154.7 ? 
5  OE2 ? A GLU 26 ? A GLU 68  ? 1_555 ZN ? B ZN . ? A ZN 237 ? 1_555 O   ? D HOH .  ? A HOH 188 ? 1_655 75.9  ? 
6  O   ? D HOH .  ? A HOH 187 ? 1_655 ZN ? B ZN . ? A ZN 237 ? 1_555 O   ? D HOH .  ? A HOH 188 ? 1_655 94.2  ? 
7  OE2 ? A GLU 42 ? A GLU 84  ? 3_665 ZN ? C ZN . ? A ZN 238 ? 1_555 OD2 ? A ASP 68 ? A ASP 110 ? 1_555 94.9  ? 
8  OE2 ? A GLU 42 ? A GLU 84  ? 3_665 ZN ? C ZN . ? A ZN 238 ? 1_555 O   ? D HOH .  ? A HOH 145 ? 1_555 96.7  ? 
9  OD2 ? A ASP 68 ? A ASP 110 ? 1_555 ZN ? C ZN . ? A ZN 238 ? 1_555 O   ? D HOH .  ? A HOH 145 ? 1_555 82.6  ? 
10 OE2 ? A GLU 42 ? A GLU 84  ? 3_665 ZN ? C ZN . ? A ZN 238 ? 1_555 O   ? D HOH .  ? A HOH 185 ? 1_555 91.6  ? 
11 OD2 ? A ASP 68 ? A ASP 110 ? 1_555 ZN ? C ZN . ? A ZN 238 ? 1_555 O   ? D HOH .  ? A HOH 185 ? 1_555 169.0 ? 
12 O   ? D HOH .  ? A HOH 145 ? 1_555 ZN ? C ZN . ? A ZN 238 ? 1_555 O   ? D HOH .  ? A HOH 185 ? 1_555 87.9  ? 
13 OE2 ? A GLU 42 ? A GLU 84  ? 3_665 ZN ? C ZN . ? A ZN 238 ? 1_555 O   ? D HOH .  ? A HOH 204 ? 1_555 171.2 ? 
14 OD2 ? A ASP 68 ? A ASP 110 ? 1_555 ZN ? C ZN . ? A ZN 238 ? 1_555 O   ? D HOH .  ? A HOH 204 ? 1_555 80.5  ? 
15 O   ? D HOH .  ? A HOH 145 ? 1_555 ZN ? C ZN . ? A ZN 238 ? 1_555 O   ? D HOH .  ? A HOH 204 ? 1_555 75.3  ? 
16 O   ? D HOH .  ? A HOH 185 ? 1_555 ZN ? C ZN . ? A ZN 238 ? 1_555 O   ? D HOH .  ? A HOH 204 ? 1_555 91.9  ? 
# 
loop_
_struct_sheet.id 
_struct_sheet.type 
_struct_sheet.number_strands 
_struct_sheet.details 
A ? 3 ? 
B ? 4 ? 
C ? 2 ? 
# 
loop_
_struct_sheet_order.sheet_id 
_struct_sheet_order.range_id_1 
_struct_sheet_order.range_id_2 
_struct_sheet_order.offset 
_struct_sheet_order.sense 
A 1 2 ? anti-parallel 
A 2 3 ? anti-parallel 
B 1 2 ? anti-parallel 
B 2 3 ? anti-parallel 
B 3 4 ? anti-parallel 
C 1 2 ? anti-parallel 
# 
loop_
_struct_sheet_range.sheet_id 
_struct_sheet_range.id 
_struct_sheet_range.beg_label_comp_id 
_struct_sheet_range.beg_label_asym_id 
_struct_sheet_range.beg_label_seq_id 
_struct_sheet_range.pdbx_beg_PDB_ins_code 
_struct_sheet_range.end_label_comp_id 
_struct_sheet_range.end_label_asym_id 
_struct_sheet_range.end_label_seq_id 
_struct_sheet_range.pdbx_end_PDB_ins_code 
_struct_sheet_range.beg_auth_comp_id 
_struct_sheet_range.beg_auth_asym_id 
_struct_sheet_range.beg_auth_seq_id 
_struct_sheet_range.end_auth_comp_id 
_struct_sheet_range.end_auth_asym_id 
_struct_sheet_range.end_auth_seq_id 
A 1 ILE A 14 ? THR A 15 ? ILE A 56  THR A 57  
A 2 LYS A 2  ? VAL A 11 ? LYS A 44  VAL A 53  
A 3 THR A 20 ? PRO A 25 ? THR A 62  PRO A 67  
B 1 ILE A 14 ? THR A 15 ? ILE A 56  THR A 57  
B 2 LYS A 2  ? VAL A 11 ? LYS A 44  VAL A 53  
B 3 THR A 59 ? LEU A 66 ? THR A 101 LEU A 108 
B 4 LYS A 71 ? ASN A 75 ? LYS A 113 ASN A 117 
C 1 VAL A 30 ? LEU A 31 ? VAL A 72  LEU A 73  
C 2 SER A 85 ? ILE A 86 ? SER A 127 ILE A 128 
# 
loop_
_pdbx_struct_sheet_hbond.sheet_id 
_pdbx_struct_sheet_hbond.range_id_1 
_pdbx_struct_sheet_hbond.range_id_2 
_pdbx_struct_sheet_hbond.range_1_label_atom_id 
_pdbx_struct_sheet_hbond.range_1_label_comp_id 
_pdbx_struct_sheet_hbond.range_1_label_asym_id 
_pdbx_struct_sheet_hbond.range_1_label_seq_id 
_pdbx_struct_sheet_hbond.range_1_PDB_ins_code 
_pdbx_struct_sheet_hbond.range_1_auth_atom_id 
_pdbx_struct_sheet_hbond.range_1_auth_comp_id 
_pdbx_struct_sheet_hbond.range_1_auth_asym_id 
_pdbx_struct_sheet_hbond.range_1_auth_seq_id 
_pdbx_struct_sheet_hbond.range_2_label_atom_id 
_pdbx_struct_sheet_hbond.range_2_label_comp_id 
_pdbx_struct_sheet_hbond.range_2_label_asym_id 
_pdbx_struct_sheet_hbond.range_2_label_seq_id 
_pdbx_struct_sheet_hbond.range_2_PDB_ins_code 
_pdbx_struct_sheet_hbond.range_2_auth_atom_id 
_pdbx_struct_sheet_hbond.range_2_auth_comp_id 
_pdbx_struct_sheet_hbond.range_2_auth_asym_id 
_pdbx_struct_sheet_hbond.range_2_auth_seq_id 
A 1 2 O ILE A 14 ? O ILE A 56  N VAL A 11 ? N VAL A 53  
A 2 3 N HIS A 3  ? N HIS A 45  O PHE A 24 ? O PHE A 66  
B 1 2 O ILE A 14 ? O ILE A 56  N VAL A 11 ? N VAL A 53  
B 2 3 O VAL A 97 ? O VAL A 139 N THR A 61 ? N THR A 103 
B 3 4 N LEU A 64 ? N LEU A 106 O LYS A 72 ? O LYS A 114 
C 1 2 N VAL A 30 ? N VAL A 72  O ILE A 86 ? O ILE A 128 
# 
loop_
_struct_site.id 
_struct_site.pdbx_evidence_code 
_struct_site.pdbx_auth_asym_id 
_struct_site.pdbx_auth_comp_id 
_struct_site.pdbx_auth_seq_id 
_struct_site.pdbx_auth_ins_code 
_struct_site.pdbx_num_residues 
_struct_site.details 
AC1 Software A ZN 237 ? 5 'BINDING SITE FOR RESIDUE ZN A 237' 
AC2 Software A ZN 238 ? 6 'BINDING SITE FOR RESIDUE ZN A 238' 
# 
loop_
_struct_site_gen.id 
_struct_site_gen.site_id 
_struct_site_gen.pdbx_num_res 
_struct_site_gen.label_comp_id 
_struct_site_gen.label_asym_id 
_struct_site_gen.label_seq_id 
_struct_site_gen.pdbx_auth_ins_code 
_struct_site_gen.auth_comp_id 
_struct_site_gen.auth_asym_id 
_struct_site_gen.auth_seq_id 
_struct_site_gen.label_atom_id 
_struct_site_gen.label_alt_id 
_struct_site_gen.symmetry 
_struct_site_gen.details 
1  AC1 5 HIS A 3  ? HIS A 45  . ? 1_555 ? 
2  AC1 5 GLU A 26 ? GLU A 68  . ? 1_555 ? 
3  AC1 5 GLU A 52 ? GLU A 94  . ? 1_655 ? 
4  AC1 5 HOH D .  ? HOH A 187 . ? 1_655 ? 
5  AC1 5 HOH D .  ? HOH A 188 . ? 1_655 ? 
6  AC2 6 GLU A 42 ? GLU A 84  . ? 3_665 ? 
7  AC2 6 ASP A 68 ? ASP A 110 . ? 1_555 ? 
8  AC2 6 HOH D .  ? HOH A 145 . ? 1_555 ? 
9  AC2 6 HOH D .  ? HOH A 185 . ? 1_555 ? 
10 AC2 6 HOH D .  ? HOH A 204 . ? 1_555 ? 
11 AC2 6 HOH D .  ? HOH A 208 . ? 3_665 ? 
# 
loop_
_pdbx_validate_torsion.id 
_pdbx_validate_torsion.PDB_model_num 
_pdbx_validate_torsion.auth_comp_id 
_pdbx_validate_torsion.auth_asym_id 
_pdbx_validate_torsion.auth_seq_id 
_pdbx_validate_torsion.PDB_ins_code 
_pdbx_validate_torsion.label_alt_id 
_pdbx_validate_torsion.phi 
_pdbx_validate_torsion.psi 
1 1 ALA A 58  ? ? -107.92 -97.58 
2 1 ARG A 61  ? ? 37.03   66.13  
3 1 ASN A 69  ? ? 37.33   45.69  
4 1 LYS A 120 ? ? -164.28 99.66  
# 
loop_
_chem_comp_atom.comp_id 
_chem_comp_atom.atom_id 
_chem_comp_atom.type_symbol 
_chem_comp_atom.pdbx_aromatic_flag 
_chem_comp_atom.pdbx_stereo_config 
_chem_comp_atom.pdbx_ordinal 
ALA N    N  N N 1   
ALA CA   C  N S 2   
ALA C    C  N N 3   
ALA O    O  N N 4   
ALA CB   C  N N 5   
ALA OXT  O  N N 6   
ALA H    H  N N 7   
ALA H2   H  N N 8   
ALA HA   H  N N 9   
ALA HB1  H  N N 10  
ALA HB2  H  N N 11  
ALA HB3  H  N N 12  
ALA HXT  H  N N 13  
ARG N    N  N N 14  
ARG CA   C  N S 15  
ARG C    C  N N 16  
ARG O    O  N N 17  
ARG CB   C  N N 18  
ARG CG   C  N N 19  
ARG CD   C  N N 20  
ARG NE   N  N N 21  
ARG CZ   C  N N 22  
ARG NH1  N  N N 23  
ARG NH2  N  N N 24  
ARG OXT  O  N N 25  
ARG H    H  N N 26  
ARG H2   H  N N 27  
ARG HA   H  N N 28  
ARG HB2  H  N N 29  
ARG HB3  H  N N 30  
ARG HG2  H  N N 31  
ARG HG3  H  N N 32  
ARG HD2  H  N N 33  
ARG HD3  H  N N 34  
ARG HE   H  N N 35  
ARG HH11 H  N N 36  
ARG HH12 H  N N 37  
ARG HH21 H  N N 38  
ARG HH22 H  N N 39  
ARG HXT  H  N N 40  
ASN N    N  N N 41  
ASN CA   C  N S 42  
ASN C    C  N N 43  
ASN O    O  N N 44  
ASN CB   C  N N 45  
ASN CG   C  N N 46  
ASN OD1  O  N N 47  
ASN ND2  N  N N 48  
ASN OXT  O  N N 49  
ASN H    H  N N 50  
ASN H2   H  N N 51  
ASN HA   H  N N 52  
ASN HB2  H  N N 53  
ASN HB3  H  N N 54  
ASN HD21 H  N N 55  
ASN HD22 H  N N 56  
ASN HXT  H  N N 57  
ASP N    N  N N 58  
ASP CA   C  N S 59  
ASP C    C  N N 60  
ASP O    O  N N 61  
ASP CB   C  N N 62  
ASP CG   C  N N 63  
ASP OD1  O  N N 64  
ASP OD2  O  N N 65  
ASP OXT  O  N N 66  
ASP H    H  N N 67  
ASP H2   H  N N 68  
ASP HA   H  N N 69  
ASP HB2  H  N N 70  
ASP HB3  H  N N 71  
ASP HD2  H  N N 72  
ASP HXT  H  N N 73  
GLN N    N  N N 74  
GLN CA   C  N S 75  
GLN C    C  N N 76  
GLN O    O  N N 77  
GLN CB   C  N N 78  
GLN CG   C  N N 79  
GLN CD   C  N N 80  
GLN OE1  O  N N 81  
GLN NE2  N  N N 82  
GLN OXT  O  N N 83  
GLN H    H  N N 84  
GLN H2   H  N N 85  
GLN HA   H  N N 86  
GLN HB2  H  N N 87  
GLN HB3  H  N N 88  
GLN HG2  H  N N 89  
GLN HG3  H  N N 90  
GLN HE21 H  N N 91  
GLN HE22 H  N N 92  
GLN HXT  H  N N 93  
GLU N    N  N N 94  
GLU CA   C  N S 95  
GLU C    C  N N 96  
GLU O    O  N N 97  
GLU CB   C  N N 98  
GLU CG   C  N N 99  
GLU CD   C  N N 100 
GLU OE1  O  N N 101 
GLU OE2  O  N N 102 
GLU OXT  O  N N 103 
GLU H    H  N N 104 
GLU H2   H  N N 105 
GLU HA   H  N N 106 
GLU HB2  H  N N 107 
GLU HB3  H  N N 108 
GLU HG2  H  N N 109 
GLU HG3  H  N N 110 
GLU HE2  H  N N 111 
GLU HXT  H  N N 112 
GLY N    N  N N 113 
GLY CA   C  N N 114 
GLY C    C  N N 115 
GLY O    O  N N 116 
GLY OXT  O  N N 117 
GLY H    H  N N 118 
GLY H2   H  N N 119 
GLY HA2  H  N N 120 
GLY HA3  H  N N 121 
GLY HXT  H  N N 122 
HIS N    N  N N 123 
HIS CA   C  N S 124 
HIS C    C  N N 125 
HIS O    O  N N 126 
HIS CB   C  N N 127 
HIS CG   C  Y N 128 
HIS ND1  N  Y N 129 
HIS CD2  C  Y N 130 
HIS CE1  C  Y N 131 
HIS NE2  N  Y N 132 
HIS OXT  O  N N 133 
HIS H    H  N N 134 
HIS H2   H  N N 135 
HIS HA   H  N N 136 
HIS HB2  H  N N 137 
HIS HB3  H  N N 138 
HIS HD1  H  N N 139 
HIS HD2  H  N N 140 
HIS HE1  H  N N 141 
HIS HE2  H  N N 142 
HIS HXT  H  N N 143 
HOH O    O  N N 144 
HOH H1   H  N N 145 
HOH H2   H  N N 146 
ILE N    N  N N 147 
ILE CA   C  N S 148 
ILE C    C  N N 149 
ILE O    O  N N 150 
ILE CB   C  N S 151 
ILE CG1  C  N N 152 
ILE CG2  C  N N 153 
ILE CD1  C  N N 154 
ILE OXT  O  N N 155 
ILE H    H  N N 156 
ILE H2   H  N N 157 
ILE HA   H  N N 158 
ILE HB   H  N N 159 
ILE HG12 H  N N 160 
ILE HG13 H  N N 161 
ILE HG21 H  N N 162 
ILE HG22 H  N N 163 
ILE HG23 H  N N 164 
ILE HD11 H  N N 165 
ILE HD12 H  N N 166 
ILE HD13 H  N N 167 
ILE HXT  H  N N 168 
LEU N    N  N N 169 
LEU CA   C  N S 170 
LEU C    C  N N 171 
LEU O    O  N N 172 
LEU CB   C  N N 173 
LEU CG   C  N N 174 
LEU CD1  C  N N 175 
LEU CD2  C  N N 176 
LEU OXT  O  N N 177 
LEU H    H  N N 178 
LEU H2   H  N N 179 
LEU HA   H  N N 180 
LEU HB2  H  N N 181 
LEU HB3  H  N N 182 
LEU HG   H  N N 183 
LEU HD11 H  N N 184 
LEU HD12 H  N N 185 
LEU HD13 H  N N 186 
LEU HD21 H  N N 187 
LEU HD22 H  N N 188 
LEU HD23 H  N N 189 
LEU HXT  H  N N 190 
LYS N    N  N N 191 
LYS CA   C  N S 192 
LYS C    C  N N 193 
LYS O    O  N N 194 
LYS CB   C  N N 195 
LYS CG   C  N N 196 
LYS CD   C  N N 197 
LYS CE   C  N N 198 
LYS NZ   N  N N 199 
LYS OXT  O  N N 200 
LYS H    H  N N 201 
LYS H2   H  N N 202 
LYS HA   H  N N 203 
LYS HB2  H  N N 204 
LYS HB3  H  N N 205 
LYS HG2  H  N N 206 
LYS HG3  H  N N 207 
LYS HD2  H  N N 208 
LYS HD3  H  N N 209 
LYS HE2  H  N N 210 
LYS HE3  H  N N 211 
LYS HZ1  H  N N 212 
LYS HZ2  H  N N 213 
LYS HZ3  H  N N 214 
LYS HXT  H  N N 215 
PHE N    N  N N 216 
PHE CA   C  N S 217 
PHE C    C  N N 218 
PHE O    O  N N 219 
PHE CB   C  N N 220 
PHE CG   C  Y N 221 
PHE CD1  C  Y N 222 
PHE CD2  C  Y N 223 
PHE CE1  C  Y N 224 
PHE CE2  C  Y N 225 
PHE CZ   C  Y N 226 
PHE OXT  O  N N 227 
PHE H    H  N N 228 
PHE H2   H  N N 229 
PHE HA   H  N N 230 
PHE HB2  H  N N 231 
PHE HB3  H  N N 232 
PHE HD1  H  N N 233 
PHE HD2  H  N N 234 
PHE HE1  H  N N 235 
PHE HE2  H  N N 236 
PHE HZ   H  N N 237 
PHE HXT  H  N N 238 
PRO N    N  N N 239 
PRO CA   C  N S 240 
PRO C    C  N N 241 
PRO O    O  N N 242 
PRO CB   C  N N 243 
PRO CG   C  N N 244 
PRO CD   C  N N 245 
PRO OXT  O  N N 246 
PRO H    H  N N 247 
PRO HA   H  N N 248 
PRO HB2  H  N N 249 
PRO HB3  H  N N 250 
PRO HG2  H  N N 251 
PRO HG3  H  N N 252 
PRO HD2  H  N N 253 
PRO HD3  H  N N 254 
PRO HXT  H  N N 255 
SER N    N  N N 256 
SER CA   C  N S 257 
SER C    C  N N 258 
SER O    O  N N 259 
SER CB   C  N N 260 
SER OG   O  N N 261 
SER OXT  O  N N 262 
SER H    H  N N 263 
SER H2   H  N N 264 
SER HA   H  N N 265 
SER HB2  H  N N 266 
SER HB3  H  N N 267 
SER HG   H  N N 268 
SER HXT  H  N N 269 
THR N    N  N N 270 
THR CA   C  N S 271 
THR C    C  N N 272 
THR O    O  N N 273 
THR CB   C  N R 274 
THR OG1  O  N N 275 
THR CG2  C  N N 276 
THR OXT  O  N N 277 
THR H    H  N N 278 
THR H2   H  N N 279 
THR HA   H  N N 280 
THR HB   H  N N 281 
THR HG1  H  N N 282 
THR HG21 H  N N 283 
THR HG22 H  N N 284 
THR HG23 H  N N 285 
THR HXT  H  N N 286 
TYR N    N  N N 287 
TYR CA   C  N S 288 
TYR C    C  N N 289 
TYR O    O  N N 290 
TYR CB   C  N N 291 
TYR CG   C  Y N 292 
TYR CD1  C  Y N 293 
TYR CD2  C  Y N 294 
TYR CE1  C  Y N 295 
TYR CE2  C  Y N 296 
TYR CZ   C  Y N 297 
TYR OH   O  N N 298 
TYR OXT  O  N N 299 
TYR H    H  N N 300 
TYR H2   H  N N 301 
TYR HA   H  N N 302 
TYR HB2  H  N N 303 
TYR HB3  H  N N 304 
TYR HD1  H  N N 305 
TYR HD2  H  N N 306 
TYR HE1  H  N N 307 
TYR HE2  H  N N 308 
TYR HH   H  N N 309 
TYR HXT  H  N N 310 
VAL N    N  N N 311 
VAL CA   C  N S 312 
VAL C    C  N N 313 
VAL O    O  N N 314 
VAL CB   C  N N 315 
VAL CG1  C  N N 316 
VAL CG2  C  N N 317 
VAL OXT  O  N N 318 
VAL H    H  N N 319 
VAL H2   H  N N 320 
VAL HA   H  N N 321 
VAL HB   H  N N 322 
VAL HG11 H  N N 323 
VAL HG12 H  N N 324 
VAL HG13 H  N N 325 
VAL HG21 H  N N 326 
VAL HG22 H  N N 327 
VAL HG23 H  N N 328 
VAL HXT  H  N N 329 
ZN  ZN   ZN N N 330 
# 
loop_
_chem_comp_bond.comp_id 
_chem_comp_bond.atom_id_1 
_chem_comp_bond.atom_id_2 
_chem_comp_bond.value_order 
_chem_comp_bond.pdbx_aromatic_flag 
_chem_comp_bond.pdbx_stereo_config 
_chem_comp_bond.pdbx_ordinal 
ALA N   CA   sing N N 1   
ALA N   H    sing N N 2   
ALA N   H2   sing N N 3   
ALA CA  C    sing N N 4   
ALA CA  CB   sing N N 5   
ALA CA  HA   sing N N 6   
ALA C   O    doub N N 7   
ALA C   OXT  sing N N 8   
ALA CB  HB1  sing N N 9   
ALA CB  HB2  sing N N 10  
ALA CB  HB3  sing N N 11  
ALA OXT HXT  sing N N 12  
ARG N   CA   sing N N 13  
ARG N   H    sing N N 14  
ARG N   H2   sing N N 15  
ARG CA  C    sing N N 16  
ARG CA  CB   sing N N 17  
ARG CA  HA   sing N N 18  
ARG C   O    doub N N 19  
ARG C   OXT  sing N N 20  
ARG CB  CG   sing N N 21  
ARG CB  HB2  sing N N 22  
ARG CB  HB3  sing N N 23  
ARG CG  CD   sing N N 24  
ARG CG  HG2  sing N N 25  
ARG CG  HG3  sing N N 26  
ARG CD  NE   sing N N 27  
ARG CD  HD2  sing N N 28  
ARG CD  HD3  sing N N 29  
ARG NE  CZ   sing N N 30  
ARG NE  HE   sing N N 31  
ARG CZ  NH1  sing N N 32  
ARG CZ  NH2  doub N N 33  
ARG NH1 HH11 sing N N 34  
ARG NH1 HH12 sing N N 35  
ARG NH2 HH21 sing N N 36  
ARG NH2 HH22 sing N N 37  
ARG OXT HXT  sing N N 38  
ASN N   CA   sing N N 39  
ASN N   H    sing N N 40  
ASN N   H2   sing N N 41  
ASN CA  C    sing N N 42  
ASN CA  CB   sing N N 43  
ASN CA  HA   sing N N 44  
ASN C   O    doub N N 45  
ASN C   OXT  sing N N 46  
ASN CB  CG   sing N N 47  
ASN CB  HB2  sing N N 48  
ASN CB  HB3  sing N N 49  
ASN CG  OD1  doub N N 50  
ASN CG  ND2  sing N N 51  
ASN ND2 HD21 sing N N 52  
ASN ND2 HD22 sing N N 53  
ASN OXT HXT  sing N N 54  
ASP N   CA   sing N N 55  
ASP N   H    sing N N 56  
ASP N   H2   sing N N 57  
ASP CA  C    sing N N 58  
ASP CA  CB   sing N N 59  
ASP CA  HA   sing N N 60  
ASP C   O    doub N N 61  
ASP C   OXT  sing N N 62  
ASP CB  CG   sing N N 63  
ASP CB  HB2  sing N N 64  
ASP CB  HB3  sing N N 65  
ASP CG  OD1  doub N N 66  
ASP CG  OD2  sing N N 67  
ASP OD2 HD2  sing N N 68  
ASP OXT HXT  sing N N 69  
GLN N   CA   sing N N 70  
GLN N   H    sing N N 71  
GLN N   H2   sing N N 72  
GLN CA  C    sing N N 73  
GLN CA  CB   sing N N 74  
GLN CA  HA   sing N N 75  
GLN C   O    doub N N 76  
GLN C   OXT  sing N N 77  
GLN CB  CG   sing N N 78  
GLN CB  HB2  sing N N 79  
GLN CB  HB3  sing N N 80  
GLN CG  CD   sing N N 81  
GLN CG  HG2  sing N N 82  
GLN CG  HG3  sing N N 83  
GLN CD  OE1  doub N N 84  
GLN CD  NE2  sing N N 85  
GLN NE2 HE21 sing N N 86  
GLN NE2 HE22 sing N N 87  
GLN OXT HXT  sing N N 88  
GLU N   CA   sing N N 89  
GLU N   H    sing N N 90  
GLU N   H2   sing N N 91  
GLU CA  C    sing N N 92  
GLU CA  CB   sing N N 93  
GLU CA  HA   sing N N 94  
GLU C   O    doub N N 95  
GLU C   OXT  sing N N 96  
GLU CB  CG   sing N N 97  
GLU CB  HB2  sing N N 98  
GLU CB  HB3  sing N N 99  
GLU CG  CD   sing N N 100 
GLU CG  HG2  sing N N 101 
GLU CG  HG3  sing N N 102 
GLU CD  OE1  doub N N 103 
GLU CD  OE2  sing N N 104 
GLU OE2 HE2  sing N N 105 
GLU OXT HXT  sing N N 106 
GLY N   CA   sing N N 107 
GLY N   H    sing N N 108 
GLY N   H2   sing N N 109 
GLY CA  C    sing N N 110 
GLY CA  HA2  sing N N 111 
GLY CA  HA3  sing N N 112 
GLY C   O    doub N N 113 
GLY C   OXT  sing N N 114 
GLY OXT HXT  sing N N 115 
HIS N   CA   sing N N 116 
HIS N   H    sing N N 117 
HIS N   H2   sing N N 118 
HIS CA  C    sing N N 119 
HIS CA  CB   sing N N 120 
HIS CA  HA   sing N N 121 
HIS C   O    doub N N 122 
HIS C   OXT  sing N N 123 
HIS CB  CG   sing N N 124 
HIS CB  HB2  sing N N 125 
HIS CB  HB3  sing N N 126 
HIS CG  ND1  sing Y N 127 
HIS CG  CD2  doub Y N 128 
HIS ND1 CE1  doub Y N 129 
HIS ND1 HD1  sing N N 130 
HIS CD2 NE2  sing Y N 131 
HIS CD2 HD2  sing N N 132 
HIS CE1 NE2  sing Y N 133 
HIS CE1 HE1  sing N N 134 
HIS NE2 HE2  sing N N 135 
HIS OXT HXT  sing N N 136 
HOH O   H1   sing N N 137 
HOH O   H2   sing N N 138 
ILE N   CA   sing N N 139 
ILE N   H    sing N N 140 
ILE N   H2   sing N N 141 
ILE CA  C    sing N N 142 
ILE CA  CB   sing N N 143 
ILE CA  HA   sing N N 144 
ILE C   O    doub N N 145 
ILE C   OXT  sing N N 146 
ILE CB  CG1  sing N N 147 
ILE CB  CG2  sing N N 148 
ILE CB  HB   sing N N 149 
ILE CG1 CD1  sing N N 150 
ILE CG1 HG12 sing N N 151 
ILE CG1 HG13 sing N N 152 
ILE CG2 HG21 sing N N 153 
ILE CG2 HG22 sing N N 154 
ILE CG2 HG23 sing N N 155 
ILE CD1 HD11 sing N N 156 
ILE CD1 HD12 sing N N 157 
ILE CD1 HD13 sing N N 158 
ILE OXT HXT  sing N N 159 
LEU N   CA   sing N N 160 
LEU N   H    sing N N 161 
LEU N   H2   sing N N 162 
LEU CA  C    sing N N 163 
LEU CA  CB   sing N N 164 
LEU CA  HA   sing N N 165 
LEU C   O    doub N N 166 
LEU C   OXT  sing N N 167 
LEU CB  CG   sing N N 168 
LEU CB  HB2  sing N N 169 
LEU CB  HB3  sing N N 170 
LEU CG  CD1  sing N N 171 
LEU CG  CD2  sing N N 172 
LEU CG  HG   sing N N 173 
LEU CD1 HD11 sing N N 174 
LEU CD1 HD12 sing N N 175 
LEU CD1 HD13 sing N N 176 
LEU CD2 HD21 sing N N 177 
LEU CD2 HD22 sing N N 178 
LEU CD2 HD23 sing N N 179 
LEU OXT HXT  sing N N 180 
LYS N   CA   sing N N 181 
LYS N   H    sing N N 182 
LYS N   H2   sing N N 183 
LYS CA  C    sing N N 184 
LYS CA  CB   sing N N 185 
LYS CA  HA   sing N N 186 
LYS C   O    doub N N 187 
LYS C   OXT  sing N N 188 
LYS CB  CG   sing N N 189 
LYS CB  HB2  sing N N 190 
LYS CB  HB3  sing N N 191 
LYS CG  CD   sing N N 192 
LYS CG  HG2  sing N N 193 
LYS CG  HG3  sing N N 194 
LYS CD  CE   sing N N 195 
LYS CD  HD2  sing N N 196 
LYS CD  HD3  sing N N 197 
LYS CE  NZ   sing N N 198 
LYS CE  HE2  sing N N 199 
LYS CE  HE3  sing N N 200 
LYS NZ  HZ1  sing N N 201 
LYS NZ  HZ2  sing N N 202 
LYS NZ  HZ3  sing N N 203 
LYS OXT HXT  sing N N 204 
PHE N   CA   sing N N 205 
PHE N   H    sing N N 206 
PHE N   H2   sing N N 207 
PHE CA  C    sing N N 208 
PHE CA  CB   sing N N 209 
PHE CA  HA   sing N N 210 
PHE C   O    doub N N 211 
PHE C   OXT  sing N N 212 
PHE CB  CG   sing N N 213 
PHE CB  HB2  sing N N 214 
PHE CB  HB3  sing N N 215 
PHE CG  CD1  doub Y N 216 
PHE CG  CD2  sing Y N 217 
PHE CD1 CE1  sing Y N 218 
PHE CD1 HD1  sing N N 219 
PHE CD2 CE2  doub Y N 220 
PHE CD2 HD2  sing N N 221 
PHE CE1 CZ   doub Y N 222 
PHE CE1 HE1  sing N N 223 
PHE CE2 CZ   sing Y N 224 
PHE CE2 HE2  sing N N 225 
PHE CZ  HZ   sing N N 226 
PHE OXT HXT  sing N N 227 
PRO N   CA   sing N N 228 
PRO N   CD   sing N N 229 
PRO N   H    sing N N 230 
PRO CA  C    sing N N 231 
PRO CA  CB   sing N N 232 
PRO CA  HA   sing N N 233 
PRO C   O    doub N N 234 
PRO C   OXT  sing N N 235 
PRO CB  CG   sing N N 236 
PRO CB  HB2  sing N N 237 
PRO CB  HB3  sing N N 238 
PRO CG  CD   sing N N 239 
PRO CG  HG2  sing N N 240 
PRO CG  HG3  sing N N 241 
PRO CD  HD2  sing N N 242 
PRO CD  HD3  sing N N 243 
PRO OXT HXT  sing N N 244 
SER N   CA   sing N N 245 
SER N   H    sing N N 246 
SER N   H2   sing N N 247 
SER CA  C    sing N N 248 
SER CA  CB   sing N N 249 
SER CA  HA   sing N N 250 
SER C   O    doub N N 251 
SER C   OXT  sing N N 252 
SER CB  OG   sing N N 253 
SER CB  HB2  sing N N 254 
SER CB  HB3  sing N N 255 
SER OG  HG   sing N N 256 
SER OXT HXT  sing N N 257 
THR N   CA   sing N N 258 
THR N   H    sing N N 259 
THR N   H2   sing N N 260 
THR CA  C    sing N N 261 
THR CA  CB   sing N N 262 
THR CA  HA   sing N N 263 
THR C   O    doub N N 264 
THR C   OXT  sing N N 265 
THR CB  OG1  sing N N 266 
THR CB  CG2  sing N N 267 
THR CB  HB   sing N N 268 
THR OG1 HG1  sing N N 269 
THR CG2 HG21 sing N N 270 
THR CG2 HG22 sing N N 271 
THR CG2 HG23 sing N N 272 
THR OXT HXT  sing N N 273 
TYR N   CA   sing N N 274 
TYR N   H    sing N N 275 
TYR N   H2   sing N N 276 
TYR CA  C    sing N N 277 
TYR CA  CB   sing N N 278 
TYR CA  HA   sing N N 279 
TYR C   O    doub N N 280 
TYR C   OXT  sing N N 281 
TYR CB  CG   sing N N 282 
TYR CB  HB2  sing N N 283 
TYR CB  HB3  sing N N 284 
TYR CG  CD1  doub Y N 285 
TYR CG  CD2  sing Y N 286 
TYR CD1 CE1  sing Y N 287 
TYR CD1 HD1  sing N N 288 
TYR CD2 CE2  doub Y N 289 
TYR CD2 HD2  sing N N 290 
TYR CE1 CZ   doub Y N 291 
TYR CE1 HE1  sing N N 292 
TYR CE2 CZ   sing Y N 293 
TYR CE2 HE2  sing N N 294 
TYR CZ  OH   sing N N 295 
TYR OH  HH   sing N N 296 
TYR OXT HXT  sing N N 297 
VAL N   CA   sing N N 298 
VAL N   H    sing N N 299 
VAL N   H2   sing N N 300 
VAL CA  C    sing N N 301 
VAL CA  CB   sing N N 302 
VAL CA  HA   sing N N 303 
VAL C   O    doub N N 304 
VAL C   OXT  sing N N 305 
VAL CB  CG1  sing N N 306 
VAL CB  CG2  sing N N 307 
VAL CB  HB   sing N N 308 
VAL CG1 HG11 sing N N 309 
VAL CG1 HG12 sing N N 310 
VAL CG1 HG13 sing N N 311 
VAL CG2 HG21 sing N N 312 
VAL CG2 HG22 sing N N 313 
VAL CG2 HG23 sing N N 314 
VAL OXT HXT  sing N N 315 
# 
_atom_sites.entry_id                    1YN4 
_atom_sites.fract_transf_matrix[1][1]   -0.00714683 
_atom_sites.fract_transf_matrix[1][2]   -0.00372243 
_atom_sites.fract_transf_matrix[1][3]   0.02884893 
_atom_sites.fract_transf_matrix[2][1]   -0.02517640 
_atom_sites.fract_transf_matrix[2][2]   0.01205057 
_atom_sites.fract_transf_matrix[2][3]   0.01086807 
_atom_sites.fract_transf_matrix[3][1]   -0.00721527 
_atom_sites.fract_transf_matrix[3][2]   -0.01205899 
_atom_sites.fract_transf_matrix[3][3]   -0.00334346 
_atom_sites.fract_transf_vector[1]      0.542526 
_atom_sites.fract_transf_vector[2]      0.425091 
_atom_sites.fract_transf_vector[3]      -0.008674 
# 
loop_
_atom_type.symbol 
C  
N  
O  
ZN 
# 
loop_
_atom_site.group_PDB 
_atom_site.id 
_atom_site.type_symbol 
_atom_site.label_atom_id 
_atom_site.label_alt_id 
_atom_site.label_comp_id 
_atom_site.label_asym_id 
_atom_site.label_entity_id 
_atom_site.label_seq_id 
_atom_site.pdbx_PDB_ins_code 
_atom_site.Cartn_x 
_atom_site.Cartn_y 
_atom_site.Cartn_z 
_atom_site.occupancy 
_atom_site.B_iso_or_equiv 
_atom_site.pdbx_formal_charge 
_atom_site.auth_seq_id 
_atom_site.auth_comp_id 
_atom_site.auth_asym_id 
_atom_site.auth_atom_id 
_atom_site.pdbx_PDB_model_num 
ATOM   1   N  N   . GLY A 1 1  ? 3.922   3.379   20.342  1.00 39.56 ? 43  GLY A N   1 
ATOM   2   C  CA  . GLY A 1 1  ? 3.124   4.596   20.066  1.00 36.58 ? 43  GLY A CA  1 
ATOM   3   C  C   . GLY A 1 1  ? 2.891   4.727   18.576  1.00 36.30 ? 43  GLY A C   1 
ATOM   4   O  O   . GLY A 1 1  ? 1.789   5.069   18.145  1.00 35.95 ? 43  GLY A O   1 
ATOM   5   N  N   . LYS A 1 2  ? 3.927   4.444   17.790  1.00 35.26 ? 44  LYS A N   1 
ATOM   6   C  CA  . LYS A 1 2  ? 3.853   4.535   16.335  1.00 34.00 ? 44  LYS A CA  1 
ATOM   7   C  C   . LYS A 1 2  ? 4.274   3.215   15.703  1.00 31.67 ? 44  LYS A C   1 
ATOM   8   O  O   . LYS A 1 2  ? 5.330   2.677   16.025  1.00 31.61 ? 44  LYS A O   1 
ATOM   9   C  CB  . LYS A 1 2  ? 4.767   5.657   15.834  1.00 35.26 ? 44  LYS A CB  1 
ATOM   10  C  CG  . LYS A 1 2  ? 4.371   7.038   16.317  1.00 38.41 ? 44  LYS A CG  1 
ATOM   11  C  CD  . LYS A 1 2  ? 5.460   8.060   16.027  1.00 40.16 ? 44  LYS A CD  1 
ATOM   12  C  CE  . LYS A 1 2  ? 5.065   9.429   16.559  1.00 42.42 ? 44  LYS A CE  1 
ATOM   13  N  NZ  . LYS A 1 2  ? 6.175   10.413  16.445  1.00 44.91 ? 44  LYS A NZ  1 
ATOM   14  N  N   . HIS A 1 3  ? 3.441   2.706   14.800  1.00 28.11 ? 45  HIS A N   1 
ATOM   15  C  CA  . HIS A 1 3  ? 3.706   1.440   14.122  1.00 25.20 ? 45  HIS A CA  1 
ATOM   16  C  C   . HIS A 1 3  ? 4.329   1.694   12.767  1.00 23.83 ? 45  HIS A C   1 
ATOM   17  O  O   . HIS A 1 3  ? 3.749   2.367   11.918  1.00 23.67 ? 45  HIS A O   1 
ATOM   18  C  CB  . HIS A 1 3  ? 2.400   0.660   13.934  1.00 26.36 ? 45  HIS A CB  1 
ATOM   19  C  CG  . HIS A 1 3  ? 2.566   -0.664  13.255  1.00 26.87 ? 45  HIS A CG  1 
ATOM   20  N  ND1 . HIS A 1 3  ? 3.176   -1.742  13.855  1.00 26.41 ? 45  HIS A ND1 1 
ATOM   21  C  CD2 . HIS A 1 3  ? 2.164   -1.094  12.036  1.00 25.65 ? 45  HIS A CD2 1 
ATOM   22  C  CE1 . HIS A 1 3  ? 3.139   -2.784  13.041  1.00 27.90 ? 45  HIS A CE1 1 
ATOM   23  N  NE2 . HIS A 1 3  ? 2.531   -2.414  11.932  1.00 25.67 ? 45  HIS A NE2 1 
ATOM   24  N  N   . THR A 1 4  ? 5.525   1.163   12.572  1.00 20.61 ? 46  THR A N   1 
ATOM   25  C  CA  . THR A 1 4  ? 6.215   1.333   11.303  1.00 21.45 ? 46  THR A CA  1 
ATOM   26  C  C   . THR A 1 4  ? 5.935   0.132   10.406  1.00 20.15 ? 46  THR A C   1 
ATOM   27  O  O   . THR A 1 4  ? 5.905   -1.007  10.868  1.00 21.48 ? 46  THR A O   1 
ATOM   28  C  CB  . THR A 1 4  ? 7.731   1.501   11.519  1.00 21.78 ? 46  THR A CB  1 
ATOM   29  O  OG1 . THR A 1 4  ? 8.228   0.405   12.293  1.00 25.88 ? 46  THR A OG1 1 
ATOM   30  C  CG2 . THR A 1 4  ? 8.034   2.821   12.241  1.00 23.36 ? 46  THR A CG2 1 
ATOM   31  N  N   . VAL A 1 5  ? 5.720   0.394   9.121   1.00 19.28 ? 47  VAL A N   1 
ATOM   32  C  CA  . VAL A 1 5  ? 5.435   -0.667  8.157   1.00 18.78 ? 47  VAL A CA  1 
ATOM   33  C  C   . VAL A 1 5  ? 6.323   -0.516  6.927   1.00 18.83 ? 47  VAL A C   1 
ATOM   34  O  O   . VAL A 1 5  ? 6.146   0.418   6.145   1.00 17.96 ? 47  VAL A O   1 
ATOM   35  C  CB  . VAL A 1 5  ? 3.971   -0.610  7.680   1.00 17.05 ? 47  VAL A CB  1 
ATOM   36  C  CG1 . VAL A 1 5  ? 3.676   -1.761  6.743   1.00 20.46 ? 47  VAL A CG1 1 
ATOM   37  C  CG2 . VAL A 1 5  ? 3.039   -0.622  8.871   1.00 21.04 ? 47  VAL A CG2 1 
ATOM   38  N  N   . PRO A 1 6  ? 7.292   -1.424  6.736   1.00 19.01 ? 48  PRO A N   1 
ATOM   39  C  CA  . PRO A 1 6  ? 8.143   -1.290  5.552   1.00 18.84 ? 48  PRO A CA  1 
ATOM   40  C  C   . PRO A 1 6  ? 7.327   -1.519  4.289   1.00 17.86 ? 48  PRO A C   1 
ATOM   41  O  O   . PRO A 1 6  ? 6.418   -2.353  4.267   1.00 18.12 ? 48  PRO A O   1 
ATOM   42  C  CB  . PRO A 1 6  ? 9.191   -2.379  5.749   1.00 21.61 ? 48  PRO A CB  1 
ATOM   43  C  CG  . PRO A 1 6  ? 8.464   -3.418  6.553   1.00 24.02 ? 48  PRO A CG  1 
ATOM   44  C  CD  . PRO A 1 6  ? 7.709   -2.581  7.557   1.00 21.27 ? 48  PRO A CD  1 
ATOM   45  N  N   . TYR A 1 7  ? 7.649   -0.782  3.239   1.00 17.01 ? 49  TYR A N   1 
ATOM   46  C  CA  . TYR A 1 7  ? 6.936   -0.950  1.984   1.00 18.70 ? 49  TYR A CA  1 
ATOM   47  C  C   . TYR A 1 7  ? 7.903   -0.804  0.826   1.00 19.35 ? 49  TYR A C   1 
ATOM   48  O  O   . TYR A 1 7  ? 8.941   -0.141  0.942   1.00 18.60 ? 49  TYR A O   1 
ATOM   49  C  CB  . TYR A 1 7  ? 5.797   0.076   1.868   1.00 17.78 ? 49  TYR A CB  1 
ATOM   50  C  CG  . TYR A 1 7  ? 6.236   1.507   1.624   1.00 19.11 ? 49  TYR A CG  1 
ATOM   51  C  CD1 . TYR A 1 7  ? 6.502   1.965   0.327   1.00 20.06 ? 49  TYR A CD1 1 
ATOM   52  C  CD2 . TYR A 1 7  ? 6.408   2.395   2.686   1.00 15.48 ? 49  TYR A CD2 1 
ATOM   53  C  CE1 . TYR A 1 7  ? 6.932   3.281   0.100   1.00 19.52 ? 49  TYR A CE1 1 
ATOM   54  C  CE2 . TYR A 1 7  ? 6.838   3.705   2.473   1.00 17.24 ? 49  TYR A CE2 1 
ATOM   55  C  CZ  . TYR A 1 7  ? 7.102   4.141   1.176   1.00 19.81 ? 49  TYR A CZ  1 
ATOM   56  O  OH  . TYR A 1 7  ? 7.561   5.433   0.971   1.00 19.69 ? 49  TYR A OH  1 
ATOM   57  N  N   . THR A 1 8  ? 7.574   -1.449  -0.286  1.00 19.10 ? 50  THR A N   1 
ATOM   58  C  CA  . THR A 1 8  ? 8.408   -1.375  -1.474  1.00 21.70 ? 50  THR A CA  1 
ATOM   59  C  C   . THR A 1 8  ? 7.512   -1.093  -2.665  1.00 20.32 ? 50  THR A C   1 
ATOM   60  O  O   . THR A 1 8  ? 6.331   -1.451  -2.667  1.00 20.18 ? 50  THR A O   1 
ATOM   61  C  CB  . THR A 1 8  ? 9.177   -2.693  -1.730  1.00 23.11 ? 50  THR A CB  1 
ATOM   62  O  OG1 . THR A 1 8  ? 8.251   -3.759  -1.956  1.00 25.26 ? 50  THR A OG1 1 
ATOM   63  C  CG2 . THR A 1 8  ? 10.051  -3.038  -0.533  1.00 27.39 ? 50  THR A CG2 1 
ATOM   64  N  N   . ILE A 1 9  ? 8.081   -0.454  -3.679  1.00 21.71 ? 51  ILE A N   1 
ATOM   65  C  CA  . ILE A 1 9  ? 7.322   -0.107  -4.872  1.00 21.58 ? 51  ILE A CA  1 
ATOM   66  C  C   . ILE A 1 9  ? 7.965   -0.691  -6.117  1.00 23.39 ? 51  ILE A C   1 
ATOM   67  O  O   . ILE A 1 9  ? 9.148   -0.463  -6.382  1.00 25.50 ? 51  ILE A O   1 
ATOM   68  C  CB  . ILE A 1 9  ? 7.240   1.416   -5.053  1.00 21.87 ? 51  ILE A CB  1 
ATOM   69  C  CG1 . ILE A 1 9  ? 6.421   2.042   -3.924  1.00 20.01 ? 51  ILE A CG1 1 
ATOM   70  C  CG2 . ILE A 1 9  ? 6.632   1.746   -6.420  1.00 19.81 ? 51  ILE A CG2 1 
ATOM   71  C  CD1 . ILE A 1 9  ? 6.409   3.580   -3.967  1.00 19.31 ? 51  ILE A CD1 1 
ATOM   72  N  N   . SER A 1 10 ? 7.173   -1.437  -6.876  1.00 24.60 ? 52  SER A N   1 
ATOM   73  C  CA  . SER A 1 10 ? 7.630   -2.045  -8.117  1.00 26.07 ? 52  SER A CA  1 
ATOM   74  C  C   . SER A 1 10 ? 6.757   -1.507  -9.244  1.00 28.00 ? 52  SER A C   1 
ATOM   75  O  O   . SER A 1 10 ? 5.532   -1.573  -9.168  1.00 27.34 ? 52  SER A O   1 
ATOM   76  C  CB  . SER A 1 10 ? 7.494   -3.567  -8.041  1.00 27.13 ? 52  SER A CB  1 
ATOM   77  O  OG  . SER A 1 10 ? 7.888   -4.181  -9.258  1.00 28.68 ? 52  SER A OG  1 
ATOM   78  N  N   . VAL A 1 11 ? 7.390   -0.952  -10.275 1.00 29.08 ? 53  VAL A N   1 
ATOM   79  C  CA  . VAL A 1 11 ? 6.662   -0.423  -11.421 1.00 31.02 ? 53  VAL A CA  1 
ATOM   80  C  C   . VAL A 1 11 ? 7.351   -0.939  -12.676 1.00 33.06 ? 53  VAL A C   1 
ATOM   81  O  O   . VAL A 1 11 ? 8.535   -0.680  -12.893 1.00 33.59 ? 53  VAL A O   1 
ATOM   82  C  CB  . VAL A 1 11 ? 6.653   1.123   -11.434 1.00 31.08 ? 53  VAL A CB  1 
ATOM   83  C  CG1 . VAL A 1 11 ? 5.895   1.629   -12.662 1.00 31.13 ? 53  VAL A CG1 1 
ATOM   84  C  CG2 . VAL A 1 11 ? 6.000   1.658   -10.160 1.00 29.35 ? 53  VAL A CG2 1 
ATOM   85  N  N   . ASP A 1 12 ? 6.604   -1.677  -13.489 1.00 36.29 ? 54  ASP A N   1 
ATOM   86  C  CA  . ASP A 1 12 ? 7.126   -2.261  -14.719 1.00 38.56 ? 54  ASP A CA  1 
ATOM   87  C  C   . ASP A 1 12 ? 8.345   -3.141  -14.437 1.00 39.77 ? 54  ASP A C   1 
ATOM   88  O  O   . ASP A 1 12 ? 9.325   -3.124  -15.182 1.00 40.51 ? 54  ASP A O   1 
ATOM   89  C  CB  . ASP A 1 12 ? 7.482   -1.158  -15.722 1.00 40.82 ? 54  ASP A CB  1 
ATOM   90  C  CG  . ASP A 1 12 ? 6.270   -0.348  -16.150 1.00 43.69 ? 54  ASP A CG  1 
ATOM   91  O  OD1 . ASP A 1 12 ? 5.234   -0.959  -16.497 1.00 45.56 ? 54  ASP A OD1 1 
ATOM   92  O  OD2 . ASP A 1 12 ? 6.352   0.901   -16.144 1.00 45.65 ? 54  ASP A OD2 1 
ATOM   93  N  N   . GLY A 1 13 ? 8.274   -3.899  -13.345 1.00 39.61 ? 55  GLY A N   1 
ATOM   94  C  CA  . GLY A 1 13 ? 9.354   -4.797  -12.974 1.00 39.58 ? 55  GLY A CA  1 
ATOM   95  C  C   . GLY A 1 13 ? 10.610  -4.178  -12.382 1.00 39.89 ? 55  GLY A C   1 
ATOM   96  O  O   . GLY A 1 13 ? 11.645  -4.845  -12.306 1.00 40.06 ? 55  GLY A O   1 
ATOM   97  N  N   . ILE A 1 14 ? 10.532  -2.919  -11.959 1.00 39.83 ? 56  ILE A N   1 
ATOM   98  C  CA  . ILE A 1 14 ? 11.685  -2.235  -11.382 1.00 39.95 ? 56  ILE A CA  1 
ATOM   99  C  C   . ILE A 1 14 ? 11.378  -1.646  -9.999  1.00 40.10 ? 56  ILE A C   1 
ATOM   100 O  O   . ILE A 1 14 ? 10.226  -1.344  -9.693  1.00 40.23 ? 56  ILE A O   1 
ATOM   101 C  CB  . ILE A 1 14 ? 12.167  -1.102  -12.307 1.00 39.84 ? 56  ILE A CB  1 
ATOM   102 C  CG1 . ILE A 1 14 ? 12.454  -1.669  -13.702 1.00 40.01 ? 56  ILE A CG1 1 
ATOM   103 C  CG2 . ILE A 1 14 ? 13.423  -0.460  -11.741 1.00 38.90 ? 56  ILE A CG2 1 
ATOM   104 C  CD1 . ILE A 1 14 ? 12.753  -0.616  -14.737 1.00 40.61 ? 56  ILE A CD1 1 
ATOM   105 N  N   . THR A 1 15 ? 12.418  -1.486  -9.179  1.00 39.93 ? 57  THR A N   1 
ATOM   106 C  CA  . THR A 1 15 ? 12.292  -0.921  -7.832  1.00 41.15 ? 57  THR A CA  1 
ATOM   107 C  C   . THR A 1 15 ? 13.392  0.120   -7.640  1.00 41.27 ? 57  THR A C   1 
ATOM   108 O  O   . THR A 1 15 ? 14.531  -0.098  -8.058  1.00 42.22 ? 57  THR A O   1 
ATOM   109 C  CB  . THR A 1 15 ? 12.442  -2.000  -6.737  1.00 42.29 ? 57  THR A CB  1 
ATOM   110 O  OG1 . THR A 1 15 ? 13.748  -2.589  -6.813  1.00 44.35 ? 57  THR A OG1 1 
ATOM   111 C  CG2 . THR A 1 15 ? 11.395  -3.083  -6.911  1.00 41.25 ? 57  THR A CG2 1 
ATOM   112 N  N   . ALA A 1 16 ? 13.060  1.239   -6.999  1.00 40.97 ? 58  ALA A N   1 
ATOM   113 C  CA  . ALA A 1 16 ? 14.032  2.308   -6.795  1.00 40.58 ? 58  ALA A CA  1 
ATOM   114 C  C   . ALA A 1 16 ? 14.527  2.466   -5.364  1.00 41.70 ? 58  ALA A C   1 
ATOM   115 O  O   . ALA A 1 16 ? 15.436  1.756   -4.944  1.00 42.70 ? 58  ALA A O   1 
ATOM   116 C  CB  . ALA A 1 16 ? 13.457  3.625   -7.289  1.00 41.10 ? 58  ALA A CB  1 
ATOM   117 N  N   . LEU A 1 17 ? 13.937  3.402   -4.624  1.00 41.42 ? 59  LEU A N   1 
ATOM   118 C  CA  . LEU A 1 17 ? 14.347  3.664   -3.247  1.00 40.54 ? 59  LEU A CA  1 
ATOM   119 C  C   . LEU A 1 17 ? 14.249  2.440   -2.341  1.00 40.25 ? 59  LEU A C   1 
ATOM   120 O  O   . LEU A 1 17 ? 13.405  1.567   -2.546  1.00 40.51 ? 59  LEU A O   1 
ATOM   121 C  CB  . LEU A 1 17 ? 13.512  4.802   -2.655  1.00 41.97 ? 59  LEU A CB  1 
ATOM   122 C  CG  . LEU A 1 17 ? 13.454  6.099   -3.467  1.00 42.95 ? 59  LEU A CG  1 
ATOM   123 C  CD1 . LEU A 1 17 ? 12.708  7.154   -2.663  1.00 41.55 ? 59  LEU A CD1 1 
ATOM   124 C  CD2 . LEU A 1 17 ? 14.857  6.580   -3.806  1.00 43.31 ? 59  LEU A CD2 1 
ATOM   125 N  N   . HIS A 1 18 ? 15.129  2.382   -1.343  1.00 37.75 ? 60  HIS A N   1 
ATOM   126 C  CA  . HIS A 1 18 ? 15.155  1.279   -0.389  1.00 37.07 ? 60  HIS A CA  1 
ATOM   127 C  C   . HIS A 1 18 ? 14.785  1.739   1.010   1.00 34.25 ? 60  HIS A C   1 
ATOM   128 O  O   . HIS A 1 18 ? 14.764  2.935   1.301   1.00 35.42 ? 60  HIS A O   1 
ATOM   129 C  CB  . HIS A 1 18 ? 16.540  0.626   -0.342  1.00 40.36 ? 60  HIS A CB  1 
ATOM   130 C  CG  . HIS A 1 18 ? 16.870  -0.176  -1.560  1.00 44.64 ? 60  HIS A CG  1 
ATOM   131 N  ND1 . HIS A 1 18 ? 15.991  -1.084  -2.104  1.00 46.76 ? 60  HIS A ND1 1 
ATOM   132 C  CD2 . HIS A 1 18 ? 17.972  -0.190  -2.349  1.00 46.12 ? 60  HIS A CD2 1 
ATOM   133 C  CE1 . HIS A 1 18 ? 16.530  -1.622  -3.186  1.00 47.18 ? 60  HIS A CE1 1 
ATOM   134 N  NE2 . HIS A 1 18 ? 17.727  -1.095  -3.357  1.00 47.97 ? 60  HIS A NE2 1 
ATOM   135 N  N   . ARG A 1 19 ? 14.520  0.764   1.870   1.00 30.06 ? 61  ARG A N   1 
ATOM   136 C  CA  . ARG A 1 19 ? 14.147  0.999   3.258   1.00 26.50 ? 61  ARG A CA  1 
ATOM   137 C  C   . ARG A 1 19 ? 13.260  2.207   3.499   1.00 23.28 ? 61  ARG A C   1 
ATOM   138 O  O   . ARG A 1 19 ? 13.658  3.187   4.133   1.00 22.60 ? 61  ARG A O   1 
ATOM   139 C  CB  . ARG A 1 19 ? 15.396  1.076   4.142   1.00 29.99 ? 61  ARG A CB  1 
ATOM   140 C  CG  . ARG A 1 19 ? 16.052  -0.289  4.309   1.00 33.21 ? 61  ARG A CG  1 
ATOM   141 C  CD  . ARG A 1 19 ? 16.896  -0.374  5.566   1.00 37.76 ? 61  ARG A CD  1 
ATOM   142 N  NE  . ARG A 1 19 ? 18.277  0.038   5.341   1.00 41.90 ? 61  ARG A NE  1 
ATOM   143 C  CZ  . ARG A 1 19 ? 19.222  -0.003  6.276   1.00 44.21 ? 61  ARG A CZ  1 
ATOM   144 N  NH1 . ARG A 1 19 ? 18.930  -0.434  7.498   1.00 43.23 ? 61  ARG A NH1 1 
ATOM   145 N  NH2 . ARG A 1 19 ? 20.460  0.375   5.986   1.00 44.88 ? 61  ARG A NH2 1 
ATOM   146 N  N   . THR A 1 20 ? 12.046  2.120   2.978   1.00 19.09 ? 62  THR A N   1 
ATOM   147 C  CA  . THR A 1 20 ? 11.061  3.169   3.151   1.00 16.86 ? 62  THR A CA  1 
ATOM   148 C  C   . THR A 1 20 ? 9.960   2.566   4.020   1.00 17.53 ? 62  THR A C   1 
ATOM   149 O  O   . THR A 1 20 ? 9.650   1.379   3.894   1.00 17.70 ? 62  THR A O   1 
ATOM   150 C  CB  . THR A 1 20 ? 10.486  3.616   1.806   1.00 15.71 ? 62  THR A CB  1 
ATOM   151 O  OG1 . THR A 1 20 ? 10.083  2.463   1.058   1.00 18.12 ? 62  THR A OG1 1 
ATOM   152 C  CG2 . THR A 1 20 ? 11.547  4.391   1.018   1.00 18.71 ? 62  THR A CG2 1 
ATOM   153 N  N   . TYR A 1 21 ? 9.380   3.377   4.900   1.00 17.96 ? 63  TYR A N   1 
ATOM   154 C  CA  . TYR A 1 21 ? 8.342   2.898   5.812   1.00 16.27 ? 63  TYR A CA  1 
ATOM   155 C  C   . TYR A 1 21 ? 7.157   3.841   5.992   1.00 16.52 ? 63  TYR A C   1 
ATOM   156 O  O   . TYR A 1 21 ? 7.304   5.067   5.996   1.00 16.23 ? 63  TYR A O   1 
ATOM   157 C  CB  . TYR A 1 21 ? 8.908   2.671   7.219   1.00 19.54 ? 63  TYR A CB  1 
ATOM   158 C  CG  . TYR A 1 21 ? 10.138  1.802   7.318   1.00 23.16 ? 63  TYR A CG  1 
ATOM   159 C  CD1 . TYR A 1 21 ? 11.385  2.272   6.917   1.00 24.55 ? 63  TYR A CD1 1 
ATOM   160 C  CD2 . TYR A 1 21 ? 10.056  0.525   7.848   1.00 26.45 ? 63  TYR A CD2 1 
ATOM   161 C  CE1 . TYR A 1 21 ? 12.520  1.483   7.047   1.00 28.62 ? 63  TYR A CE1 1 
ATOM   162 C  CE2 . TYR A 1 21 ? 11.178  -0.277  7.986   1.00 28.74 ? 63  TYR A CE2 1 
ATOM   163 C  CZ  . TYR A 1 21 ? 12.408  0.211   7.583   1.00 29.97 ? 63  TYR A CZ  1 
ATOM   164 O  OH  . TYR A 1 21 ? 13.513  -0.589  7.712   1.00 32.02 ? 63  TYR A OH  1 
ATOM   165 N  N   . PHE A 1 22 ? 5.982   3.245   6.169   1.00 15.23 ? 64  PHE A N   1 
ATOM   166 C  CA  . PHE A 1 22 ? 4.767   3.995   6.452   1.00 16.10 ? 64  PHE A CA  1 
ATOM   167 C  C   . PHE A 1 22 ? 4.712   4.011   7.975   1.00 19.06 ? 64  PHE A C   1 
ATOM   168 O  O   . PHE A 1 22 ? 5.322   3.151   8.629   1.00 21.03 ? 64  PHE A O   1 
ATOM   169 C  CB  . PHE A 1 22 ? 3.537   3.262   5.905   1.00 14.92 ? 64  PHE A CB  1 
ATOM   170 C  CG  . PHE A 1 22 ? 3.386   3.354   4.417   1.00 13.86 ? 64  PHE A CG  1 
ATOM   171 C  CD1 . PHE A 1 22 ? 3.187   2.210   3.656   1.00 17.67 ? 64  PHE A CD1 1 
ATOM   172 C  CD2 . PHE A 1 22 ? 3.440   4.587   3.771   1.00 18.07 ? 64  PHE A CD2 1 
ATOM   173 C  CE1 . PHE A 1 22 ? 3.047   2.287   2.272   1.00 20.00 ? 64  PHE A CE1 1 
ATOM   174 C  CE2 . PHE A 1 22 ? 3.302   4.673   2.376   1.00 17.29 ? 64  PHE A CE2 1 
ATOM   175 C  CZ  . PHE A 1 22 ? 3.104   3.519   1.631   1.00 19.70 ? 64  PHE A CZ  1 
ATOM   176 N  N   . VAL A 1 23 ? 3.997   4.973   8.550   1.00 19.97 ? 65  VAL A N   1 
ATOM   177 C  CA  . VAL A 1 23 ? 3.885   5.055   10.007  1.00 21.14 ? 65  VAL A CA  1 
ATOM   178 C  C   . VAL A 1 23 ? 2.419   5.220   10.380  1.00 22.94 ? 65  VAL A C   1 
ATOM   179 O  O   . VAL A 1 23 ? 1.718   6.060   9.814   1.00 24.10 ? 65  VAL A O   1 
ATOM   180 C  CB  . VAL A 1 23 ? 4.696   6.249   10.578  1.00 22.11 ? 65  VAL A CB  1 
ATOM   181 C  CG1 . VAL A 1 23 ? 4.447   6.378   12.076  1.00 25.99 ? 65  VAL A CG1 1 
ATOM   182 C  CG2 . VAL A 1 23 ? 6.188   6.047   10.304  1.00 22.73 ? 65  VAL A CG2 1 
ATOM   183 N  N   . PHE A 1 24 ? 1.958   4.399   11.320  1.00 23.30 ? 66  PHE A N   1 
ATOM   184 C  CA  . PHE A 1 24 ? 0.573   4.441   11.777  1.00 24.48 ? 66  PHE A CA  1 
ATOM   185 C  C   . PHE A 1 24 ? 0.502   4.474   13.297  1.00 26.70 ? 66  PHE A C   1 
ATOM   186 O  O   . PHE A 1 24 ? 1.298   3.825   13.970  1.00 26.17 ? 66  PHE A O   1 
ATOM   187 C  CB  . PHE A 1 24 ? -0.199  3.197   11.334  1.00 24.68 ? 66  PHE A CB  1 
ATOM   188 C  CG  . PHE A 1 24 ? -0.332  3.040   9.847   1.00 23.57 ? 66  PHE A CG  1 
ATOM   189 C  CD1 . PHE A 1 24 ? 0.615   2.321   9.125   1.00 24.06 ? 66  PHE A CD1 1 
ATOM   190 C  CD2 . PHE A 1 24 ? -1.415  3.597   9.172   1.00 26.52 ? 66  PHE A CD2 1 
ATOM   191 C  CE1 . PHE A 1 24 ? 0.486   2.153   7.745   1.00 25.46 ? 66  PHE A CE1 1 
ATOM   192 C  CE2 . PHE A 1 24 ? -1.555  3.435   7.785   1.00 26.11 ? 66  PHE A CE2 1 
ATOM   193 C  CZ  . PHE A 1 24 ? -0.597  2.708   7.076   1.00 28.18 ? 66  PHE A CZ  1 
ATOM   194 N  N   . PRO A 1 25 ? -0.453  5.227   13.860  1.00 27.86 ? 67  PRO A N   1 
ATOM   195 C  CA  . PRO A 1 25 ? -0.516  5.228   15.324  1.00 29.09 ? 67  PRO A CA  1 
ATOM   196 C  C   . PRO A 1 25 ? -0.906  3.817   15.771  1.00 29.80 ? 67  PRO A C   1 
ATOM   197 O  O   . PRO A 1 25 ? -1.768  3.190   15.162  1.00 28.90 ? 67  PRO A O   1 
ATOM   198 C  CB  . PRO A 1 25 ? -1.585  6.280   15.629  1.00 30.72 ? 67  PRO A CB  1 
ATOM   199 C  CG  . PRO A 1 25 ? -2.405  6.346   14.374  1.00 30.77 ? 67  PRO A CG  1 
ATOM   200 C  CD  . PRO A 1 25 ? -1.376  6.218   13.284  1.00 29.26 ? 67  PRO A CD  1 
ATOM   201 N  N   . GLU A 1 26 ? -0.266  3.311   16.821  1.00 31.40 ? 68  GLU A N   1 
ATOM   202 C  CA  . GLU A 1 26 ? -0.550  1.959   17.305  1.00 32.30 ? 68  GLU A CA  1 
ATOM   203 C  C   . GLU A 1 26 ? -2.013  1.671   17.636  1.00 33.76 ? 68  GLU A C   1 
ATOM   204 O  O   . GLU A 1 26 ? -2.729  2.513   18.174  1.00 32.45 ? 68  GLU A O   1 
ATOM   205 C  CB  . GLU A 1 26 ? 0.282   1.643   18.551  1.00 32.86 ? 68  GLU A CB  1 
ATOM   206 C  CG  . GLU A 1 26 ? 1.782   1.605   18.350  1.00 31.97 ? 68  GLU A CG  1 
ATOM   207 C  CD  . GLU A 1 26 ? 2.266   0.440   17.506  1.00 32.45 ? 68  GLU A CD  1 
ATOM   208 O  OE1 . GLU A 1 26 ? 1.544   -0.575  17.350  1.00 27.94 ? 68  GLU A OE1 1 
ATOM   209 O  OE2 . GLU A 1 26 ? 3.407   0.545   17.004  1.00 33.09 ? 68  GLU A OE2 1 
ATOM   210 N  N   . ASN A 1 27 ? -2.423  0.448   17.316  1.00 35.93 ? 69  ASN A N   1 
ATOM   211 C  CA  . ASN A 1 27 ? -3.762  -0.067  17.578  1.00 37.72 ? 69  ASN A CA  1 
ATOM   212 C  C   . ASN A 1 27 ? -4.930  0.896   17.420  1.00 38.35 ? 69  ASN A C   1 
ATOM   213 O  O   . ASN A 1 27 ? -5.816  0.956   18.275  1.00 39.27 ? 69  ASN A O   1 
ATOM   214 C  CB  . ASN A 1 27 ? -3.795  -0.681  18.977  1.00 39.45 ? 69  ASN A CB  1 
ATOM   215 C  CG  . ASN A 1 27 ? -2.763  -1.775  19.149  1.00 40.03 ? 69  ASN A CG  1 
ATOM   216 O  OD1 . ASN A 1 27 ? -2.792  -2.790  18.450  1.00 42.62 ? 69  ASN A OD1 1 
ATOM   217 N  ND2 . ASN A 1 27 ? -1.838  -1.573  20.075  1.00 41.54 ? 69  ASN A ND2 1 
ATOM   218 N  N   . LYS A 1 28 ? -4.930  1.650   16.330  1.00 37.62 ? 70  LYS A N   1 
ATOM   219 C  CA  . LYS A 1 28 ? -6.013  2.581   16.047  1.00 36.44 ? 70  LYS A CA  1 
ATOM   220 C  C   . LYS A 1 28 ? -6.485  2.194   14.651  1.00 35.98 ? 70  LYS A C   1 
ATOM   221 O  O   . LYS A 1 28 ? -5.769  2.403   13.673  1.00 35.90 ? 70  LYS A O   1 
ATOM   222 C  CB  . LYS A 1 28 ? -5.501  4.010   16.064  1.00 37.17 ? 70  LYS A CB  1 
ATOM   223 N  N   . LYS A 1 29 ? -7.676  1.613   14.565  1.00 34.73 ? 71  LYS A N   1 
ATOM   224 C  CA  . LYS A 1 29 ? -8.215  1.167   13.281  1.00 34.93 ? 71  LYS A CA  1 
ATOM   225 C  C   . LYS A 1 29 ? -8.330  2.279   12.244  1.00 35.00 ? 71  LYS A C   1 
ATOM   226 O  O   . LYS A 1 29 ? -8.645  3.424   12.569  1.00 34.40 ? 71  LYS A O   1 
ATOM   227 C  CB  . LYS A 1 29 ? -9.579  0.510   13.491  1.00 35.79 ? 71  LYS A CB  1 
ATOM   228 N  N   . VAL A 1 30 ? -8.053  1.926   10.991  1.00 34.91 ? 72  VAL A N   1 
ATOM   229 C  CA  . VAL A 1 30 ? -8.153  2.870   9.881   1.00 35.26 ? 72  VAL A CA  1 
ATOM   230 C  C   . VAL A 1 30 ? -8.923  2.185   8.762   1.00 34.61 ? 72  VAL A C   1 
ATOM   231 O  O   . VAL A 1 30 ? -9.027  0.958   8.737   1.00 34.16 ? 72  VAL A O   1 
ATOM   232 C  CB  . VAL A 1 30 ? -6.761  3.283   9.319   1.00 35.98 ? 72  VAL A CB  1 
ATOM   233 C  CG1 . VAL A 1 30 ? -5.939  3.972   10.398  1.00 36.92 ? 72  VAL A CG1 1 
ATOM   234 C  CG2 . VAL A 1 30 ? -6.029  2.059   8.770   1.00 35.65 ? 72  VAL A CG2 1 
ATOM   235 N  N   . LEU A 1 31 ? -9.472  2.977   7.848   1.00 34.75 ? 73  LEU A N   1 
ATOM   236 C  CA  . LEU A 1 31 ? -10.208 2.425   6.720   1.00 33.42 ? 73  LEU A CA  1 
ATOM   237 C  C   . LEU A 1 31 ? -9.152  2.145   5.662   1.00 32.62 ? 73  LEU A C   1 
ATOM   238 O  O   . LEU A 1 31 ? -8.144  2.845   5.603   1.00 32.27 ? 73  LEU A O   1 
ATOM   239 C  CB  . LEU A 1 31 ? -11.217 3.448   6.189   1.00 34.67 ? 73  LEU A CB  1 
ATOM   240 C  CG  . LEU A 1 31 ? -12.254 4.026   7.158   1.00 35.82 ? 73  LEU A CG  1 
ATOM   241 C  CD1 . LEU A 1 31 ? -13.209 4.931   6.419   1.00 34.48 ? 73  LEU A CD1 1 
ATOM   242 C  CD2 . LEU A 1 31 ? -13.047 2.920   7.779   1.00 35.74 ? 73  LEU A CD2 1 
ATOM   243 N  N   . TYR A 1 32 ? -9.361  1.123   4.839   1.00 31.93 ? 74  TYR A N   1 
ATOM   244 C  CA  . TYR A 1 32 ? -8.377  0.817   3.810   1.00 32.17 ? 74  TYR A CA  1 
ATOM   245 C  C   . TYR A 1 32 ? -8.113  2.036   2.937   1.00 31.82 ? 74  TYR A C   1 
ATOM   246 O  O   . TYR A 1 32 ? -7.007  2.209   2.428   1.00 32.16 ? 74  TYR A O   1 
ATOM   247 C  CB  . TYR A 1 32 ? -8.827  -0.356  2.936   1.00 31.44 ? 74  TYR A CB  1 
ATOM   248 C  CG  . TYR A 1 32 ? -8.635  -1.722  3.570   1.00 31.45 ? 74  TYR A CG  1 
ATOM   249 C  CD1 . TYR A 1 32 ? -9.550  -2.222  4.500   1.00 32.47 ? 74  TYR A CD1 1 
ATOM   250 C  CD2 . TYR A 1 32 ? -7.533  -2.510  3.244   1.00 31.21 ? 74  TYR A CD2 1 
ATOM   251 C  CE1 . TYR A 1 32 ? -9.369  -3.475  5.085   1.00 32.08 ? 74  TYR A CE1 1 
ATOM   252 C  CE2 . TYR A 1 32 ? -7.343  -3.761  3.825   1.00 31.75 ? 74  TYR A CE2 1 
ATOM   253 C  CZ  . TYR A 1 32 ? -8.265  -4.238  4.746   1.00 33.21 ? 74  TYR A CZ  1 
ATOM   254 O  OH  . TYR A 1 32 ? -8.068  -5.466  5.341   1.00 34.02 ? 74  TYR A OH  1 
ATOM   255 N  N   . GLN A 1 33 ? -9.123  2.885   2.769   1.00 31.69 ? 75  GLN A N   1 
ATOM   256 C  CA  . GLN A 1 33 ? -8.964  4.079   1.943   1.00 31.85 ? 75  GLN A CA  1 
ATOM   257 C  C   . GLN A 1 33 ? -7.772  4.912   2.407   1.00 31.97 ? 75  GLN A C   1 
ATOM   258 O  O   . GLN A 1 33 ? -7.114  5.569   1.597   1.00 31.38 ? 75  GLN A O   1 
ATOM   259 C  CB  . GLN A 1 33 ? -10.240 4.922   1.968   1.00 32.69 ? 75  GLN A CB  1 
ATOM   260 N  N   . GLU A 1 34 ? -7.492  4.888   3.709   1.00 30.61 ? 76  GLU A N   1 
ATOM   261 C  CA  . GLU A 1 34 ? -6.361  5.645   4.235   1.00 31.39 ? 76  GLU A CA  1 
ATOM   262 C  C   . GLU A 1 34 ? -5.046  5.029   3.758   1.00 29.39 ? 76  GLU A C   1 
ATOM   263 O  O   . GLU A 1 34 ? -4.124  5.747   3.375   1.00 30.67 ? 76  GLU A O   1 
ATOM   264 C  CB  . GLU A 1 34 ? -6.417  5.692   5.760   1.00 32.50 ? 76  GLU A CB  1 
ATOM   265 C  CG  . GLU A 1 34 ? -7.644  6.428   6.275   1.00 38.82 ? 76  GLU A CG  1 
ATOM   266 C  CD  . GLU A 1 34 ? -7.697  6.522   7.784   1.00 41.94 ? 76  GLU A CD  1 
ATOM   267 O  OE1 . GLU A 1 34 ? -6.742  7.069   8.380   1.00 43.96 ? 76  GLU A OE1 1 
ATOM   268 O  OE2 . GLU A 1 34 ? -8.698  6.053   8.367   1.00 43.62 ? 76  GLU A OE2 1 
ATOM   269 N  N   . ILE A 1 35 ? -4.963  3.703   3.778   1.00 27.81 ? 77  ILE A N   1 
ATOM   270 C  CA  . ILE A 1 35 ? -3.758  3.020   3.316   1.00 26.50 ? 77  ILE A CA  1 
ATOM   271 C  C   . ILE A 1 35 ? -3.647  3.248   1.801   1.00 27.13 ? 77  ILE A C   1 
ATOM   272 O  O   . ILE A 1 35 ? -2.552  3.489   1.276   1.00 24.85 ? 77  ILE A O   1 
ATOM   273 C  CB  . ILE A 1 35 ? -3.822  1.507   3.618   1.00 27.45 ? 77  ILE A CB  1 
ATOM   274 C  CG1 . ILE A 1 35 ? -3.962  1.291   5.127   1.00 27.54 ? 77  ILE A CG1 1 
ATOM   275 C  CG2 . ILE A 1 35 ? -2.560  0.819   3.119   1.00 25.72 ? 77  ILE A CG2 1 
ATOM   276 C  CD1 . ILE A 1 35 ? -4.212  -0.152  5.517   1.00 28.79 ? 77  ILE A CD1 1 
ATOM   277 N  N   . ASP A 1 36 ? -4.783  3.184   1.105   1.00 27.68 ? 78  ASP A N   1 
ATOM   278 C  CA  . ASP A 1 36 ? -4.783  3.409   -0.341  1.00 27.97 ? 78  ASP A CA  1 
ATOM   279 C  C   . ASP A 1 36 ? -4.170  4.776   -0.634  1.00 26.69 ? 78  ASP A C   1 
ATOM   280 O  O   . ASP A 1 36 ? -3.375  4.928   -1.559  1.00 25.82 ? 78  ASP A O   1 
ATOM   281 C  CB  . ASP A 1 36 ? -6.205  3.402   -0.925  1.00 30.02 ? 78  ASP A CB  1 
ATOM   282 C  CG  . ASP A 1 36 ? -6.915  2.069   -0.767  1.00 31.89 ? 78  ASP A CG  1 
ATOM   283 O  OD1 . ASP A 1 36 ? -6.250  1.013   -0.717  1.00 32.94 ? 78  ASP A OD1 1 
ATOM   284 O  OD2 . ASP A 1 36 ? -8.164  2.080   -0.716  1.00 34.68 ? 78  ASP A OD2 1 
ATOM   285 N  N   . SER A 1 37 ? -4.552  5.770   0.166   1.00 26.52 ? 79  SER A N   1 
ATOM   286 C  CA  . SER A 1 37 ? -4.056  7.129   -0.008  1.00 27.13 ? 79  SER A CA  1 
ATOM   287 C  C   . SER A 1 37 ? -2.551  7.249   0.182   1.00 26.73 ? 79  SER A C   1 
ATOM   288 O  O   . SER A 1 37 ? -1.875  7.914   -0.602  1.00 26.52 ? 79  SER A O   1 
ATOM   289 C  CB  . SER A 1 37 ? -4.755  8.079   0.957   1.00 30.32 ? 79  SER A CB  1 
ATOM   290 O  OG  . SER A 1 37 ? -4.299  9.401   0.743   1.00 34.83 ? 79  SER A OG  1 
ATOM   291 N  N   . LYS A 1 38 ? -2.023  6.626   1.233   1.00 26.52 ? 80  LYS A N   1 
ATOM   292 C  CA  . LYS A 1 38 ? -0.586  6.680   1.473   1.00 24.93 ? 80  LYS A CA  1 
ATOM   293 C  C   . LYS A 1 38 ? 0.152   6.020   0.316   1.00 24.99 ? 80  LYS A C   1 
ATOM   294 O  O   . LYS A 1 38 ? 1.214   6.492   -0.110  1.00 23.67 ? 80  LYS A O   1 
ATOM   295 C  CB  . LYS A 1 38 ? -0.212  5.954   2.771   1.00 24.86 ? 80  LYS A CB  1 
ATOM   296 C  CG  . LYS A 1 38 ? -0.582  6.671   4.057   1.00 26.10 ? 80  LYS A CG  1 
ATOM   297 C  CD  . LYS A 1 38 ? 0.058   5.952   5.252   1.00 28.95 ? 80  LYS A CD  1 
ATOM   298 C  CE  . LYS A 1 38 ? -0.372  6.535   6.600   1.00 28.32 ? 80  LYS A CE  1 
ATOM   299 N  NZ  . LYS A 1 38 ? 0.053   7.958   6.795   1.00 28.82 ? 80  LYS A NZ  1 
ATOM   300 N  N   . VAL A 1 39 ? -0.412  4.920   -0.183  1.00 22.28 ? 81  VAL A N   1 
ATOM   301 C  CA  . VAL A 1 39 ? 0.197   4.175   -1.280  1.00 22.50 ? 81  VAL A CA  1 
ATOM   302 C  C   . VAL A 1 39 ? 0.238   4.984   -2.570  1.00 23.35 ? 81  VAL A C   1 
ATOM   303 O  O   . VAL A 1 39 ? 1.279   5.066   -3.220  1.00 21.57 ? 81  VAL A O   1 
ATOM   304 C  CB  . VAL A 1 39 ? -0.548  2.839   -1.547  1.00 22.73 ? 81  VAL A CB  1 
ATOM   305 C  CG1 . VAL A 1 39 ? -0.058  2.220   -2.854  1.00 22.93 ? 81  VAL A CG1 1 
ATOM   306 C  CG2 . VAL A 1 39 ? -0.304  1.861   -0.392  1.00 21.02 ? 81  VAL A CG2 1 
ATOM   307 N  N   . LYS A 1 40 ? -0.892  5.576   -2.940  1.00 23.74 ? 82  LYS A N   1 
ATOM   308 C  CA  . LYS A 1 40 ? -0.956  6.372   -4.164  1.00 25.90 ? 82  LYS A CA  1 
ATOM   309 C  C   . LYS A 1 40 ? -0.040  7.583   -4.042  1.00 25.88 ? 82  LYS A C   1 
ATOM   310 O  O   . LYS A 1 40 ? 0.564   8.017   -5.024  1.00 26.85 ? 82  LYS A O   1 
ATOM   311 C  CB  . LYS A 1 40 ? -2.390  6.827   -4.427  1.00 27.32 ? 82  LYS A CB  1 
ATOM   312 C  CG  . LYS A 1 40 ? -3.339  5.682   -4.701  1.00 30.09 ? 82  LYS A CG  1 
ATOM   313 C  CD  . LYS A 1 40 ? -4.735  6.191   -4.958  1.00 33.73 ? 82  LYS A CD  1 
ATOM   314 C  CE  . LYS A 1 40 ? -5.696  5.041   -5.127  1.00 36.75 ? 82  LYS A CE  1 
ATOM   315 N  NZ  . LYS A 1 40 ? -7.083  5.541   -5.267  1.00 39.56 ? 82  LYS A NZ  1 
ATOM   316 N  N   . ASN A 1 41 ? 0.071   8.110   -2.827  1.00 26.07 ? 83  ASN A N   1 
ATOM   317 C  CA  . ASN A 1 41 ? 0.915   9.270   -2.568  1.00 26.74 ? 83  ASN A CA  1 
ATOM   318 C  C   . ASN A 1 41 ? 2.360   8.967   -2.950  1.00 26.86 ? 83  ASN A C   1 
ATOM   319 O  O   . ASN A 1 41 ? 3.004   9.722   -3.678  1.00 27.12 ? 83  ASN A O   1 
ATOM   320 C  CB  . ASN A 1 41 ? 0.869   9.648   -1.084  1.00 30.07 ? 83  ASN A CB  1 
ATOM   321 C  CG  . ASN A 1 41 ? 1.497   10.996  -0.816  1.00 33.88 ? 83  ASN A CG  1 
ATOM   322 O  OD1 . ASN A 1 41 ? 2.695   11.190  -1.027  1.00 37.40 ? 83  ASN A OD1 1 
ATOM   323 N  ND2 . ASN A 1 41 ? 0.684   11.946  -0.364  1.00 38.17 ? 83  ASN A ND2 1 
ATOM   324 N  N   . GLU A 1 42 ? 2.866   7.846   -2.453  1.00 23.46 ? 84  GLU A N   1 
ATOM   325 C  CA  . GLU A 1 42 ? 4.237   7.462   -2.731  1.00 23.94 ? 84  GLU A CA  1 
ATOM   326 C  C   . GLU A 1 42 ? 4.457   7.046   -4.172  1.00 23.84 ? 84  GLU A C   1 
ATOM   327 O  O   . GLU A 1 42 ? 5.511   7.317   -4.744  1.00 23.63 ? 84  GLU A O   1 
ATOM   328 C  CB  . GLU A 1 42 ? 4.666   6.336   -1.787  1.00 25.29 ? 84  GLU A CB  1 
ATOM   329 C  CG  . GLU A 1 42 ? 4.771   6.771   -0.338  1.00 28.69 ? 84  GLU A CG  1 
ATOM   330 C  CD  . GLU A 1 42 ? 5.449   8.114   -0.189  1.00 30.63 ? 84  GLU A CD  1 
ATOM   331 O  OE1 . GLU A 1 42 ? 6.505   8.338   -0.821  1.00 32.80 ? 84  GLU A OE1 1 
ATOM   332 O  OE2 . GLU A 1 42 ? 4.915   8.949   0.561   1.00 35.14 ? 84  GLU A OE2 1 
ATOM   333 N  N   . LEU A 1 43 ? 3.476   6.373   -4.764  1.00 24.04 ? 85  LEU A N   1 
ATOM   334 C  CA  . LEU A 1 43 ? 3.617   5.966   -6.159  1.00 24.75 ? 85  LEU A CA  1 
ATOM   335 C  C   . LEU A 1 43 ? 3.841   7.215   -6.989  1.00 25.86 ? 85  LEU A C   1 
ATOM   336 O  O   . LEU A 1 43 ? 4.672   7.227   -7.895  1.00 28.11 ? 85  LEU A O   1 
ATOM   337 C  CB  . LEU A 1 43 ? 2.358   5.243   -6.655  1.00 23.84 ? 85  LEU A CB  1 
ATOM   338 C  CG  . LEU A 1 43 ? 2.264   3.728   -6.443  1.00 22.10 ? 85  LEU A CG  1 
ATOM   339 C  CD1 . LEU A 1 43 ? 0.845   3.276   -6.753  1.00 23.89 ? 85  LEU A CD1 1 
ATOM   340 C  CD2 . LEU A 1 43 ? 3.281   2.993   -7.331  1.00 22.40 ? 85  LEU A CD2 1 
ATOM   341 N  N   . ALA A 1 44 ? 3.106   8.272   -6.659  1.00 25.85 ? 86  ALA A N   1 
ATOM   342 C  CA  . ALA A 1 44 ? 3.210   9.533   -7.388  1.00 27.91 ? 86  ALA A CA  1 
ATOM   343 C  C   . ALA A 1 44 ? 4.506   10.298  -7.137  1.00 29.14 ? 86  ALA A C   1 
ATOM   344 O  O   . ALA A 1 44 ? 5.170   10.733  -8.077  1.00 30.15 ? 86  ALA A O   1 
ATOM   345 C  CB  . ALA A 1 44 ? 2.018   10.415  -7.049  1.00 28.89 ? 86  ALA A CB  1 
ATOM   346 N  N   . SER A 1 45 ? 4.872   10.454  -5.873  1.00 29.82 ? 87  SER A N   1 
ATOM   347 C  CA  . SER A 1 45 ? 6.076   11.197  -5.525  1.00 30.21 ? 87  SER A CA  1 
ATOM   348 C  C   . SER A 1 45 ? 7.382   10.496  -5.893  1.00 30.64 ? 87  SER A C   1 
ATOM   349 O  O   . SER A 1 45 ? 8.332   11.144  -6.319  1.00 30.64 ? 87  SER A O   1 
ATOM   350 C  CB  . SER A 1 45 ? 6.084   11.487  -4.036  1.00 31.59 ? 87  SER A CB  1 
ATOM   351 O  OG  . SER A 1 45 ? 6.254   10.272  -3.334  1.00 36.85 ? 87  SER A OG  1 
ATOM   352 N  N   . GLN A 1 46 ? 7.434   9.179   -5.719  1.00 28.93 ? 88  GLN A N   1 
ATOM   353 C  CA  . GLN A 1 46 ? 8.651   8.427   -6.014  1.00 29.36 ? 88  GLN A CA  1 
ATOM   354 C  C   . GLN A 1 46 ? 8.788   7.889   -7.432  1.00 29.82 ? 88  GLN A C   1 
ATOM   355 O  O   . GLN A 1 46 ? 9.896   7.791   -7.958  1.00 31.16 ? 88  GLN A O   1 
ATOM   356 C  CB  . GLN A 1 46 ? 8.783   7.259   -5.036  1.00 27.93 ? 88  GLN A CB  1 
ATOM   357 C  CG  . GLN A 1 46 ? 8.988   7.682   -3.599  1.00 26.55 ? 88  GLN A CG  1 
ATOM   358 C  CD  . GLN A 1 46 ? 8.995   6.500   -2.650  1.00 25.73 ? 88  GLN A CD  1 
ATOM   359 O  OE1 . GLN A 1 46 ? 9.646   5.488   -2.907  1.00 27.18 ? 88  GLN A OE1 1 
ATOM   360 N  NE2 . GLN A 1 46 ? 8.275   6.625   -1.545  1.00 23.90 ? 88  GLN A NE2 1 
ATOM   361 N  N   . ARG A 1 47 ? 7.667   7.536   -8.051  1.00 29.93 ? 89  ARG A N   1 
ATOM   362 C  CA  . ARG A 1 47 ? 7.700   6.960   -9.387  1.00 30.47 ? 89  ARG A CA  1 
ATOM   363 C  C   . ARG A 1 47 ? 6.903   7.742   -10.416 1.00 30.52 ? 89  ARG A C   1 
ATOM   364 O  O   . ARG A 1 47 ? 6.806   7.324   -11.567 1.00 29.33 ? 89  ARG A O   1 
ATOM   365 C  CB  . ARG A 1 47 ? 7.165   5.529   -9.341  1.00 32.70 ? 89  ARG A CB  1 
ATOM   366 C  CG  . ARG A 1 47 ? 8.082   4.521   -8.681  1.00 34.16 ? 89  ARG A CG  1 
ATOM   367 C  CD  . ARG A 1 47 ? 9.223   4.168   -9.613  1.00 38.87 ? 89  ARG A CD  1 
ATOM   368 N  NE  . ARG A 1 47 ? 9.767   2.847   -9.328  1.00 40.11 ? 89  ARG A NE  1 
ATOM   369 C  CZ  . ARG A 1 47 ? 10.298  2.057   -10.251 1.00 41.20 ? 89  ARG A CZ  1 
ATOM   370 N  NH1 . ARG A 1 47 ? 10.353  2.454   -11.514 1.00 40.71 ? 89  ARG A NH1 1 
ATOM   371 N  NH2 . ARG A 1 47 ? 10.771  0.872   -9.914  1.00 43.36 ? 89  ARG A NH2 1 
ATOM   372 N  N   . GLY A 1 48 ? 6.329   8.861   -9.999  1.00 30.41 ? 90  GLY A N   1 
ATOM   373 C  CA  . GLY A 1 48 ? 5.548   9.662   -10.921 1.00 32.09 ? 90  GLY A CA  1 
ATOM   374 C  C   . GLY A 1 48 ? 4.321   8.926   -11.429 1.00 32.53 ? 90  GLY A C   1 
ATOM   375 O  O   . GLY A 1 48 ? 3.823   9.219   -12.520 1.00 33.84 ? 90  GLY A O   1 
ATOM   376 N  N   . VAL A 1 49 ? 3.830   7.966   -10.648 1.00 30.07 ? 91  VAL A N   1 
ATOM   377 C  CA  . VAL A 1 49 ? 2.650   7.205   -11.042 1.00 30.53 ? 91  VAL A CA  1 
ATOM   378 C  C   . VAL A 1 49 ? 1.416   7.836   -10.415 1.00 29.75 ? 91  VAL A C   1 
ATOM   379 O  O   . VAL A 1 49 ? 1.112   7.617   -9.244  1.00 29.77 ? 91  VAL A O   1 
ATOM   380 C  CB  . VAL A 1 49 ? 2.749   5.722   -10.611 1.00 29.80 ? 91  VAL A CB  1 
ATOM   381 C  CG1 . VAL A 1 49 ? 1.446   5.004   -10.929 1.00 28.58 ? 91  VAL A CG1 1 
ATOM   382 C  CG2 . VAL A 1 49 ? 3.901   5.038   -11.345 1.00 28.30 ? 91  VAL A CG2 1 
ATOM   383 N  N   . THR A 1 50 ? 0.710   8.632   -11.207 1.00 30.44 ? 92  THR A N   1 
ATOM   384 C  CA  . THR A 1 50 ? -0.483  9.327   -10.735 1.00 31.60 ? 92  THR A CA  1 
ATOM   385 C  C   . THR A 1 50 ? -1.720  8.449   -10.787 1.00 32.14 ? 92  THR A C   1 
ATOM   386 O  O   . THR A 1 50 ? -1.685  7.336   -11.304 1.00 32.46 ? 92  THR A O   1 
ATOM   387 C  CB  . THR A 1 50 ? -0.768  10.555  -11.598 1.00 32.12 ? 92  THR A CB  1 
ATOM   388 O  OG1 . THR A 1 50 ? -1.070  10.121  -12.928 1.00 31.90 ? 92  THR A OG1 1 
ATOM   389 C  CG2 . THR A 1 50 ? 0.444   11.482  -11.642 1.00 30.37 ? 92  THR A CG2 1 
ATOM   390 N  N   . THR A 1 51 ? -2.822  8.974   -10.262 1.00 33.53 ? 93  THR A N   1 
ATOM   391 C  CA  . THR A 1 51 ? -4.088  8.254   -10.261 1.00 35.18 ? 93  THR A CA  1 
ATOM   392 C  C   . THR A 1 51 ? -4.454  7.895   -11.695 1.00 36.44 ? 93  THR A C   1 
ATOM   393 O  O   . THR A 1 51 ? -4.911  6.788   -11.983 1.00 36.14 ? 93  THR A O   1 
ATOM   394 C  CB  . THR A 1 51 ? -5.212  9.109   -9.655  1.00 35.57 ? 93  THR A CB  1 
ATOM   395 O  OG1 . THR A 1 51 ? -4.931  9.346   -8.270  1.00 38.34 ? 93  THR A OG1 1 
ATOM   396 C  CG2 . THR A 1 51 ? -6.553  8.402   -9.773  1.00 36.73 ? 93  THR A CG2 1 
ATOM   397 N  N   . GLU A 1 52 ? -4.241  8.837   -12.600 1.00 37.88 ? 94  GLU A N   1 
ATOM   398 C  CA  . GLU A 1 52 ? -4.555  8.587   -13.994 1.00 39.43 ? 94  GLU A CA  1 
ATOM   399 C  C   . GLU A 1 52 ? -3.703  7.456   -14.556 1.00 37.98 ? 94  GLU A C   1 
ATOM   400 O  O   . GLU A 1 52 ? -4.152  6.704   -15.415 1.00 38.41 ? 94  GLU A O   1 
ATOM   401 C  CB  . GLU A 1 52 ? -4.335  9.847   -14.815 1.00 41.82 ? 94  GLU A CB  1 
ATOM   402 C  CG  . GLU A 1 52 ? -4.733  9.664   -16.247 1.00 46.28 ? 94  GLU A CG  1 
ATOM   403 C  CD  . GLU A 1 52 ? -3.553  9.649   -17.183 1.00 49.11 ? 94  GLU A CD  1 
ATOM   404 O  OE1 . GLU A 1 52 ? -2.841  10.673  -17.287 1.00 51.41 ? 94  GLU A OE1 1 
ATOM   405 O  OE2 . GLU A 1 52 ? -3.351  8.610   -17.840 1.00 51.09 ? 94  GLU A OE2 1 
ATOM   406 N  N   . LYS A 1 53 ? -2.470  7.343   -14.073 1.00 37.80 ? 95  LYS A N   1 
ATOM   407 C  CA  . LYS A 1 53 ? -1.561  6.292   -14.525 1.00 37.23 ? 95  LYS A CA  1 
ATOM   408 C  C   . LYS A 1 53 ? -1.997  4.927   -13.978 1.00 36.59 ? 95  LYS A C   1 
ATOM   409 O  O   . LYS A 1 53 ? -1.811  3.892   -14.621 1.00 35.49 ? 95  LYS A O   1 
ATOM   410 C  CB  . LYS A 1 53 ? -0.134  6.601   -14.063 1.00 38.89 ? 95  LYS A CB  1 
ATOM   411 C  CG  . LYS A 1 53 ? 0.424   7.918   -14.580 1.00 40.39 ? 95  LYS A CG  1 
ATOM   412 C  CD  . LYS A 1 53 ? 0.599   7.889   -16.088 1.00 43.15 ? 95  LYS A CD  1 
ATOM   413 C  CE  . LYS A 1 53 ? 1.679   6.897   -16.490 1.00 44.53 ? 95  LYS A CE  1 
ATOM   414 N  NZ  . LYS A 1 53 ? 3.000   7.270   -15.914 1.00 46.43 ? 95  LYS A NZ  1 
ATOM   415 N  N   . ILE A 1 54 ? -2.574  4.930   -12.781 1.00 35.44 ? 96  ILE A N   1 
ATOM   416 C  CA  . ILE A 1 54 ? -3.039  3.693   -12.165 1.00 34.17 ? 96  ILE A CA  1 
ATOM   417 C  C   . ILE A 1 54 ? -4.227  3.143   -12.951 1.00 35.85 ? 96  ILE A C   1 
ATOM   418 O  O   . ILE A 1 54 ? -4.245  1.976   -13.339 1.00 35.09 ? 96  ILE A O   1 
ATOM   419 C  CB  . ILE A 1 54 ? -3.462  3.943   -10.700 1.00 33.62 ? 96  ILE A CB  1 
ATOM   420 C  CG1 . ILE A 1 54 ? -2.222  4.239   -9.852  1.00 30.04 ? 96  ILE A CG1 1 
ATOM   421 C  CG2 . ILE A 1 54 ? -4.235  2.745   -10.161 1.00 31.69 ? 96  ILE A CG2 1 
ATOM   422 C  CD1 . ILE A 1 54 ? -2.547  4.662   -8.435  1.00 28.29 ? 96  ILE A CD1 1 
ATOM   423 N  N   . ASN A 1 55 ? -5.218  3.994   -13.192 1.00 36.11 ? 97  ASN A N   1 
ATOM   424 C  CA  . ASN A 1 55 ? -6.403  3.577   -13.928 1.00 38.53 ? 97  ASN A CA  1 
ATOM   425 C  C   . ASN A 1 55 ? -6.087  2.971   -15.290 1.00 38.39 ? 97  ASN A C   1 
ATOM   426 O  O   . ASN A 1 55 ? -6.796  2.077   -15.740 1.00 40.11 ? 97  ASN A O   1 
ATOM   427 C  CB  . ASN A 1 55 ? -7.366  4.752   -14.103 1.00 40.56 ? 97  ASN A CB  1 
ATOM   428 C  CG  . ASN A 1 55 ? -8.081  5.113   -12.819 1.00 42.72 ? 97  ASN A CG  1 
ATOM   429 O  OD1 . ASN A 1 55 ? -8.599  4.241   -12.121 1.00 45.37 ? 97  ASN A OD1 1 
ATOM   430 N  ND2 . ASN A 1 55 ? -8.123  6.401   -12.502 1.00 45.26 ? 97  ASN A ND2 1 
ATOM   431 N  N   . ASN A 1 56 ? -5.022  3.439   -15.936 1.00 38.24 ? 98  ASN A N   1 
ATOM   432 C  CA  . ASN A 1 56 ? -4.653  2.927   -17.255 1.00 38.40 ? 98  ASN A CA  1 
ATOM   433 C  C   . ASN A 1 56 ? -3.613  1.809   -17.258 1.00 37.75 ? 98  ASN A C   1 
ATOM   434 O  O   . ASN A 1 56 ? -3.176  1.368   -18.320 1.00 37.30 ? 98  ASN A O   1 
ATOM   435 C  CB  . ASN A 1 56 ? -4.164  4.071   -18.151 1.00 39.89 ? 98  ASN A CB  1 
ATOM   436 C  CG  . ASN A 1 56 ? -5.232  5.123   -18.384 1.00 39.01 ? 98  ASN A CG  1 
ATOM   437 O  OD1 . ASN A 1 56 ? -6.413  4.802   -18.508 1.00 40.30 ? 98  ASN A OD1 1 
ATOM   438 N  ND2 . ASN A 1 56 ? -4.821  6.383   -18.452 1.00 40.42 ? 98  ASN A ND2 1 
ATOM   439 N  N   . ALA A 1 57 ? -3.216  1.346   -16.077 1.00 36.73 ? 99  ALA A N   1 
ATOM   440 C  CA  . ALA A 1 57 ? -2.234  0.272   -15.990 1.00 34.70 ? 99  ALA A CA  1 
ATOM   441 C  C   . ALA A 1 57 ? -2.928  -1.078  -16.143 1.00 34.28 ? 99  ALA A C   1 
ATOM   442 O  O   . ALA A 1 57 ? -4.129  -1.197  -15.905 1.00 33.82 ? 99  ALA A O   1 
ATOM   443 C  CB  . ALA A 1 57 ? -1.502  0.334   -14.645 1.00 36.82 ? 99  ALA A CB  1 
ATOM   444 N  N   . GLN A 1 58 ? -2.169  -2.096  -16.535 1.00 33.44 ? 100 GLN A N   1 
ATOM   445 C  CA  . GLN A 1 58 ? -2.730  -3.428  -16.691 1.00 33.71 ? 100 GLN A CA  1 
ATOM   446 C  C   . GLN A 1 58 ? -3.132  -3.929  -15.310 1.00 34.22 ? 100 GLN A C   1 
ATOM   447 O  O   . GLN A 1 58 ? -4.230  -4.458  -15.113 1.00 34.28 ? 100 GLN A O   1 
ATOM   448 C  CB  . GLN A 1 58 ? -1.706  -4.358  -17.313 1.00 34.01 ? 100 GLN A CB  1 
ATOM   449 N  N   . THR A 1 59 ? -2.232  -3.752  -14.349 1.00 33.41 ? 101 THR A N   1 
ATOM   450 C  CA  . THR A 1 59 ? -2.486  -4.178  -12.980 1.00 32.10 ? 101 THR A CA  1 
ATOM   451 C  C   . THR A 1 59 ? -1.846  -3.184  -12.018 1.00 28.91 ? 101 THR A C   1 
ATOM   452 O  O   . THR A 1 59 ? -0.745  -2.683  -12.268 1.00 27.44 ? 101 THR A O   1 
ATOM   453 C  CB  . THR A 1 59 ? -1.902  -5.589  -12.721 1.00 34.05 ? 101 THR A CB  1 
ATOM   454 O  OG1 . THR A 1 59 ? -2.179  -5.989  -11.374 1.00 38.01 ? 101 THR A OG1 1 
ATOM   455 C  CG2 . THR A 1 59 ? -0.395  -5.592  -12.947 1.00 35.98 ? 101 THR A CG2 1 
ATOM   456 N  N   . ALA A 1 60 ? -2.557  -2.885  -10.935 1.00 27.07 ? 102 ALA A N   1 
ATOM   457 C  CA  . ALA A 1 60 ? -2.077  -1.967  -9.907  1.00 26.03 ? 102 ALA A CA  1 
ATOM   458 C  C   . ALA A 1 60 ? -2.634  -2.426  -8.568  1.00 25.42 ? 102 ALA A C   1 
ATOM   459 O  O   . ALA A 1 60 ? -3.831  -2.294  -8.296  1.00 24.94 ? 102 ALA A O   1 
ATOM   460 C  CB  . ALA A 1 60 ? -2.534  -0.545  -10.200 1.00 23.56 ? 102 ALA A CB  1 
ATOM   461 N  N   . THR A 1 61 ? -1.764  -2.962  -7.725  1.00 25.44 ? 103 THR A N   1 
ATOM   462 C  CA  . THR A 1 61 ? -2.205  -3.459  -6.432  1.00 24.19 ? 103 THR A CA  1 
ATOM   463 C  C   . THR A 1 61 ? -1.137  -3.307  -5.364  1.00 23.85 ? 103 THR A C   1 
ATOM   464 O  O   . THR A 1 61 ? -0.005  -2.912  -5.640  1.00 22.67 ? 103 THR A O   1 
ATOM   465 C  CB  . THR A 1 61 ? -2.493  -4.965  -6.503  1.00 25.23 ? 103 THR A CB  1 
ATOM   466 O  OG1 . THR A 1 61 ? -1.255  -5.657  -6.725  1.00 26.42 ? 103 THR A OG1 1 
ATOM   467 C  CG2 . THR A 1 61 ? -3.447  -5.296  -7.644  1.00 27.79 ? 103 THR A CG2 1 
ATOM   468 N  N   . TYR A 1 62 ? -1.517  -3.603  -4.127  1.00 22.78 ? 104 TYR A N   1 
ATOM   469 C  CA  . TYR A 1 62 ? -0.550  -3.612  -3.045  1.00 21.47 ? 104 TYR A CA  1 
ATOM   470 C  C   . TYR A 1 62 ? -0.944  -4.806  -2.203  1.00 21.30 ? 104 TYR A C   1 
ATOM   471 O  O   . TYR A 1 62 ? -2.129  -5.084  -2.009  1.00 22.35 ? 104 TYR A O   1 
ATOM   472 C  CB  . TYR A 1 62 ? -0.520  -2.287  -2.254  1.00 21.73 ? 104 TYR A CB  1 
ATOM   473 C  CG  . TYR A 1 62 ? -1.732  -1.909  -1.441  1.00 22.57 ? 104 TYR A CG  1 
ATOM   474 C  CD1 . TYR A 1 62 ? -1.956  -2.465  -0.183  1.00 25.24 ? 104 TYR A CD1 1 
ATOM   475 C  CD2 . TYR A 1 62 ? -2.617  -0.928  -1.891  1.00 24.13 ? 104 TYR A CD2 1 
ATOM   476 C  CE1 . TYR A 1 62 ? -3.023  -2.047  0.605   1.00 24.94 ? 104 TYR A CE1 1 
ATOM   477 C  CE2 . TYR A 1 62 ? -3.686  -0.507  -1.110  1.00 24.09 ? 104 TYR A CE2 1 
ATOM   478 C  CZ  . TYR A 1 62 ? -3.880  -1.067  0.140   1.00 25.45 ? 104 TYR A CZ  1 
ATOM   479 O  OH  . TYR A 1 62 ? -4.922  -0.624  0.929   1.00 26.99 ? 104 TYR A OH  1 
ATOM   480 N  N   . THR A 1 63 ? 0.059   -5.551  -1.761  1.00 20.61 ? 105 THR A N   1 
ATOM   481 C  CA  . THR A 1 63 ? -0.183  -6.751  -0.982  1.00 19.49 ? 105 THR A CA  1 
ATOM   482 C  C   . THR A 1 63 ? 0.250   -6.548  0.453   1.00 19.24 ? 105 THR A C   1 
ATOM   483 O  O   . THR A 1 63 ? 1.391   -6.183  0.720   1.00 18.99 ? 105 THR A O   1 
ATOM   484 C  CB  . THR A 1 63 ? 0.587   -7.938  -1.578  1.00 20.86 ? 105 THR A CB  1 
ATOM   485 O  OG1 . THR A 1 63 ? 0.133   -8.162  -2.923  1.00 21.95 ? 105 THR A OG1 1 
ATOM   486 C  CG2 . THR A 1 63 ? 0.386   -9.212  -0.721  1.00 22.66 ? 105 THR A CG2 1 
ATOM   487 N  N   . LEU A 1 64 ? -0.676  -6.782  1.368   1.00 18.09 ? 106 LEU A N   1 
ATOM   488 C  CA  . LEU A 1 64 ? -0.389  -6.652  2.783   1.00 19.15 ? 106 LEU A CA  1 
ATOM   489 C  C   . LEU A 1 64 ? -0.001  -8.016  3.313   1.00 20.75 ? 106 LEU A C   1 
ATOM   490 O  O   . LEU A 1 64 ? -0.669  -9.016  3.028   1.00 18.79 ? 106 LEU A O   1 
ATOM   491 C  CB  . LEU A 1 64 ? -1.626  -6.197  3.560   1.00 20.97 ? 106 LEU A CB  1 
ATOM   492 C  CG  . LEU A 1 64 ? -2.321  -4.876  3.240   1.00 23.17 ? 106 LEU A CG  1 
ATOM   493 C  CD1 . LEU A 1 64 ? -3.561  -4.733  4.106   1.00 27.56 ? 106 LEU A CD1 1 
ATOM   494 C  CD2 . LEU A 1 64 ? -1.374  -3.736  3.504   1.00 24.11 ? 106 LEU A CD2 1 
ATOM   495 N  N   . THR A 1 65 ? 1.095   -8.066  4.056   1.00 18.93 ? 107 THR A N   1 
ATOM   496 C  CA  . THR A 1 65 ? 1.491   -9.313  4.692   1.00 19.66 ? 107 THR A CA  1 
ATOM   497 C  C   . THR A 1 65 ? 1.240   -8.977  6.154   1.00 19.20 ? 107 THR A C   1 
ATOM   498 O  O   . THR A 1 65 ? 1.810   -8.018  6.680   1.00 20.84 ? 107 THR A O   1 
ATOM   499 C  CB  . THR A 1 65 ? 2.979   -9.642  4.493   1.00 19.17 ? 107 THR A CB  1 
ATOM   500 O  OG1 . THR A 1 65 ? 3.230   -9.930  3.115   1.00 22.77 ? 107 THR A OG1 1 
ATOM   501 C  CG2 . THR A 1 65 ? 3.360   -10.865 5.324   1.00 24.01 ? 107 THR A CG2 1 
ATOM   502 N  N   . LEU A 1 66 ? 0.372   -9.748  6.796   1.00 20.45 ? 108 LEU A N   1 
ATOM   503 C  CA  . LEU A 1 66 ? 0.030   -9.513  8.189   1.00 21.34 ? 108 LEU A CA  1 
ATOM   504 C  C   . LEU A 1 66 ? 0.997   -10.240 9.117   1.00 21.55 ? 108 LEU A C   1 
ATOM   505 O  O   . LEU A 1 66 ? 1.740   -11.136 8.693   1.00 19.97 ? 108 LEU A O   1 
ATOM   506 C  CB  . LEU A 1 66 ? -1.422  -9.932  8.458   1.00 21.96 ? 108 LEU A CB  1 
ATOM   507 C  CG  . LEU A 1 66 ? -2.526  -9.204  7.668   1.00 23.16 ? 108 LEU A CG  1 
ATOM   508 C  CD1 . LEU A 1 66 ? -2.283  -7.685  7.708   1.00 22.26 ? 108 LEU A CD1 1 
ATOM   509 C  CD2 . LEU A 1 66 ? -2.547  -9.691  6.216   1.00 22.81 ? 108 LEU A CD2 1 
ATOM   510 N  N   . ASN A 1 67 ? 1.004   -9.835  10.383  1.00 23.31 ? 109 ASN A N   1 
ATOM   511 C  CA  . ASN A 1 67 ? 1.911   -10.427 11.350  1.00 25.86 ? 109 ASN A CA  1 
ATOM   512 C  C   . ASN A 1 67 ? 1.761   -11.933 11.512  1.00 25.75 ? 109 ASN A C   1 
ATOM   513 O  O   . ASN A 1 67 ? 2.724   -12.608 11.866  1.00 28.27 ? 109 ASN A O   1 
ATOM   514 C  CB  . ASN A 1 67 ? 1.766   -9.727  12.701  1.00 28.34 ? 109 ASN A CB  1 
ATOM   515 C  CG  . ASN A 1 67 ? 2.295   -8.302  12.671  1.00 32.85 ? 109 ASN A CG  1 
ATOM   516 O  OD1 . ASN A 1 67 ? 3.434   -8.057  12.256  1.00 33.07 ? 109 ASN A OD1 1 
ATOM   517 N  ND2 . ASN A 1 67 ? 1.472   -7.354  13.111  1.00 33.18 ? 109 ASN A ND2 1 
ATOM   518 N  N   . ASP A 1 68 ? 0.572   -12.471 11.250  1.00 26.03 ? 110 ASP A N   1 
ATOM   519 C  CA  . ASP A 1 68 ? 0.401   -13.910 11.382  1.00 26.17 ? 110 ASP A CA  1 
ATOM   520 C  C   . ASP A 1 68 ? 0.796   -14.667 10.125  1.00 27.68 ? 110 ASP A C   1 
ATOM   521 O  O   . ASP A 1 68 ? 0.564   -15.872 10.020  1.00 28.73 ? 110 ASP A O   1 
ATOM   522 C  CB  . ASP A 1 68 ? -1.023  -14.289 11.799  1.00 25.97 ? 110 ASP A CB  1 
ATOM   523 C  CG  . ASP A 1 68 ? -2.088  -13.640 10.967  1.00 27.40 ? 110 ASP A CG  1 
ATOM   524 O  OD1 . ASP A 1 68 ? -1.872  -13.259 9.791   1.00 25.15 ? 110 ASP A OD1 1 
ATOM   525 O  OD2 . ASP A 1 68 ? -3.188  -13.547 11.528  1.00 28.34 ? 110 ASP A OD2 1 
ATOM   526 N  N   . GLY A 1 69 ? 1.399   -13.954 9.177   1.00 26.24 ? 111 GLY A N   1 
ATOM   527 C  CA  . GLY A 1 69 ? 1.856   -14.583 7.953   1.00 25.40 ? 111 GLY A CA  1 
ATOM   528 C  C   . GLY A 1 69 ? 0.910   -14.569 6.772   1.00 24.84 ? 111 GLY A C   1 
ATOM   529 O  O   . GLY A 1 69 ? 1.344   -14.788 5.640   1.00 24.22 ? 111 GLY A O   1 
ATOM   530 N  N   . ASN A 1 70 ? -0.374  -14.320 7.024   1.00 22.11 ? 112 ASN A N   1 
ATOM   531 C  CA  . ASN A 1 70 ? -1.370  -14.279 5.951   1.00 21.62 ? 112 ASN A CA  1 
ATOM   532 C  C   . ASN A 1 70 ? -1.177  -13.034 5.090   1.00 22.41 ? 112 ASN A C   1 
ATOM   533 O  O   . ASN A 1 70 ? -0.438  -12.112 5.451   1.00 21.15 ? 112 ASN A O   1 
ATOM   534 C  CB  . ASN A 1 70 ? -2.788  -14.277 6.537   1.00 22.84 ? 112 ASN A CB  1 
ATOM   535 C  CG  . ASN A 1 70 ? -3.063  -15.485 7.424   1.00 23.88 ? 112 ASN A CG  1 
ATOM   536 O  OD1 . ASN A 1 70 ? -3.961  -15.459 8.277   1.00 29.25 ? 112 ASN A OD1 1 
ATOM   537 N  ND2 . ASN A 1 70 ? -2.307  -16.545 7.221   1.00 22.94 ? 112 ASN A ND2 1 
ATOM   538 N  N   . LYS A 1 71 ? -1.844  -13.011 3.945   1.00 19.68 ? 113 LYS A N   1 
ATOM   539 C  CA  . LYS A 1 71 ? -1.739  -11.882 3.043   1.00 20.66 ? 113 LYS A CA  1 
ATOM   540 C  C   . LYS A 1 71 ? -3.116  -11.436 2.573   1.00 21.04 ? 113 LYS A C   1 
ATOM   541 O  O   . LYS A 1 71 ? -4.094  -12.180 2.662   1.00 20.61 ? 113 LYS A O   1 
ATOM   542 C  CB  . LYS A 1 71 ? -0.885  -12.264 1.840   1.00 22.32 ? 113 LYS A CB  1 
ATOM   543 C  CG  . LYS A 1 71 ? 0.546   -12.595 2.186   1.00 27.56 ? 113 LYS A CG  1 
ATOM   544 C  CD  . LYS A 1 71 ? 1.353   -12.737 0.924   1.00 28.51 ? 113 LYS A CD  1 
ATOM   545 C  CE  . LYS A 1 71 ? 2.826   -12.820 1.297   1.00 33.51 ? 113 LYS A CE  1 
ATOM   546 N  NZ  . LYS A 1 71 ? 3.759   -12.737 0.153   1.00 35.49 ? 113 LYS A NZ  1 
ATOM   547 N  N   . LYS A 1 72 ? -3.191  -10.201 2.095   1.00 20.58 ? 114 LYS A N   1 
ATOM   548 C  CA  . LYS A 1 72 ? -4.437  -9.652  1.583   1.00 22.48 ? 114 LYS A CA  1 
ATOM   549 C  C   . LYS A 1 72 ? -4.072  -8.670  0.487   1.00 21.50 ? 114 LYS A C   1 
ATOM   550 O  O   . LYS A 1 72 ? -3.316  -7.720  0.724   1.00 21.50 ? 114 LYS A O   1 
ATOM   551 C  CB  . LYS A 1 72 ? -5.221  -8.940  2.683   1.00 24.41 ? 114 LYS A CB  1 
ATOM   552 C  CG  . LYS A 1 72 ? -6.512  -8.307  2.181   1.00 28.38 ? 114 LYS A CG  1 
ATOM   553 C  CD  . LYS A 1 72 ? -7.443  -7.922  3.328   1.00 31.34 ? 114 LYS A CD  1 
ATOM   554 C  CE  . LYS A 1 72 ? -8.707  -7.274  2.758   1.00 34.40 ? 114 LYS A CE  1 
ATOM   555 N  NZ  . LYS A 1 72 ? -9.685  -6.792  3.782   1.00 38.06 ? 114 LYS A NZ  1 
ATOM   556 N  N   . VAL A 1 73 ? -4.592  -8.917  -0.712  1.00 19.13 ? 115 VAL A N   1 
ATOM   557 C  CA  . VAL A 1 73 ? -4.315  -8.068  -1.869  1.00 20.92 ? 115 VAL A CA  1 
ATOM   558 C  C   . VAL A 1 73 ? -5.423  -7.050  -2.093  1.00 22.15 ? 115 VAL A C   1 
ATOM   559 O  O   . VAL A 1 73 ? -6.610  -7.392  -2.098  1.00 21.07 ? 115 VAL A O   1 
ATOM   560 C  CB  . VAL A 1 73 ? -4.163  -8.918  -3.155  1.00 21.58 ? 115 VAL A CB  1 
ATOM   561 C  CG1 . VAL A 1 73 ? -3.790  -8.028  -4.344  1.00 21.86 ? 115 VAL A CG1 1 
ATOM   562 C  CG2 . VAL A 1 73 ? -3.091  -9.990  -2.937  1.00 21.56 ? 115 VAL A CG2 1 
ATOM   563 N  N   . VAL A 1 74 ? -5.021  -5.796  -2.277  1.00 20.97 ? 116 VAL A N   1 
ATOM   564 C  CA  . VAL A 1 74 ? -5.953  -4.694  -2.517  1.00 23.72 ? 116 VAL A CA  1 
ATOM   565 C  C   . VAL A 1 74 ? -5.735  -4.185  -3.942  1.00 24.20 ? 116 VAL A C   1 
ATOM   566 O  O   . VAL A 1 74 ? -4.594  -3.992  -4.372  1.00 23.61 ? 116 VAL A O   1 
ATOM   567 C  CB  . VAL A 1 74 ? -5.710  -3.523  -1.531  1.00 24.07 ? 116 VAL A CB  1 
ATOM   568 C  CG1 . VAL A 1 74 ? -6.654  -2.355  -1.840  1.00 26.84 ? 116 VAL A CG1 1 
ATOM   569 C  CG2 . VAL A 1 74 ? -5.936  -3.994  -0.099  1.00 24.85 ? 116 VAL A CG2 1 
ATOM   570 N  N   . ASN A 1 75 ? -6.823  -3.972  -4.673  1.00 25.85 ? 117 ASN A N   1 
ATOM   571 C  CA  . ASN A 1 75 ? -6.740  -3.485  -6.049  1.00 27.18 ? 117 ASN A CA  1 
ATOM   572 C  C   . ASN A 1 75 ? -6.822  -1.957  -6.010  1.00 26.43 ? 117 ASN A C   1 
ATOM   573 O  O   . ASN A 1 75 ? -7.818  -1.395  -5.553  1.00 28.73 ? 117 ASN A O   1 
ATOM   574 C  CB  . ASN A 1 75 ? -7.903  -4.065  -6.871  1.00 29.39 ? 117 ASN A CB  1 
ATOM   575 C  CG  . ASN A 1 75 ? -7.873  -3.641  -8.331  1.00 30.78 ? 117 ASN A CG  1 
ATOM   576 O  OD1 . ASN A 1 75 ? -7.136  -2.737  -8.722  1.00 31.48 ? 117 ASN A OD1 1 
ATOM   577 N  ND2 . ASN A 1 75 ? -8.700  -4.294  -9.145  1.00 32.49 ? 117 ASN A ND2 1 
ATOM   578 N  N   . LEU A 1 76 ? -5.776  -1.286  -6.479  1.00 26.80 ? 118 LEU A N   1 
ATOM   579 C  CA  . LEU A 1 76 ? -5.732  0.178   -6.467  1.00 27.83 ? 118 LEU A CA  1 
ATOM   580 C  C   . LEU A 1 76 ? -6.647  0.877   -7.476  1.00 29.56 ? 118 LEU A C   1 
ATOM   581 O  O   . LEU A 1 76 ? -6.970  2.056   -7.311  1.00 29.10 ? 118 LEU A O   1 
ATOM   582 C  CB  . LEU A 1 76 ? -4.292  0.652   -6.680  1.00 27.02 ? 118 LEU A CB  1 
ATOM   583 C  CG  . LEU A 1 76 ? -3.333  0.438   -5.506  1.00 28.25 ? 118 LEU A CG  1 
ATOM   584 C  CD1 . LEU A 1 76 ? -1.892  0.698   -5.941  1.00 26.78 ? 118 LEU A CD1 1 
ATOM   585 C  CD2 . LEU A 1 76 ? -3.726  1.366   -4.369  1.00 26.84 ? 118 LEU A CD2 1 
ATOM   586 N  N   . LYS A 1 77 ? -7.062  0.157   -8.513  1.00 31.04 ? 119 LYS A N   1 
ATOM   587 C  CA  . LYS A 1 77 ? -7.931  0.728   -9.541  1.00 34.35 ? 119 LYS A CA  1 
ATOM   588 C  C   . LYS A 1 77 ? -9.370  0.844   -9.050  1.00 36.69 ? 119 LYS A C   1 
ATOM   589 O  O   . LYS A 1 77 ? -10.107 1.746   -9.458  1.00 38.69 ? 119 LYS A O   1 
ATOM   590 C  CB  . LYS A 1 77 ? -7.866  -0.133  -10.806 1.00 35.56 ? 119 LYS A CB  1 
ATOM   591 C  CG  . LYS A 1 77 ? -6.444  -0.317  -11.323 1.00 37.58 ? 119 LYS A CG  1 
ATOM   592 C  CD  . LYS A 1 77 ? -6.359  -1.337  -12.449 1.00 41.15 ? 119 LYS A CD  1 
ATOM   593 C  CE  . LYS A 1 77 ? -6.950  -0.809  -13.742 1.00 42.76 ? 119 LYS A CE  1 
ATOM   594 N  NZ  . LYS A 1 77 ? -6.790  -1.797  -14.850 1.00 44.14 ? 119 LYS A NZ  1 
ATOM   595 N  N   . LYS A 1 78 ? -9.760  -0.066  -8.164  1.00 37.31 ? 120 LYS A N   1 
ATOM   596 C  CA  . LYS A 1 78 ? -11.108 -0.076  -7.604  1.00 38.25 ? 120 LYS A CA  1 
ATOM   597 C  C   . LYS A 1 78 ? -11.105 -0.966  -6.368  1.00 38.31 ? 120 LYS A C   1 
ATOM   598 O  O   . LYS A 1 78 ? -11.168 -2.189  -6.477  1.00 38.51 ? 120 LYS A O   1 
ATOM   599 C  CB  . LYS A 1 78 ? -12.096 -0.609  -8.633  1.00 38.27 ? 120 LYS A CB  1 
ATOM   600 N  N   . ASN A 1 79 ? -11.029 -0.343  -5.199  1.00 38.56 ? 121 ASN A N   1 
ATOM   601 C  CA  . ASN A 1 79 ? -10.994 -1.073  -3.944  1.00 39.72 ? 121 ASN A CA  1 
ATOM   602 C  C   . ASN A 1 79 ? -12.343 -1.163  -3.237  1.00 40.54 ? 121 ASN A C   1 
ATOM   603 O  O   . ASN A 1 79 ? -12.740 -0.241  -2.521  1.00 40.15 ? 121 ASN A O   1 
ATOM   604 C  CB  . ASN A 1 79 ? -9.960  -0.441  -3.009  1.00 39.70 ? 121 ASN A CB  1 
ATOM   605 C  CG  . ASN A 1 79 ? -9.886  -1.136  -1.673  1.00 40.24 ? 121 ASN A CG  1 
ATOM   606 O  OD1 . ASN A 1 79 ? -10.050 -2.352  -1.587  1.00 39.38 ? 121 ASN A OD1 1 
ATOM   607 N  ND2 . ASN A 1 79 ? -9.623  -0.371  -0.620  1.00 40.88 ? 121 ASN A ND2 1 
ATOM   608 N  N   . ASP A 1 80 ? -13.033 -2.283  -3.446  1.00 42.48 ? 122 ASP A N   1 
ATOM   609 C  CA  . ASP A 1 80 ? -14.328 -2.533  -2.828  1.00 44.63 ? 122 ASP A CA  1 
ATOM   610 C  C   . ASP A 1 80 ? -14.191 -2.468  -1.308  1.00 46.03 ? 122 ASP A C   1 
ATOM   611 O  O   . ASP A 1 80 ? -15.070 -1.956  -0.615  1.00 46.50 ? 122 ASP A O   1 
ATOM   612 C  CB  . ASP A 1 80 ? -14.861 -3.914  -3.220  1.00 45.20 ? 122 ASP A CB  1 
ATOM   613 C  CG  . ASP A 1 80 ? -14.966 -4.103  -4.726  1.00 46.41 ? 122 ASP A CG  1 
ATOM   614 O  OD1 . ASP A 1 80 ? -15.328 -3.136  -5.430  1.00 45.92 ? 122 ASP A OD1 1 
ATOM   615 O  OD2 . ASP A 1 80 ? -14.699 -5.227  -5.204  1.00 47.21 ? 122 ASP A OD2 1 
ATOM   616 N  N   . ASP A 1 81 ? -13.081 -2.990  -0.789  1.00 47.03 ? 123 ASP A N   1 
ATOM   617 C  CA  . ASP A 1 81 ? -12.844 -2.984  0.653   1.00 47.51 ? 123 ASP A CA  1 
ATOM   618 C  C   . ASP A 1 81 ? -12.376 -1.619  1.148   1.00 46.98 ? 123 ASP A C   1 
ATOM   619 O  O   . ASP A 1 81 ? -11.868 -1.495  2.261   1.00 47.14 ? 123 ASP A O   1 
ATOM   620 C  CB  . ASP A 1 81 ? -11.806 -4.050  1.034   1.00 48.62 ? 123 ASP A CB  1 
ATOM   621 C  CG  . ASP A 1 81 ? -12.241 -5.452  0.652   1.00 51.03 ? 123 ASP A CG  1 
ATOM   622 O  OD1 . ASP A 1 81 ? -13.365 -5.849  1.025   1.00 52.52 ? 123 ASP A OD1 1 
ATOM   623 O  OD2 . ASP A 1 81 ? -11.457 -6.162  -0.019  1.00 51.73 ? 123 ASP A OD2 1 
ATOM   624 N  N   . ALA A 1 82 ? -12.558 -0.591  0.324   1.00 46.56 ? 124 ALA A N   1 
ATOM   625 C  CA  . ALA A 1 82 ? -12.143 0.761   0.693   1.00 46.48 ? 124 ALA A CA  1 
ATOM   626 C  C   . ALA A 1 82 ? -12.882 1.225   1.936   1.00 46.74 ? 124 ALA A C   1 
ATOM   627 O  O   . ALA A 1 82 ? -12.455 2.158   2.619   1.00 47.26 ? 124 ALA A O   1 
ATOM   628 C  CB  . ALA A 1 82 ? -12.403 1.726   -0.455  1.00 46.23 ? 124 ALA A CB  1 
ATOM   629 N  N   . LYS A 1 83 ? -14.001 0.567   2.221   1.00 45.36 ? 125 LYS A N   1 
ATOM   630 C  CA  . LYS A 1 83 ? -14.799 0.912   3.383   1.00 44.94 ? 125 LYS A CA  1 
ATOM   631 C  C   . LYS A 1 83 ? -14.410 0.076   4.587   1.00 43.52 ? 125 LYS A C   1 
ATOM   632 O  O   . LYS A 1 83 ? -14.496 0.563   5.710   1.00 44.66 ? 125 LYS A O   1 
ATOM   633 C  CB  . LYS A 1 83 ? -16.276 0.730   3.086   1.00 45.43 ? 125 LYS A CB  1 
ATOM   634 N  N   . ASN A 1 84 ? -13.999 -1.172  4.355   1.00 42.18 ? 126 ASN A N   1 
ATOM   635 C  CA  . ASN A 1 84 ? -13.617 -2.073  5.445   1.00 40.71 ? 126 ASN A CA  1 
ATOM   636 C  C   . ASN A 1 84 ? -12.499 -1.458  6.263   1.00 40.29 ? 126 ASN A C   1 
ATOM   637 O  O   . ASN A 1 84 ? -11.773 -0.591  5.775   1.00 39.32 ? 126 ASN A O   1 
ATOM   638 C  CB  . ASN A 1 84 ? -13.184 -3.444  4.903   1.00 41.58 ? 126 ASN A CB  1 
ATOM   639 C  CG  . ASN A 1 84 ? -14.327 -4.195  4.249   1.00 43.24 ? 126 ASN A CG  1 
ATOM   640 O  OD1 . ASN A 1 84 ? -14.858 -3.768  3.228   1.00 44.12 ? 126 ASN A OD1 1 
ATOM   641 N  ND2 . ASN A 1 84 ? -14.722 -5.313  4.849   1.00 43.06 ? 126 ASN A ND2 1 
ATOM   642 N  N   . SER A 1 85 ? -12.357 -1.898  7.508   1.00 39.04 ? 127 SER A N   1 
ATOM   643 C  CA  . SER A 1 85 ? -11.328 -1.359  8.389   1.00 37.71 ? 127 SER A CA  1 
ATOM   644 C  C   . SER A 1 85 ? -10.302 -2.406  8.728   1.00 35.87 ? 127 SER A C   1 
ATOM   645 O  O   . SER A 1 85 ? -10.514 -3.600  8.516   1.00 34.94 ? 127 SER A O   1 
ATOM   646 C  CB  . SER A 1 85 ? -11.950 -0.831  9.686   1.00 39.00 ? 127 SER A CB  1 
ATOM   647 O  OG  . SER A 1 85 ? -12.565 -1.865  10.430  1.00 40.34 ? 127 SER A OG  1 
ATOM   648 N  N   . ILE A 1 86 ? -9.184  -1.949  9.271   1.00 34.30 ? 128 ILE A N   1 
ATOM   649 C  CA  . ILE A 1 86 ? -8.108  -2.851  9.641   1.00 32.58 ? 128 ILE A CA  1 
ATOM   650 C  C   . ILE A 1 86 ? -7.225  -2.197  10.689  1.00 30.36 ? 128 ILE A C   1 
ATOM   651 O  O   . ILE A 1 86 ? -7.085  -0.973  10.720  1.00 28.50 ? 128 ILE A O   1 
ATOM   652 C  CB  . ILE A 1 86 ? -7.250  -3.214  8.409   1.00 32.79 ? 128 ILE A CB  1 
ATOM   653 C  CG1 . ILE A 1 86 ? -6.120  -4.162  8.815   1.00 34.57 ? 128 ILE A CG1 1 
ATOM   654 C  CG2 . ILE A 1 86 ? -6.697  -1.942  7.770   1.00 34.27 ? 128 ILE A CG2 1 
ATOM   655 C  CD1 . ILE A 1 86 ? -5.335  -4.719  7.642   1.00 35.07 ? 128 ILE A CD1 1 
ATOM   656 N  N   . ASP A 1 87 ? -6.654  -3.012  11.568  1.00 30.04 ? 129 ASP A N   1 
ATOM   657 C  CA  . ASP A 1 87 ? -5.763  -2.492  12.595  1.00 28.63 ? 129 ASP A CA  1 
ATOM   658 C  C   . ASP A 1 87 ? -4.392  -2.480  11.945  1.00 26.23 ? 129 ASP A C   1 
ATOM   659 O  O   . ASP A 1 87 ? -3.809  -3.535  11.696  1.00 26.20 ? 129 ASP A O   1 
ATOM   660 C  CB  . ASP A 1 87 ? -5.752  -3.405  13.824  1.00 32.07 ? 129 ASP A CB  1 
ATOM   661 C  CG  . ASP A 1 87 ? -4.774  -2.929  14.898  1.00 34.69 ? 129 ASP A CG  1 
ATOM   662 O  OD1 . ASP A 1 87 ? -4.131  -1.870  14.702  1.00 33.49 ? 129 ASP A OD1 1 
ATOM   663 O  OD2 . ASP A 1 87 ? -4.654  -3.613  15.938  1.00 35.93 ? 129 ASP A OD2 1 
ATOM   664 N  N   . PRO A 1 88 ? -3.859  -1.284  11.658  1.00 25.78 ? 130 PRO A N   1 
ATOM   665 C  CA  . PRO A 1 88 ? -2.541  -1.207  11.022  1.00 24.69 ? 130 PRO A CA  1 
ATOM   666 C  C   . PRO A 1 88 ? -1.440  -1.930  11.790  1.00 24.17 ? 130 PRO A C   1 
ATOM   667 O  O   . PRO A 1 88 ? -0.433  -2.316  11.207  1.00 20.96 ? 130 PRO A O   1 
ATOM   668 C  CB  . PRO A 1 88 ? -2.300  0.302   10.894  1.00 25.95 ? 130 PRO A CB  1 
ATOM   669 C  CG  . PRO A 1 88 ? -3.109  0.882   12.019  1.00 27.29 ? 130 PRO A CG  1 
ATOM   670 C  CD  . PRO A 1 88 ? -4.370  0.055   11.994  1.00 26.43 ? 130 PRO A CD  1 
ATOM   671 N  N   . SER A 1 89 ? -1.629  -2.111  13.097  1.00 23.46 ? 131 SER A N   1 
ATOM   672 C  CA  . SER A 1 89 ? -0.631  -2.802  13.903  1.00 23.53 ? 131 SER A CA  1 
ATOM   673 C  C   . SER A 1 89 ? -0.472  -4.258  13.461  1.00 24.43 ? 131 SER A C   1 
ATOM   674 O  O   . SER A 1 89 ? 0.550   -4.888  13.739  1.00 22.75 ? 131 SER A O   1 
ATOM   675 C  CB  . SER A 1 89 ? -1.010  -2.753  15.390  1.00 25.32 ? 131 SER A CB  1 
ATOM   676 O  OG  . SER A 1 89 ? -0.985  -1.426  15.881  1.00 27.60 ? 131 SER A OG  1 
ATOM   677 N  N   . THR A 1 90 ? -1.476  -4.793  12.769  1.00 22.44 ? 132 THR A N   1 
ATOM   678 C  CA  . THR A 1 90 ? -1.395  -6.176  12.310  1.00 23.02 ? 132 THR A CA  1 
ATOM   679 C  C   . THR A 1 90 ? -0.625  -6.297  11.007  1.00 22.33 ? 132 THR A C   1 
ATOM   680 O  O   . THR A 1 90 ? -0.375  -7.402  10.543  1.00 23.47 ? 132 THR A O   1 
ATOM   681 C  CB  . THR A 1 90 ? -2.782  -6.794  12.059  1.00 24.72 ? 132 THR A CB  1 
ATOM   682 O  OG1 . THR A 1 90 ? -3.418  -6.105  10.974  1.00 24.97 ? 132 THR A OG1 1 
ATOM   683 C  CG2 . THR A 1 90 ? -3.646  -6.692  13.304  1.00 25.52 ? 132 THR A CG2 1 
ATOM   684 N  N   . ILE A 1 91 ? -0.263  -5.164  10.407  1.00 21.24 ? 133 ILE A N   1 
ATOM   685 C  CA  . ILE A 1 91 ? 0.463   -5.182  9.136   1.00 20.43 ? 133 ILE A CA  1 
ATOM   686 C  C   . ILE A 1 91 ? 1.979   -5.256  9.318   1.00 21.91 ? 133 ILE A C   1 
ATOM   687 O  O   . ILE A 1 91 ? 2.573   -4.407  9.992   1.00 21.88 ? 133 ILE A O   1 
ATOM   688 C  CB  . ILE A 1 91 ? 0.154   -3.921  8.295   1.00 19.98 ? 133 ILE A CB  1 
ATOM   689 C  CG1 . ILE A 1 91 ? -1.361  -3.764  8.128   1.00 17.74 ? 133 ILE A CG1 1 
ATOM   690 C  CG2 . ILE A 1 91 ? 0.848   -4.016  6.942   1.00 21.30 ? 133 ILE A CG2 1 
ATOM   691 C  CD1 . ILE A 1 91 ? -1.763  -2.441  7.530   1.00 18.25 ? 133 ILE A CD1 1 
ATOM   692 N  N   . LYS A 1 92 ? 2.600   -6.264  8.707   1.00 20.77 ? 134 LYS A N   1 
ATOM   693 C  CA  . LYS A 1 92 ? 4.044   -6.441  8.790   1.00 21.72 ? 134 LYS A CA  1 
ATOM   694 C  C   . LYS A 1 92 ? 4.773   -5.771  7.634   1.00 22.37 ? 134 LYS A C   1 
ATOM   695 O  O   . LYS A 1 92 ? 5.820   -5.153  7.831   1.00 22.10 ? 134 LYS A O   1 
ATOM   696 C  CB  . LYS A 1 92 ? 4.403   -7.931  8.805   1.00 25.72 ? 134 LYS A CB  1 
ATOM   697 C  CG  . LYS A 1 92 ? 5.904   -8.220  8.790   1.00 28.65 ? 134 LYS A CG  1 
ATOM   698 C  CD  . LYS A 1 92 ? 6.166   -9.722  8.826   1.00 33.55 ? 134 LYS A CD  1 
ATOM   699 C  CE  . LYS A 1 92 ? 7.654   -10.048 8.843   1.00 34.24 ? 134 LYS A CE  1 
ATOM   700 N  NZ  . LYS A 1 92 ? 8.332   -9.699  7.554   1.00 39.19 ? 134 LYS A NZ  1 
ATOM   701 N  N   . GLN A 1 93 ? 4.228   -5.894  6.427   1.00 20.33 ? 135 GLN A N   1 
ATOM   702 C  CA  . GLN A 1 93 ? 4.878   -5.305  5.265   1.00 22.79 ? 135 GLN A CA  1 
ATOM   703 C  C   . GLN A 1 93 ? 3.883   -5.036  4.143   1.00 21.16 ? 135 GLN A C   1 
ATOM   704 O  O   . GLN A 1 93 ? 2.793   -5.614  4.118   1.00 20.06 ? 135 GLN A O   1 
ATOM   705 C  CB  . GLN A 1 93 ? 5.977   -6.241  4.750   1.00 25.68 ? 135 GLN A CB  1 
ATOM   706 C  CG  . GLN A 1 93 ? 7.215   -5.510  4.263   1.00 32.88 ? 135 GLN A CG  1 
ATOM   707 C  CD  . GLN A 1 93 ? 7.636   -5.922  2.865   1.00 36.72 ? 135 GLN A CD  1 
ATOM   708 O  OE1 . GLN A 1 93 ? 7.754   -5.089  1.969   1.00 38.22 ? 135 GLN A OE1 1 
ATOM   709 N  NE2 . GLN A 1 93 ? 7.862   -7.219  2.672   1.00 39.54 ? 135 GLN A NE2 1 
ATOM   710 N  N   . ILE A 1 94 ? 4.260   -4.146  3.229   1.00 21.59 ? 136 ILE A N   1 
ATOM   711 C  CA  . ILE A 1 94 ? 3.412   -3.815  2.086   1.00 21.45 ? 136 ILE A CA  1 
ATOM   712 C  C   . ILE A 1 94 ? 4.222   -3.828  0.797   1.00 20.75 ? 136 ILE A C   1 
ATOM   713 O  O   . ILE A 1 94 ? 5.262   -3.171  0.691   1.00 19.00 ? 136 ILE A O   1 
ATOM   714 C  CB  . ILE A 1 94 ? 2.739   -2.424  2.252   1.00 20.60 ? 136 ILE A CB  1 
ATOM   715 C  CG1 . ILE A 1 94 ? 1.813   -2.436  3.480   1.00 21.91 ? 136 ILE A CG1 1 
ATOM   716 C  CG2 . ILE A 1 94 ? 1.959   -2.081  0.991   1.00 22.06 ? 136 ILE A CG2 1 
ATOM   717 C  CD1 . ILE A 1 94 ? 1.039   -1.127  3.720   1.00 20.71 ? 136 ILE A CD1 1 
ATOM   718 N  N   . GLN A 1 95 ? 3.748   -4.596  -0.181  1.00 20.47 ? 137 GLN A N   1 
ATOM   719 C  CA  . GLN A 1 95 ? 4.411   -4.701  -1.478  1.00 22.04 ? 137 GLN A CA  1 
ATOM   720 C  C   . GLN A 1 95 ? 3.526   -4.083  -2.537  1.00 21.62 ? 137 GLN A C   1 
ATOM   721 O  O   . GLN A 1 95 ? 2.474   -4.628  -2.848  1.00 20.64 ? 137 GLN A O   1 
ATOM   722 C  CB  . GLN A 1 95 ? 4.680   -6.165  -1.824  1.00 24.07 ? 137 GLN A CB  1 
ATOM   723 C  CG  . GLN A 1 95 ? 5.871   -6.703  -1.054  1.00 31.03 ? 137 GLN A CG  1 
ATOM   724 C  CD  . GLN A 1 95 ? 5.981   -8.219  -1.022  1.00 34.07 ? 137 GLN A CD  1 
ATOM   725 O  OE1 . GLN A 1 95 ? 5.064   -8.925  -0.592  1.00 37.10 ? 137 GLN A OE1 1 
ATOM   726 N  NE2 . GLN A 1 95 ? 7.123   -8.725  -1.480  1.00 35.68 ? 137 GLN A NE2 1 
ATOM   727 N  N   . ILE A 1 96 ? 3.958   -2.951  -3.085  1.00 20.96 ? 138 ILE A N   1 
ATOM   728 C  CA  . ILE A 1 96 ? 3.188   -2.243  -4.110  1.00 21.24 ? 138 ILE A CA  1 
ATOM   729 C  C   . ILE A 1 96 ? 3.662   -2.649  -5.501  1.00 21.02 ? 138 ILE A C   1 
ATOM   730 O  O   . ILE A 1 96 ? 4.854   -2.594  -5.792  1.00 20.43 ? 138 ILE A O   1 
ATOM   731 C  CB  . ILE A 1 96 ? 3.329   -0.728  -3.920  1.00 20.08 ? 138 ILE A CB  1 
ATOM   732 C  CG1 . ILE A 1 96 ? 2.880   -0.361  -2.502  1.00 24.42 ? 138 ILE A CG1 1 
ATOM   733 C  CG2 . ILE A 1 96 ? 2.487   0.019   -4.954  1.00 22.92 ? 138 ILE A CG2 1 
ATOM   734 C  CD1 . ILE A 1 96 ? 3.361   0.988   -2.026  1.00 22.13 ? 138 ILE A CD1 1 
ATOM   735 N  N   . VAL A 1 97 ? 2.725   -3.056  -6.358  1.00 22.51 ? 139 VAL A N   1 
ATOM   736 C  CA  . VAL A 1 97 ? 3.076   -3.507  -7.699  1.00 22.84 ? 139 VAL A CA  1 
ATOM   737 C  C   . VAL A 1 97 ? 2.185   -2.925  -8.785  1.00 22.94 ? 139 VAL A C   1 
ATOM   738 O  O   . VAL A 1 97 ? 0.959   -3.023  -8.723  1.00 22.45 ? 139 VAL A O   1 
ATOM   739 C  CB  . VAL A 1 97 ? 3.016   -5.054  -7.791  1.00 24.11 ? 139 VAL A CB  1 
ATOM   740 C  CG1 . VAL A 1 97 ? 3.225   -5.516  -9.241  1.00 26.56 ? 139 VAL A CG1 1 
ATOM   741 C  CG2 . VAL A 1 97 ? 4.080   -5.665  -6.889  1.00 25.39 ? 139 VAL A CG2 1 
ATOM   742 N  N   . VAL A 1 98 ? 2.814   -2.319  -9.782  1.00 25.13 ? 140 VAL A N   1 
ATOM   743 C  CA  . VAL A 1 98 ? 2.085   -1.732  -10.894 1.00 28.33 ? 140 VAL A CA  1 
ATOM   744 C  C   . VAL A 1 98 ? 2.748   -2.147  -12.200 1.00 30.77 ? 140 VAL A C   1 
ATOM   745 O  O   . VAL A 1 98 ? 3.977   -2.145  -12.308 1.00 31.08 ? 140 VAL A O   1 
ATOM   746 C  CB  . VAL A 1 98 ? 2.073   -0.196  -10.805 1.00 28.69 ? 140 VAL A CB  1 
ATOM   747 C  CG1 . VAL A 1 98 ? 1.304   0.386   -11.985 1.00 28.83 ? 140 VAL A CG1 1 
ATOM   748 C  CG2 . VAL A 1 98 ? 1.451   0.241   -9.490  1.00 26.32 ? 140 VAL A CG2 1 
ATOM   749 N  N   . LYS A 1 99 ? 1.937   -2.510  -13.187 1.00 33.39 ? 141 LYS A N   1 
ATOM   750 C  CA  . LYS A 1 99 ? 2.465   -2.916  -14.485 1.00 37.24 ? 141 LYS A CA  1 
ATOM   751 C  C   . LYS A 1 99 ? 1.580   -2.386  -15.604 1.00 38.98 ? 141 LYS A C   1 
ATOM   752 O  O   . LYS A 1 99 ? 0.392   -2.104  -15.328 1.00 40.22 ? 141 LYS A O   1 
ATOM   753 C  CB  . LYS A 1 99 ? 2.555   -4.437  -14.562 1.00 38.04 ? 141 LYS A CB  1 
ATOM   754 O  OXT . LYS A 1 99 ? 2.082   -2.278  -16.745 1.00 40.13 ? 141 LYS A OXT 1 
HETATM 755 ZN ZN  . ZN  B 2 .  ? 3.944   -1.658  16.071  1.00 27.83 ? 237 ZN  A ZN  1 
HETATM 756 ZN ZN  . ZN  C 2 .  ? -5.054  -12.516 10.653  1.00 42.26 ? 238 ZN  A ZN  1 
HETATM 757 O  O   . HOH D 3 .  ? 3.401   -7.821  1.552   1.00 24.95 ? 142 HOH A O   1 
HETATM 758 O  O   . HOH D 3 .  ? 0.891   -6.332  -4.862  1.00 23.49 ? 143 HOH A O   1 
HETATM 759 O  O   . HOH D 3 .  ? 7.004   -4.104  -4.532  1.00 26.25 ? 144 HOH A O   1 
HETATM 760 O  O   . HOH D 3 .  ? -5.928  -12.679 13.269  1.00 34.72 ? 145 HOH A O   1 
HETATM 761 O  O   . HOH D 3 .  ? 14.894  -0.826  -5.304  1.00 48.64 ? 146 HOH A O   1 
HETATM 762 O  O   . HOH D 3 .  ? 9.546   3.068   -1.920  1.00 34.70 ? 147 HOH A O   1 
HETATM 763 O  O   . HOH D 3 .  ? 11.223  4.640   -5.084  1.00 32.23 ? 148 HOH A O   1 
HETATM 764 O  O   . HOH D 3 .  ? 8.913   6.839   2.942   1.00 32.62 ? 149 HOH A O   1 
HETATM 765 O  O   . HOH D 3 .  ? -0.527  8.098   9.470   1.00 33.93 ? 150 HOH A O   1 
HETATM 766 O  O   . HOH D 3 .  ? -3.705  3.895   13.174  1.00 36.13 ? 151 HOH A O   1 
HETATM 767 O  O   . HOH D 3 .  ? 2.376   8.444   1.743   1.00 34.07 ? 152 HOH A O   1 
HETATM 768 O  O   . HOH D 3 .  ? -0.752  7.850   -7.328  1.00 36.74 ? 153 HOH A O   1 
HETATM 769 O  O   . HOH D 3 .  ? -16.024 -5.044  -7.787  1.00 37.75 ? 154 HOH A O   1 
HETATM 770 O  O   . HOH D 3 .  ? 10.490  1.972   -6.610  1.00 41.24 ? 155 HOH A O   1 
HETATM 771 O  O   . HOH D 3 .  ? 3.976   -14.979 5.209   1.00 31.57 ? 156 HOH A O   1 
HETATM 772 O  O   . HOH D 3 .  ? -5.296  -3.993  -10.622 1.00 29.88 ? 157 HOH A O   1 
HETATM 773 O  O   . HOH D 3 .  ? 5.789   -3.777  10.690  1.00 27.89 ? 158 HOH A O   1 
HETATM 774 O  O   . HOH D 3 .  ? 11.442  -0.334  1.578   1.00 35.65 ? 159 HOH A O   1 
HETATM 775 O  O   . HOH D 3 .  ? -9.635  -6.171  7.328   1.00 35.01 ? 160 HOH A O   1 
HETATM 776 O  O   . HOH D 3 .  ? 10.671  0.743   -3.261  1.00 27.10 ? 161 HOH A O   1 
HETATM 777 O  O   . HOH D 3 .  ? -9.443  -4.723  -3.307  1.00 31.09 ? 162 HOH A O   1 
HETATM 778 O  O   . HOH D 3 .  ? 0.454   -3.038  18.829  1.00 39.02 ? 163 HOH A O   1 
HETATM 779 O  O   . HOH D 3 .  ? -9.619  -3.201  -5.038  1.00 73.48 ? 164 HOH A O   1 
HETATM 780 O  O   . HOH D 3 .  ? 4.802   -5.441  12.665  1.00 36.44 ? 165 HOH A O   1 
HETATM 781 O  O   . HOH D 3 .  ? -1.577  -10.457 12.147  1.00 32.48 ? 166 HOH A O   1 
HETATM 782 O  O   . HOH D 3 .  ? 1.487   -17.846 11.535  1.00 53.81 ? 167 HOH A O   1 
HETATM 783 O  O   . HOH D 3 .  ? 16.934  -1.446  -8.861  1.00 58.91 ? 168 HOH A O   1 
HETATM 784 O  O   . HOH D 3 .  ? -3.387  10.182  -2.414  1.00 52.33 ? 169 HOH A O   1 
HETATM 785 O  O   . HOH D 3 .  ? -4.681  -8.724  10.366  1.00 44.29 ? 170 HOH A O   1 
HETATM 786 O  O   . HOH D 3 .  ? 7.167   -11.921 5.372   1.00 40.70 ? 171 HOH A O   1 
HETATM 787 O  O   . HOH D 3 .  ? 12.004  6.781   -6.801  1.00 44.46 ? 172 HOH A O   1 
HETATM 788 O  O   . HOH D 3 .  ? -15.858 -6.285  1.909   1.00 50.71 ? 173 HOH A O   1 
HETATM 789 O  O   . HOH D 3 .  ? -9.562  3.276   -2.616  1.00 53.35 ? 174 HOH A O   1 
HETATM 790 O  O   . HOH D 3 .  ? -5.536  -6.026  16.060  1.00 49.66 ? 175 HOH A O   1 
HETATM 791 O  O   . HOH D 3 .  ? -15.116 -2.392  8.480   1.00 52.80 ? 176 HOH A O   1 
HETATM 792 O  O   . HOH D 3 .  ? 1.446   -17.891 8.314   1.00 42.93 ? 177 HOH A O   1 
HETATM 793 O  O   . HOH D 3 .  ? 14.596  -3.258  -9.994  1.00 39.46 ? 178 HOH A O   1 
HETATM 794 O  O   . HOH D 3 .  ? 4.104   -14.927 10.494  1.00 62.32 ? 179 HOH A O   1 
HETATM 795 O  O   . HOH D 3 .  ? -18.050 -3.885  2.338   1.00 53.43 ? 180 HOH A O   1 
HETATM 796 O  O   . HOH D 3 .  ? 7.590   2.723   -17.635 1.00 45.81 ? 181 HOH A O   1 
HETATM 797 O  O   . HOH D 3 .  ? -9.240  1.589   16.981  1.00 44.71 ? 182 HOH A O   1 
HETATM 798 O  O   . HOH D 3 .  ? 19.004  -3.085  -3.671  1.00 37.75 ? 183 HOH A O   1 
HETATM 799 O  O   . HOH D 3 .  ? 8.975   8.935   1.716   1.00 36.76 ? 184 HOH A O   1 
HETATM 800 O  O   . HOH D 3 .  ? -7.304  -11.089 10.094  1.00 39.57 ? 185 HOH A O   1 
HETATM 801 O  O   . HOH D 3 .  ? -0.455  -17.986 6.741   1.00 51.97 ? 186 HOH A O   1 
HETATM 802 O  O   . HOH D 3 .  ? -4.649  10.319  -19.362 1.00 67.93 ? 187 HOH A O   1 
HETATM 803 O  O   . HOH D 3 .  ? -4.306  12.408  -16.151 1.00 37.10 ? 188 HOH A O   1 
HETATM 804 O  O   . HOH D 3 .  ? -2.012  10.170  2.694   1.00 37.01 ? 189 HOH A O   1 
HETATM 805 O  O   . HOH D 3 .  ? 7.713   -5.082  10.083  1.00 46.48 ? 190 HOH A O   1 
HETATM 806 O  O   . HOH D 3 .  ? -6.145  -9.578  8.391   1.00 35.11 ? 191 HOH A O   1 
HETATM 807 O  O   . HOH D 3 .  ? 17.418  1.987   -3.877  1.00 67.93 ? 192 HOH A O   1 
HETATM 808 O  O   . HOH D 3 .  ? 5.699   -3.919  -11.473 1.00 38.96 ? 193 HOH A O   1 
HETATM 809 O  O   . HOH D 3 .  ? 12.201  -4.167  -9.330  1.00 61.11 ? 194 HOH A O   1 
HETATM 810 O  O   . HOH D 3 .  ? -1.239  11.169  -2.142  1.00 61.94 ? 195 HOH A O   1 
HETATM 811 O  O   . HOH D 3 .  ? -0.516  11.570  -14.805 1.00 48.57 ? 196 HOH A O   1 
HETATM 812 O  O   . HOH D 3 .  ? -7.790  3.232   -4.395  1.00 48.63 ? 197 HOH A O   1 
HETATM 813 O  O   . HOH D 3 .  ? 5.684   -6.896  1.555   1.00 61.29 ? 198 HOH A O   1 
HETATM 814 O  O   . HOH D 3 .  ? -8.569  -7.457  0.015   1.00 52.01 ? 199 HOH A O   1 
HETATM 815 O  O   . HOH D 3 .  ? -5.807  1.040   -19.659 1.00 48.48 ? 200 HOH A O   1 
HETATM 816 O  O   . HOH D 3 .  ? 13.180  6.478   -9.218  1.00 43.34 ? 201 HOH A O   1 
HETATM 817 O  O   . HOH D 3 .  ? 4.921   -16.747 6.651   1.00 44.40 ? 202 HOH A O   1 
HETATM 818 O  O   . HOH D 3 .  ? -16.467 -1.610  5.058   1.00 51.37 ? 203 HOH A O   1 
HETATM 819 O  O   . HOH D 3 .  ? -3.907  -10.388 11.897  1.00 62.71 ? 204 HOH A O   1 
HETATM 820 O  O   . HOH D 3 .  ? 8.166   0.130   9.305   1.00 67.13 ? 205 HOH A O   1 
HETATM 821 O  O   . HOH D 3 .  ? 6.005   -8.432  -3.762  1.00 60.50 ? 206 HOH A O   1 
HETATM 822 O  O   . HOH D 3 .  ? -5.519  -6.633  -10.046 1.00 56.16 ? 207 HOH A O   1 
HETATM 823 O  O   . HOH D 3 .  ? 4.916   10.322  -1.500  1.00 53.68 ? 208 HOH A O   1 
HETATM 824 O  O   . HOH D 3 .  ? -11.809 -4.041  -4.446  1.00 48.91 ? 209 HOH A O   1 
HETATM 825 O  O   . HOH D 3 .  ? -13.420 0.415   7.707   1.00 78.11 ? 210 HOH A O   1 
HETATM 826 O  O   . HOH D 3 .  ? -8.940  -7.188  -3.997  1.00 46.18 ? 211 HOH A O   1 
HETATM 827 O  O   . HOH D 3 .  ? 14.589  -1.759  1.276   1.00 48.10 ? 212 HOH A O   1 
HETATM 828 O  O   . HOH D 3 .  ? -3.840  11.650  -12.473 1.00 52.15 ? 213 HOH A O   1 
HETATM 829 O  O   . HOH D 3 .  ? 8.743   -7.579  6.323   1.00 49.57 ? 214 HOH A O   1 
HETATM 830 O  O   . HOH D 3 .  ? 10.722  7.054   -10.855 1.00 54.92 ? 215 HOH A O   1 
HETATM 831 O  O   . HOH D 3 .  ? 9.535   -3.523  -4.860  1.00 47.82 ? 216 HOH A O   1 
HETATM 832 O  O   . HOH D 3 .  ? 7.339   -2.414  13.130  1.00 52.39 ? 217 HOH A O   1 
HETATM 833 O  O   . HOH D 3 .  ? 4.272   1.178   21.279  1.00 53.47 ? 218 HOH A O   1 
HETATM 834 O  O   . HOH D 3 .  ? 11.333  1.664   -0.834  1.00 58.13 ? 219 HOH A O   1 
HETATM 835 O  O   . HOH D 3 .  ? 16.516  -3.117  -0.587  1.00 53.19 ? 220 HOH A O   1 
HETATM 836 O  O   . HOH D 3 .  ? -5.307  11.779  0.617   1.00 65.14 ? 221 HOH A O   1 
HETATM 837 O  O   . HOH D 3 .  ? -1.155  9.558   11.458  1.00 52.50 ? 222 HOH A O   1 
HETATM 838 O  O   . HOH D 3 .  ? 10.192  -4.559  2.919   1.00 53.68 ? 223 HOH A O   1 
HETATM 839 O  O   . HOH D 3 .  ? 2.544   12.483  -3.698  1.00 47.01 ? 224 HOH A O   1 
HETATM 840 O  O   . HOH D 3 .  ? -3.837  -13.594 14.743  1.00 49.83 ? 225 HOH A O   1 
HETATM 841 O  O   . HOH D 3 .  ? 8.664   -12.579 3.555   1.00 54.81 ? 226 HOH A O   1 
HETATM 842 O  O   . HOH D 3 .  ? 5.258   -11.946 2.295   1.00 62.86 ? 227 HOH A O   1 
HETATM 843 O  O   . HOH D 3 .  ? 8.641   13.987  -5.772  1.00 50.34 ? 228 HOH A O   1 
HETATM 844 O  O   . HOH D 3 .  ? 9.047   4.743   -18.047 1.00 58.89 ? 229 HOH A O   1 
HETATM 845 O  O   . HOH D 3 .  ? 3.024   3.532   23.183  1.00 57.59 ? 230 HOH A O   1 
HETATM 846 O  O   . HOH D 3 .  ? 4.165   12.366  16.933  1.00 54.99 ? 231 HOH A O   1 
HETATM 847 O  O   . HOH D 3 .  ? 0.681   -19.885 13.054  1.00 63.53 ? 232 HOH A O   1 
HETATM 848 O  O   . HOH D 3 .  ? 7.464   13.509  -7.972  1.00 52.19 ? 233 HOH A O   1 
HETATM 849 O  O   . HOH D 3 .  ? 7.365   -6.609  -5.484  1.00 53.30 ? 234 HOH A O   1 
HETATM 850 O  O   . HOH D 3 .  ? -7.807  6.194   13.165  1.00 46.25 ? 235 HOH A O   1 
HETATM 851 O  O   . HOH D 3 .  ? 2.829   -18.995 13.924  1.00 55.81 ? 236 HOH A O   1 
# 
